data_3J5Q
#
_entry.id   3J5Q
#
_cell.length_a   1.000
_cell.length_b   1.000
_cell.length_c   1.000
_cell.angle_alpha   90.00
_cell.angle_beta   90.00
_cell.angle_gamma   90.00
#
_symmetry.space_group_name_H-M   'P 1'
#
loop_
_entity.id
_entity.type
_entity.pdbx_description
1 polymer 'Transient receptor potential cation channel subfamily V member 1'
2 polymer 'Kappa-theraphotoxin-Cg1a 1'
#
loop_
_entity_poly.entity_id
_entity_poly.type
_entity_poly.pdbx_seq_one_letter_code
_entity_poly.pdbx_strand_id
1 'polypeptide(L)'
;LYDRRSIFDAVAQSNCQELESLLPFLQRSKKRLTDSEFKDPETGKTCLLKAMLNLHNGQNDTIALLLDVARKTDSLKQFV
NASYTDSYYKGQTALHIAIERRNMTLVTLLVENGADVQAAANGDFFKKTKGRPGFYFGELPLSLAACTNQLAIVKFLLQN
SWQPADISARDSVGNTVLHALVEVADNTVDNTKFVTSMYNEILILGAKLHPTLKLEEITNRKGLTPLALAASSGKIGVLA
YILQREIHEPECRHLSRKFTEWAYGPVHSSLYDLSCIDTCEKNSVLEVIAYSSSETPNRHDMLLVEPLNRLLQDKWDRFV
KRIFYFNFFVYCLYMIIFTAAAYYRPVEGLPPYKLKNTVGDYFRVTGEILSVSGGVYFFFRGIQYFLQRRPSLKSLFVDS
YSEILFFVQSLFMLVSVVLYFSQRKEYVASMVFSLAMGWTNMLYYTRGFQQMGIYAVMIEKMILRDLCRFMFVYLVFLFG
FSTAVVTLIEDGKYNSLYSTCLELFKFTIGMGDLEFTENYDFKAVFIILLLAYVILTYILLLNMLIALMGETVNKIAQES
KNIWKLQRAITILDTEKSFLKCMRKA(UNK)(UNK)(UNK)(UNK)(UNK)(UNK)(UNK)(UNK)(UNK)(UNK)
(UNK)(UNK)(UNK)(UNK)(UNK)(UNK)(UNK)(UNK)(UNK)(UNK)(UNK)(UNK)(UNK)(UNK)(UNK)(UNK)
(UNK)(UNK)(UNK)(UNK)(UNK)(UNK)(UNK)(UNK)(UNK)(UNK)(UNK)(UNK)(UNK)(UNK)(UNK)(UNK)
;
D,B,E,G
2 'polypeptide(L)' ECRKMFGGCSVDSDCCAHLGCKPTLKYCAWD A,C,F,H
#
# COMPACT_ATOMS: atom_id res chain seq x y z
N LEU A 1 -71.76 24.87 -10.06
CA LEU A 1 -70.99 24.07 -11.07
C LEU A 1 -69.52 23.80 -10.69
N TYR A 2 -68.97 22.70 -11.22
CA TYR A 2 -67.61 22.23 -10.93
C TYR A 2 -66.93 21.66 -12.18
N ASP A 3 -65.75 22.18 -12.53
CA ASP A 3 -64.88 21.50 -13.50
C ASP A 3 -63.75 20.77 -12.78
N ARG A 4 -62.93 20.02 -13.51
CA ARG A 4 -61.83 19.31 -12.89
C ARG A 4 -60.95 20.27 -12.06
N ARG A 5 -60.61 21.41 -12.66
CA ARG A 5 -59.72 22.42 -12.07
C ARG A 5 -60.22 22.94 -10.73
N SER A 6 -61.52 23.24 -10.66
CA SER A 6 -62.18 23.77 -9.48
C SER A 6 -61.95 22.91 -8.24
N ILE A 7 -62.17 21.60 -8.38
CA ILE A 7 -62.05 20.66 -7.27
C ILE A 7 -60.59 20.45 -6.87
N PHE A 8 -59.73 20.33 -7.88
CA PHE A 8 -58.33 20.04 -7.67
C PHE A 8 -57.66 21.14 -6.85
N ASP A 9 -58.10 22.37 -7.08
CA ASP A 9 -57.65 23.52 -6.29
C ASP A 9 -58.17 23.49 -4.87
N ALA A 10 -59.44 23.13 -4.72
CA ALA A 10 -60.08 23.00 -3.41
C ALA A 10 -59.31 22.00 -2.57
N VAL A 11 -59.02 20.86 -3.18
CA VAL A 11 -58.28 19.74 -2.55
C VAL A 11 -56.87 20.18 -2.11
N ALA A 12 -56.22 20.96 -2.96
CA ALA A 12 -54.86 21.43 -2.72
C ALA A 12 -54.71 22.13 -1.38
N GLN A 13 -55.76 22.82 -0.94
CA GLN A 13 -55.70 23.56 0.30
C GLN A 13 -56.57 23.02 1.44
N SER A 14 -57.00 21.76 1.28
CA SER A 14 -57.82 21.06 2.28
C SER A 14 -59.11 21.79 2.66
N ASN A 15 -59.79 22.30 1.64
CA ASN A 15 -61.00 23.09 1.79
C ASN A 15 -62.27 22.23 1.67
N CYS A 16 -62.94 21.98 2.80
CA CYS A 16 -64.16 21.19 2.80
C CYS A 16 -65.42 22.00 2.55
N GLN A 17 -65.26 23.31 2.42
CA GLN A 17 -66.37 24.18 2.13
C GLN A 17 -66.66 24.34 0.65
N GLU A 18 -65.65 24.66 -0.16
CA GLU A 18 -65.89 24.85 -1.60
C GLU A 18 -66.51 23.59 -2.22
N LEU A 19 -66.53 22.51 -1.43
CA LEU A 19 -67.12 21.24 -1.83
C LEU A 19 -68.45 20.98 -1.07
N GLU A 20 -68.99 22.03 -0.45
CA GLU A 20 -70.35 21.99 0.08
C GLU A 20 -71.37 21.71 -1.04
N SER A 21 -71.25 22.46 -2.12
CA SER A 21 -72.20 22.36 -3.23
C SER A 21 -71.82 21.24 -4.20
N LEU A 22 -70.90 20.36 -3.79
CA LEU A 22 -70.37 19.33 -4.69
C LEU A 22 -71.37 18.22 -4.97
N LEU A 23 -71.69 17.44 -3.94
CA LEU A 23 -72.65 16.36 -4.07
C LEU A 23 -73.89 16.76 -4.90
N PRO A 24 -74.58 17.85 -4.53
CA PRO A 24 -75.77 18.20 -5.29
C PRO A 24 -75.54 18.54 -6.76
N PHE A 25 -74.31 18.89 -7.14
CA PHE A 25 -74.01 19.23 -8.56
C PHE A 25 -74.12 18.03 -9.51
N LEU A 26 -73.43 16.94 -9.19
CA LEU A 26 -73.46 15.76 -10.06
C LEU A 26 -74.65 14.87 -9.72
N GLN A 27 -75.61 15.46 -9.01
CA GLN A 27 -76.90 14.85 -8.79
C GLN A 27 -77.80 15.39 -9.89
N ARG A 28 -77.64 16.67 -10.19
CA ARG A 28 -78.41 17.35 -11.24
C ARG A 28 -77.94 16.87 -12.60
N SER A 29 -76.65 17.04 -12.85
CA SER A 29 -76.02 16.66 -14.10
C SER A 29 -75.78 15.15 -14.17
N LYS A 30 -76.03 14.48 -13.04
CA LYS A 30 -75.79 13.04 -12.89
C LYS A 30 -74.38 12.67 -13.34
N LYS A 31 -73.46 13.64 -13.27
CA LYS A 31 -72.05 13.40 -13.58
C LYS A 31 -71.43 12.55 -12.47
N ARG A 32 -70.36 11.83 -12.77
CA ARG A 32 -69.72 10.99 -11.76
C ARG A 32 -68.32 11.45 -11.46
N LEU A 33 -67.95 11.38 -10.18
CA LEU A 33 -66.64 11.80 -9.73
C LEU A 33 -65.55 11.05 -10.48
N THR A 34 -65.97 10.01 -11.20
CA THR A 34 -65.10 9.08 -11.90
C THR A 34 -65.10 9.27 -13.42
N ASP A 35 -65.92 10.21 -13.90
CA ASP A 35 -66.00 10.49 -15.33
C ASP A 35 -64.64 10.80 -15.92
N SER A 36 -64.47 10.44 -17.19
CA SER A 36 -63.30 10.80 -17.98
C SER A 36 -62.81 12.23 -17.67
N GLU A 37 -63.77 13.16 -17.59
CA GLU A 37 -63.53 14.59 -17.46
C GLU A 37 -62.98 15.01 -16.09
N PHE A 38 -63.09 14.12 -15.11
CA PHE A 38 -62.66 14.44 -13.75
C PHE A 38 -61.32 13.81 -13.39
N LYS A 39 -60.62 13.36 -14.44
CA LYS A 39 -59.28 12.79 -14.30
C LYS A 39 -58.33 13.55 -15.24
N ASP A 40 -57.05 13.65 -14.85
CA ASP A 40 -56.05 14.17 -15.77
C ASP A 40 -55.91 13.21 -16.95
N PRO A 41 -56.19 13.71 -18.17
CA PRO A 41 -56.23 12.90 -19.40
C PRO A 41 -54.95 12.16 -19.79
N GLU A 42 -53.87 12.28 -19.03
CA GLU A 42 -52.61 11.63 -19.43
C GLU A 42 -52.00 10.80 -18.33
N THR A 43 -52.50 11.00 -17.11
CA THR A 43 -52.02 10.25 -15.95
C THR A 43 -53.14 9.43 -15.33
N GLY A 44 -54.36 9.94 -15.41
CA GLY A 44 -55.51 9.25 -14.82
C GLY A 44 -55.71 9.59 -13.36
N LYS A 45 -55.07 10.67 -12.91
CA LYS A 45 -55.19 11.14 -11.54
C LYS A 45 -56.60 11.65 -11.28
N THR A 46 -57.12 11.35 -10.09
CA THR A 46 -58.43 11.78 -9.64
C THR A 46 -58.25 12.74 -8.50
N CYS A 47 -59.34 13.37 -8.06
CA CYS A 47 -59.26 14.31 -6.95
C CYS A 47 -58.74 13.64 -5.67
N LEU A 48 -59.24 12.44 -5.40
CA LEU A 48 -58.75 11.65 -4.27
C LEU A 48 -57.24 11.48 -4.33
N LEU A 49 -56.72 11.21 -5.53
CA LEU A 49 -55.29 11.07 -5.74
C LEU A 49 -54.55 12.39 -5.59
N LYS A 50 -55.09 13.49 -6.15
CA LYS A 50 -54.55 14.84 -5.88
C LYS A 50 -54.48 15.09 -4.36
N ALA A 51 -55.56 14.71 -3.66
CA ALA A 51 -55.64 14.81 -2.21
C ALA A 51 -54.55 13.99 -1.59
N MET A 52 -54.23 12.85 -2.19
CA MET A 52 -53.21 11.96 -1.63
C MET A 52 -51.80 12.58 -1.74
N LEU A 53 -51.61 13.41 -2.75
CA LEU A 53 -50.35 14.12 -2.96
C LEU A 53 -50.30 15.41 -2.12
N ASN A 54 -51.45 16.04 -1.99
CA ASN A 54 -51.57 17.25 -1.22
C ASN A 54 -51.92 16.97 0.23
N LEU A 55 -51.03 16.26 0.90
CA LEU A 55 -51.12 16.05 2.32
C LEU A 55 -50.50 17.21 3.09
N HIS A 56 -51.14 17.57 4.19
CA HIS A 56 -50.54 18.47 5.18
C HIS A 56 -50.63 17.73 6.52
N ASN A 57 -49.47 17.51 7.16
CA ASN A 57 -49.38 16.68 8.37
C ASN A 57 -50.02 15.27 8.26
N GLY A 58 -49.77 14.59 7.14
CA GLY A 58 -50.38 13.31 6.84
C GLY A 58 -51.89 13.29 6.93
N GLN A 59 -52.52 14.44 6.64
CA GLN A 59 -53.96 14.66 6.81
C GLN A 59 -54.61 15.44 5.67
N ASN A 60 -55.86 15.06 5.41
CA ASN A 60 -56.72 15.71 4.44
C ASN A 60 -58.11 15.11 4.59
N ASP A 61 -59.09 15.96 4.84
CA ASP A 61 -60.46 15.50 5.06
C ASP A 61 -61.31 15.80 3.83
N THR A 62 -60.66 16.40 2.83
CA THR A 62 -61.22 16.42 1.49
C THR A 62 -61.38 14.97 1.04
N ILE A 63 -60.46 14.12 1.51
CA ILE A 63 -60.54 12.67 1.28
C ILE A 63 -61.84 12.11 1.82
N ALA A 64 -62.02 12.23 3.15
CA ALA A 64 -63.24 11.78 3.83
C ALA A 64 -64.52 12.28 3.16
N LEU A 65 -64.55 13.55 2.77
CA LEU A 65 -65.68 14.10 2.04
C LEU A 65 -65.74 13.52 0.63
N LEU A 66 -64.60 13.42 -0.03
CA LEU A 66 -64.58 12.95 -1.40
C LEU A 66 -65.12 11.54 -1.52
N LEU A 67 -64.65 10.66 -0.64
CA LEU A 67 -65.16 9.29 -0.55
C LEU A 67 -66.66 9.29 -0.30
N ASP A 68 -67.07 10.00 0.75
CA ASP A 68 -68.47 10.12 1.13
C ASP A 68 -69.37 10.42 -0.09
N VAL A 69 -68.94 11.38 -0.90
CA VAL A 69 -69.64 11.76 -2.12
C VAL A 69 -69.72 10.59 -3.12
N ALA A 70 -68.68 9.77 -3.15
CA ALA A 70 -68.59 8.71 -4.15
C ALA A 70 -69.53 7.54 -3.86
N ARG A 71 -69.86 7.35 -2.57
CA ARG A 71 -70.80 6.30 -2.14
C ARG A 71 -72.24 6.73 -2.38
N LYS A 72 -72.51 8.00 -2.09
CA LYS A 72 -73.81 8.61 -2.35
C LYS A 72 -74.22 8.48 -3.82
N THR A 73 -73.21 8.42 -4.69
CA THR A 73 -73.42 8.00 -6.07
C THR A 73 -72.87 6.59 -6.30
N ASP A 74 -72.28 6.01 -5.26
CA ASP A 74 -71.75 4.66 -5.34
C ASP A 74 -70.73 4.53 -6.47
N SER A 75 -70.11 5.65 -6.83
CA SER A 75 -68.90 5.63 -7.61
C SER A 75 -67.90 4.90 -6.74
N LEU A 76 -68.33 4.57 -5.52
CA LEU A 76 -67.41 4.26 -4.42
C LEU A 76 -66.25 3.34 -4.77
N LYS A 77 -66.53 2.13 -5.24
CA LYS A 77 -65.43 1.17 -5.44
C LYS A 77 -64.41 1.58 -6.50
N GLN A 78 -64.90 1.96 -7.69
CA GLN A 78 -64.01 2.30 -8.81
C GLN A 78 -63.33 3.63 -8.58
N PHE A 79 -63.87 4.42 -7.65
CA PHE A 79 -63.28 5.69 -7.29
C PHE A 79 -62.02 5.49 -6.45
N VAL A 80 -62.19 4.77 -5.35
CA VAL A 80 -61.09 4.43 -4.44
C VAL A 80 -60.03 3.53 -5.12
N ASN A 81 -60.41 2.90 -6.24
CA ASN A 81 -59.51 1.98 -6.94
C ASN A 81 -58.98 2.42 -8.28
N ALA A 82 -59.16 3.69 -8.64
CA ALA A 82 -58.66 4.19 -9.90
C ALA A 82 -57.12 4.27 -9.90
N SER A 83 -56.50 3.92 -11.02
CA SER A 83 -55.04 3.85 -11.08
C SER A 83 -54.43 4.78 -12.11
N TYR A 84 -53.16 5.14 -11.91
CA TYR A 84 -52.38 5.92 -12.87
C TYR A 84 -52.22 5.15 -14.18
N THR A 85 -52.14 5.87 -15.30
CA THR A 85 -52.02 5.19 -16.59
C THR A 85 -50.78 5.61 -17.42
N ASP A 86 -50.09 6.66 -16.98
CA ASP A 86 -48.85 7.08 -17.61
C ASP A 86 -47.78 6.01 -17.34
N SER A 87 -46.82 5.85 -18.25
CA SER A 87 -45.76 4.85 -18.10
C SER A 87 -45.02 4.94 -16.75
N TYR A 88 -45.00 6.14 -16.17
CA TYR A 88 -44.26 6.31 -14.93
C TYR A 88 -44.92 5.65 -13.70
N TYR A 89 -46.10 6.14 -13.31
CA TYR A 89 -46.73 5.71 -12.07
C TYR A 89 -47.79 4.60 -12.29
N LYS A 90 -47.81 4.06 -13.52
CA LYS A 90 -48.85 3.13 -13.98
C LYS A 90 -49.30 2.20 -12.89
N GLY A 91 -50.62 2.12 -12.72
CA GLY A 91 -51.21 1.14 -11.79
C GLY A 91 -51.18 1.54 -10.32
N GLN A 92 -50.60 2.70 -10.03
CA GLN A 92 -50.65 3.23 -8.68
C GLN A 92 -52.05 3.72 -8.31
N THR A 93 -52.47 3.28 -7.12
CA THR A 93 -53.77 3.60 -6.51
C THR A 93 -53.53 4.47 -5.28
N ALA A 94 -54.58 5.05 -4.73
CA ALA A 94 -54.48 5.79 -3.48
C ALA A 94 -53.87 4.93 -2.36
N LEU A 95 -54.26 3.67 -2.25
CA LEU A 95 -53.69 2.81 -1.20
C LEU A 95 -52.16 2.69 -1.28
N HIS A 96 -51.62 2.66 -2.51
CA HIS A 96 -50.19 2.61 -2.67
C HIS A 96 -49.61 3.82 -1.97
N ILE A 97 -50.15 4.99 -2.28
CA ILE A 97 -49.62 6.25 -1.75
C ILE A 97 -49.65 6.30 -0.21
N ALA A 98 -50.74 5.80 0.38
CA ALA A 98 -50.94 5.87 1.85
C ALA A 98 -49.85 5.12 2.53
N ILE A 99 -49.45 4.01 1.89
CA ILE A 99 -48.40 3.16 2.41
C ILE A 99 -47.05 3.84 2.17
N GLU A 100 -46.83 4.27 0.94
CA GLU A 100 -45.63 5.00 0.64
C GLU A 100 -45.40 6.09 1.67
N ARG A 101 -46.47 6.67 2.17
CA ARG A 101 -46.36 7.75 3.13
C ARG A 101 -46.37 7.26 4.58
N ARG A 102 -46.43 5.94 4.78
CA ARG A 102 -46.37 5.35 6.13
C ARG A 102 -47.52 5.85 7.03
N ASN A 103 -48.73 5.84 6.48
CA ASN A 103 -49.87 6.49 7.09
C ASN A 103 -50.92 5.44 7.41
N MET A 104 -50.85 4.86 8.61
CA MET A 104 -51.82 3.85 9.04
C MET A 104 -53.25 4.33 8.83
N THR A 105 -53.54 5.46 9.43
CA THR A 105 -54.85 6.07 9.37
C THR A 105 -55.44 6.08 7.97
N LEU A 106 -54.63 6.46 6.98
CA LEU A 106 -55.14 6.49 5.61
C LEU A 106 -55.17 5.12 4.93
N VAL A 107 -54.26 4.22 5.31
CA VAL A 107 -54.35 2.84 4.89
C VAL A 107 -55.69 2.34 5.42
N THR A 108 -55.85 2.38 6.75
CA THR A 108 -57.08 1.96 7.41
C THR A 108 -58.29 2.52 6.64
N LEU A 109 -58.33 3.83 6.43
CA LEU A 109 -59.52 4.42 5.83
C LEU A 109 -59.80 3.84 4.45
N LEU A 110 -58.77 3.75 3.62
CA LEU A 110 -58.92 3.28 2.25
C LEU A 110 -59.40 1.85 2.17
N VAL A 111 -58.80 0.95 2.95
CA VAL A 111 -59.23 -0.44 3.08
C VAL A 111 -60.72 -0.59 3.52
N GLU A 112 -61.18 0.31 4.38
CA GLU A 112 -62.55 0.28 4.89
C GLU A 112 -63.57 0.77 3.87
N ASN A 113 -63.15 1.68 3.02
CA ASN A 113 -63.99 2.12 1.92
C ASN A 113 -63.62 1.32 0.66
N GLY A 114 -62.97 0.18 0.88
CA GLY A 114 -62.88 -0.85 -0.14
C GLY A 114 -61.76 -0.78 -1.15
N ALA A 115 -60.63 -0.17 -0.78
CA ALA A 115 -59.42 -0.21 -1.60
C ALA A 115 -59.01 -1.66 -1.90
N ASP A 116 -58.68 -1.93 -3.18
CA ASP A 116 -58.23 -3.24 -3.61
C ASP A 116 -56.83 -3.43 -3.10
N VAL A 117 -56.68 -4.48 -2.30
CA VAL A 117 -55.46 -4.70 -1.57
C VAL A 117 -54.43 -5.43 -2.46
N GLN A 118 -54.90 -5.97 -3.58
CA GLN A 118 -54.04 -6.70 -4.52
C GLN A 118 -53.64 -5.88 -5.77
N ALA A 119 -53.91 -4.58 -5.77
CA ALA A 119 -53.65 -3.71 -6.91
C ALA A 119 -52.16 -3.56 -7.13
N ALA A 120 -51.69 -3.86 -8.34
CA ALA A 120 -50.26 -3.82 -8.66
C ALA A 120 -49.82 -2.48 -9.27
N ALA A 121 -48.97 -1.77 -8.54
CA ALA A 121 -48.37 -0.55 -9.04
C ALA A 121 -47.16 -0.99 -9.84
N ASN A 122 -47.25 -0.93 -11.18
CA ASN A 122 -46.25 -1.58 -12.05
C ASN A 122 -45.51 -0.68 -13.04
N GLY A 123 -45.73 0.64 -12.93
CA GLY A 123 -45.09 1.58 -13.83
C GLY A 123 -43.61 1.68 -13.57
N ASP A 124 -42.88 2.37 -14.45
CA ASP A 124 -41.42 2.50 -14.32
C ASP A 124 -40.95 3.10 -12.98
N PHE A 125 -41.85 3.79 -12.29
CA PHE A 125 -41.52 4.37 -11.00
C PHE A 125 -41.38 3.28 -9.93
N PHE A 126 -41.89 2.09 -10.23
CA PHE A 126 -41.94 0.95 -9.30
C PHE A 126 -41.05 -0.22 -9.71
N LYS A 127 -40.15 0.03 -10.66
CA LYS A 127 -39.11 -0.91 -11.08
C LYS A 127 -37.75 -0.24 -10.96
N LYS A 128 -36.67 -1.01 -11.20
CA LYS A 128 -35.29 -0.52 -11.16
C LYS A 128 -34.97 0.66 -12.08
N THR A 129 -34.35 1.66 -11.45
CA THR A 129 -33.91 2.93 -12.04
C THR A 129 -33.33 2.81 -13.46
N LYS A 130 -33.73 3.73 -14.32
CA LYS A 130 -33.17 3.87 -15.65
C LYS A 130 -31.66 4.20 -15.70
N GLY A 131 -31.15 5.08 -14.81
CA GLY A 131 -31.87 5.61 -13.68
C GLY A 131 -33.07 6.47 -14.05
N ARG A 132 -34.20 6.20 -13.41
CA ARG A 132 -35.38 7.06 -13.52
C ARG A 132 -35.46 7.91 -12.27
N PRO A 133 -35.36 7.26 -11.11
CA PRO A 133 -35.41 5.80 -11.04
C PRO A 133 -36.83 5.31 -10.76
N GLY A 134 -36.94 4.07 -10.27
CA GLY A 134 -36.58 3.75 -8.90
C GLY A 134 -37.67 4.14 -7.92
N PHE A 135 -38.36 3.13 -7.39
CA PHE A 135 -37.71 2.03 -6.69
C PHE A 135 -38.66 0.85 -6.51
N TYR A 136 -38.11 -0.36 -6.62
CA TYR A 136 -38.93 -1.56 -6.78
C TYR A 136 -39.15 -2.36 -5.49
N PHE A 137 -40.39 -2.78 -5.26
CA PHE A 137 -40.75 -3.42 -4.01
C PHE A 137 -41.85 -4.46 -4.19
N GLY A 138 -41.77 -5.21 -5.29
CA GLY A 138 -42.57 -4.93 -6.47
C GLY A 138 -43.98 -4.67 -5.98
N GLU A 139 -44.62 -3.65 -6.55
CA GLU A 139 -45.97 -3.80 -7.09
C GLU A 139 -47.20 -3.86 -6.19
N LEU A 140 -47.21 -4.80 -5.26
CA LEU A 140 -48.39 -5.07 -4.45
C LEU A 140 -48.25 -4.54 -3.03
N PRO A 141 -49.34 -3.96 -2.48
CA PRO A 141 -49.36 -3.28 -1.16
C PRO A 141 -48.60 -4.01 -0.07
N LEU A 142 -48.91 -5.29 0.14
CA LEU A 142 -48.17 -6.10 1.10
C LEU A 142 -46.66 -6.03 0.85
N SER A 143 -46.27 -6.22 -0.40
CA SER A 143 -44.85 -6.25 -0.80
C SER A 143 -44.19 -4.92 -0.45
N LEU A 144 -44.88 -3.84 -0.83
CA LEU A 144 -44.50 -2.50 -0.45
C LEU A 144 -44.32 -2.40 1.06
N ALA A 145 -45.37 -2.77 1.79
CA ALA A 145 -45.41 -2.54 3.23
C ALA A 145 -44.27 -3.30 3.90
N ALA A 146 -43.87 -4.43 3.34
CA ALA A 146 -42.74 -5.16 3.90
C ALA A 146 -41.40 -4.53 3.52
N CYS A 147 -41.22 -4.31 2.21
CA CYS A 147 -39.96 -3.79 1.69
C CYS A 147 -39.58 -2.44 2.28
N THR A 148 -40.56 -1.75 2.86
CA THR A 148 -40.30 -0.47 3.46
C THR A 148 -40.27 -0.64 4.97
N ASN A 149 -40.21 -1.89 5.41
CA ASN A 149 -40.11 -2.19 6.83
C ASN A 149 -41.25 -1.57 7.59
N GLN A 150 -42.46 -1.98 7.27
CA GLN A 150 -43.60 -1.43 7.97
C GLN A 150 -44.50 -2.54 8.48
N LEU A 151 -44.07 -3.14 9.58
CA LEU A 151 -44.69 -4.36 10.08
C LEU A 151 -46.17 -4.22 10.35
N ALA A 152 -46.57 -3.18 11.10
CA ALA A 152 -47.97 -3.03 11.53
C ALA A 152 -48.94 -3.06 10.37
N ILE A 153 -48.53 -2.45 9.27
CA ILE A 153 -49.34 -2.37 8.06
C ILE A 153 -49.30 -3.72 7.31
N VAL A 154 -48.17 -4.38 7.35
CA VAL A 154 -48.12 -5.75 6.86
C VAL A 154 -49.20 -6.56 7.59
N LYS A 155 -49.20 -6.45 8.92
CA LYS A 155 -50.21 -7.15 9.70
C LYS A 155 -51.63 -6.72 9.30
N PHE A 156 -51.92 -5.43 9.37
CA PHE A 156 -53.25 -4.95 9.00
C PHE A 156 -53.65 -5.38 7.61
N LEU A 157 -52.71 -5.53 6.69
CA LEU A 157 -53.10 -5.92 5.34
C LEU A 157 -53.64 -7.36 5.36
N LEU A 158 -52.86 -8.23 5.99
CA LEU A 158 -53.16 -9.66 6.08
C LEU A 158 -54.29 -10.02 7.05
N GLN A 159 -54.46 -9.20 8.08
CA GLN A 159 -55.42 -9.52 9.14
C GLN A 159 -56.80 -8.80 9.09
N ASN A 160 -56.89 -7.64 8.44
CA ASN A 160 -58.13 -6.85 8.39
C ASN A 160 -59.43 -7.58 7.98
N SER A 161 -60.55 -7.01 8.43
CA SER A 161 -61.89 -7.55 8.19
C SER A 161 -62.34 -7.34 6.76
N TRP A 162 -61.79 -6.34 6.09
CA TRP A 162 -62.39 -5.85 4.85
C TRP A 162 -61.87 -6.57 3.63
N GLN A 163 -60.56 -6.67 3.49
CA GLN A 163 -59.98 -7.56 2.50
C GLN A 163 -58.61 -7.97 2.96
N PRO A 164 -58.47 -9.25 3.36
CA PRO A 164 -57.15 -9.73 3.77
C PRO A 164 -56.29 -9.86 2.54
N ALA A 165 -55.01 -9.50 2.65
CA ALA A 165 -54.09 -9.62 1.54
C ALA A 165 -53.85 -11.09 1.21
N ASP A 166 -53.72 -11.41 -0.08
CA ASP A 166 -53.28 -12.75 -0.51
C ASP A 166 -51.78 -12.81 -0.26
N ILE A 167 -51.38 -13.54 0.78
CA ILE A 167 -49.96 -13.58 1.16
C ILE A 167 -49.04 -14.24 0.13
N SER A 168 -49.61 -14.94 -0.84
CA SER A 168 -48.77 -15.63 -1.81
C SER A 168 -48.82 -15.03 -3.22
N ALA A 169 -49.41 -13.85 -3.37
CA ALA A 169 -49.57 -13.31 -4.71
C ALA A 169 -48.18 -13.03 -5.28
N ARG A 170 -48.10 -13.08 -6.63
CA ARG A 170 -46.87 -12.85 -7.36
C ARG A 170 -46.98 -11.56 -8.16
N ASP A 171 -45.95 -10.71 -8.14
CA ASP A 171 -45.88 -9.51 -9.01
C ASP A 171 -45.55 -9.84 -10.47
N SER A 172 -45.44 -8.82 -11.30
CA SER A 172 -45.30 -9.05 -12.76
C SER A 172 -44.12 -9.97 -13.08
N VAL A 173 -43.11 -9.96 -12.22
CA VAL A 173 -41.88 -10.73 -12.39
C VAL A 173 -41.95 -12.13 -11.75
N GLY A 174 -43.03 -12.40 -11.03
CA GLY A 174 -43.23 -13.70 -10.40
C GLY A 174 -42.88 -13.65 -8.93
N ASN A 175 -42.45 -12.49 -8.48
CA ASN A 175 -41.97 -12.35 -7.13
C ASN A 175 -43.07 -12.23 -6.11
N THR A 176 -42.91 -12.94 -5.00
CA THR A 176 -43.78 -12.77 -3.88
C THR A 176 -43.08 -11.81 -2.94
N VAL A 177 -43.73 -11.54 -1.80
CA VAL A 177 -43.15 -10.67 -0.79
C VAL A 177 -41.81 -11.19 -0.32
N LEU A 178 -41.66 -12.51 -0.25
CA LEU A 178 -40.38 -13.07 0.11
C LEU A 178 -39.38 -12.81 -1.03
N HIS A 179 -39.77 -13.01 -2.28
CA HIS A 179 -38.88 -12.63 -3.37
C HIS A 179 -38.49 -11.15 -3.30
N ALA A 180 -39.48 -10.25 -3.18
CA ALA A 180 -39.21 -8.82 -3.16
C ALA A 180 -38.23 -8.41 -2.04
N LEU A 181 -38.38 -9.04 -0.87
CA LEU A 181 -37.51 -8.76 0.28
C LEU A 181 -36.05 -9.08 -0.05
N VAL A 182 -35.85 -10.25 -0.69
CA VAL A 182 -34.53 -10.68 -1.19
C VAL A 182 -34.02 -9.63 -2.17
N GLU A 183 -34.91 -9.06 -2.97
CA GLU A 183 -34.47 -8.10 -3.99
C GLU A 183 -34.08 -6.78 -3.34
N VAL A 184 -34.68 -6.52 -2.19
CA VAL A 184 -34.50 -5.24 -1.53
C VAL A 184 -33.27 -5.21 -0.60
N ALA A 185 -32.68 -6.38 -0.35
CA ALA A 185 -31.43 -6.52 0.40
C ALA A 185 -30.27 -5.92 -0.35
N ASP A 186 -29.36 -5.28 0.39
CA ASP A 186 -28.18 -4.64 -0.18
C ASP A 186 -26.88 -4.94 0.59
N ASN A 187 -26.91 -6.02 1.38
CA ASN A 187 -25.74 -6.55 2.11
C ASN A 187 -25.11 -5.64 3.16
N THR A 188 -25.85 -4.63 3.60
CA THR A 188 -25.38 -3.81 4.72
C THR A 188 -25.97 -4.43 5.98
N VAL A 189 -25.29 -4.23 7.10
CA VAL A 189 -25.67 -4.93 8.34
C VAL A 189 -27.09 -4.61 8.80
N ASP A 190 -27.46 -3.33 8.81
CA ASP A 190 -28.83 -2.93 9.18
C ASP A 190 -29.87 -3.36 8.16
N ASN A 191 -29.43 -3.58 6.90
CA ASN A 191 -30.32 -4.03 5.82
C ASN A 191 -30.73 -5.45 6.00
N THR A 192 -29.73 -6.33 6.12
CA THR A 192 -29.90 -7.73 6.48
C THR A 192 -30.85 -7.81 7.66
N LYS A 193 -30.47 -7.15 8.76
CA LYS A 193 -31.24 -7.19 9.99
C LYS A 193 -32.71 -6.96 9.76
N PHE A 194 -33.10 -5.86 9.10
CA PHE A 194 -34.54 -5.59 8.87
C PHE A 194 -35.22 -6.57 7.90
N VAL A 195 -34.54 -6.93 6.81
CA VAL A 195 -35.13 -7.84 5.83
C VAL A 195 -35.32 -9.19 6.49
N THR A 196 -34.29 -9.60 7.19
CA THR A 196 -34.21 -10.90 7.81
C THR A 196 -35.43 -11.20 8.72
N SER A 197 -35.86 -10.21 9.49
CA SER A 197 -36.88 -10.44 10.49
C SER A 197 -38.25 -10.11 9.96
N MET A 198 -38.30 -9.20 9.00
CA MET A 198 -39.54 -9.00 8.28
C MET A 198 -39.87 -10.28 7.53
N TYR A 199 -38.86 -10.93 7.00
CA TYR A 199 -39.00 -12.24 6.37
C TYR A 199 -39.61 -13.22 7.38
N ASN A 200 -38.91 -13.39 8.50
CA ASN A 200 -39.37 -14.13 9.67
C ASN A 200 -40.82 -13.85 9.98
N GLU A 201 -41.14 -12.58 10.10
CA GLU A 201 -42.50 -12.15 10.39
C GLU A 201 -43.54 -12.63 9.40
N ILE A 202 -43.18 -12.60 8.13
CA ILE A 202 -44.09 -13.04 7.07
C ILE A 202 -44.38 -14.51 7.21
N LEU A 203 -43.34 -15.28 7.49
CA LEU A 203 -43.48 -16.71 7.63
C LEU A 203 -44.36 -17.03 8.84
N ILE A 204 -44.08 -16.39 9.98
CA ILE A 204 -44.88 -16.58 11.19
C ILE A 204 -46.36 -16.30 10.91
N LEU A 205 -46.63 -15.34 10.04
CA LEU A 205 -47.98 -14.94 9.70
C LEU A 205 -48.59 -15.92 8.71
N GLY A 206 -47.75 -16.45 7.83
CA GLY A 206 -48.20 -17.45 6.88
C GLY A 206 -48.69 -18.65 7.63
N ALA A 207 -47.84 -19.19 8.50
CA ALA A 207 -48.13 -20.35 9.34
C ALA A 207 -49.28 -20.17 10.33
N LYS A 208 -49.45 -18.94 10.84
CA LYS A 208 -50.56 -18.66 11.74
C LYS A 208 -51.85 -18.66 10.93
N LEU A 209 -51.91 -17.80 9.92
CA LEU A 209 -53.12 -17.58 9.13
C LEU A 209 -53.46 -18.68 8.11
N HIS A 210 -52.46 -19.18 7.39
CA HIS A 210 -52.72 -20.13 6.30
C HIS A 210 -51.67 -21.20 6.27
N PRO A 211 -51.81 -22.23 7.12
CA PRO A 211 -50.76 -23.20 7.48
C PRO A 211 -50.34 -24.14 6.35
N THR A 212 -51.26 -24.37 5.42
CA THR A 212 -51.09 -25.30 4.32
C THR A 212 -50.07 -24.81 3.29
N LEU A 213 -49.83 -23.49 3.27
CA LEU A 213 -49.05 -22.84 2.22
C LEU A 213 -47.56 -22.99 2.45
N LYS A 214 -46.90 -23.66 1.51
CA LYS A 214 -45.45 -23.78 1.56
C LYS A 214 -44.82 -22.59 0.82
N LEU A 215 -44.70 -21.49 1.56
CA LEU A 215 -44.30 -20.20 1.01
C LEU A 215 -42.93 -20.18 0.38
N GLU A 216 -41.97 -20.86 0.98
CA GLU A 216 -40.60 -20.69 0.54
C GLU A 216 -40.30 -21.51 -0.70
N GLU A 217 -41.26 -22.31 -1.12
CA GLU A 217 -41.12 -23.12 -2.31
C GLU A 217 -41.61 -22.43 -3.62
N ILE A 218 -42.31 -21.31 -3.48
CA ILE A 218 -42.91 -20.59 -4.61
C ILE A 218 -41.87 -19.88 -5.50
N THR A 219 -41.86 -20.27 -6.78
CA THR A 219 -40.89 -19.82 -7.79
C THR A 219 -41.31 -18.53 -8.52
N ASN A 220 -40.38 -17.58 -8.65
CA ASN A 220 -40.61 -16.37 -9.46
C ASN A 220 -40.58 -16.70 -10.95
N ARG A 221 -40.91 -15.78 -11.83
CA ARG A 221 -40.96 -16.13 -13.25
C ARG A 221 -39.77 -16.99 -13.67
N LYS A 222 -38.57 -16.61 -13.27
CA LYS A 222 -37.37 -17.28 -13.77
C LYS A 222 -37.11 -18.67 -13.18
N GLY A 223 -38.06 -19.17 -12.40
CA GLY A 223 -37.94 -20.48 -11.76
C GLY A 223 -37.26 -20.49 -10.41
N LEU A 224 -37.11 -19.33 -9.79
CA LEU A 224 -36.34 -19.20 -8.56
C LEU A 224 -37.20 -19.12 -7.31
N THR A 225 -36.94 -20.00 -6.36
CA THR A 225 -37.41 -19.83 -5.00
C THR A 225 -36.71 -18.59 -4.43
N PRO A 226 -37.26 -18.00 -3.34
CA PRO A 226 -36.61 -16.84 -2.69
C PRO A 226 -35.16 -17.12 -2.41
N LEU A 227 -34.88 -18.24 -1.74
CA LEU A 227 -33.50 -18.67 -1.50
C LEU A 227 -32.67 -18.61 -2.78
N ALA A 228 -33.15 -19.25 -3.84
CA ALA A 228 -32.34 -19.37 -5.03
C ALA A 228 -32.08 -18.03 -5.70
N LEU A 229 -33.04 -17.11 -5.60
CA LEU A 229 -32.84 -15.73 -6.01
C LEU A 229 -31.75 -15.10 -5.16
N ALA A 230 -31.90 -15.15 -3.84
CA ALA A 230 -30.89 -14.62 -2.94
C ALA A 230 -29.48 -14.95 -3.42
N ALA A 231 -29.29 -16.22 -3.77
CA ALA A 231 -28.00 -16.78 -4.14
C ALA A 231 -27.59 -16.41 -5.55
N SER A 232 -28.59 -16.30 -6.44
CA SER A 232 -28.33 -15.80 -7.79
C SER A 232 -27.86 -14.34 -7.76
N SER A 233 -28.33 -13.55 -6.79
CA SER A 233 -27.97 -12.12 -6.76
C SER A 233 -26.99 -11.70 -5.63
N GLY A 234 -26.24 -12.66 -5.08
CA GLY A 234 -25.23 -12.38 -4.05
C GLY A 234 -25.73 -11.61 -2.83
N LYS A 235 -26.94 -11.96 -2.39
CA LYS A 235 -27.54 -11.40 -1.19
C LYS A 235 -27.27 -12.33 -0.01
N ILE A 236 -26.03 -12.28 0.46
CA ILE A 236 -25.42 -13.36 1.21
C ILE A 236 -25.96 -13.45 2.64
N GLY A 237 -26.08 -12.30 3.30
CA GLY A 237 -26.54 -12.27 4.69
C GLY A 237 -27.88 -12.97 4.82
N VAL A 238 -28.71 -12.74 3.80
CA VAL A 238 -30.08 -13.24 3.78
C VAL A 238 -30.09 -14.71 3.42
N LEU A 239 -29.33 -15.05 2.38
CA LEU A 239 -29.06 -16.45 2.07
C LEU A 239 -28.71 -17.23 3.33
N ALA A 240 -27.68 -16.77 4.03
CA ALA A 240 -27.30 -17.38 5.33
C ALA A 240 -28.45 -17.42 6.35
N TYR A 241 -29.25 -16.36 6.37
CA TYR A 241 -30.41 -16.29 7.26
C TYR A 241 -31.50 -17.33 6.93
N ILE A 242 -31.78 -17.51 5.65
CA ILE A 242 -32.83 -18.41 5.19
C ILE A 242 -32.45 -19.84 5.42
N LEU A 243 -31.17 -20.16 5.29
CA LEU A 243 -30.77 -21.54 5.42
C LEU A 243 -30.65 -21.91 6.88
N GLN A 244 -30.12 -20.95 7.64
CA GLN A 244 -29.72 -21.14 9.02
C GLN A 244 -30.65 -20.43 10.00
N ARG A 245 -31.81 -20.02 9.50
CA ARG A 245 -32.72 -19.26 10.33
C ARG A 245 -33.48 -20.27 11.17
N GLU A 246 -32.76 -20.86 12.12
CA GLU A 246 -33.34 -21.85 13.00
C GLU A 246 -34.41 -21.19 13.85
N ILE A 247 -35.49 -21.91 14.07
CA ILE A 247 -36.63 -21.39 14.82
C ILE A 247 -36.97 -22.29 16.01
N HIS A 248 -37.19 -21.69 17.17
CA HIS A 248 -37.66 -22.48 18.31
C HIS A 248 -38.90 -21.86 18.99
N GLU A 249 -40.04 -22.48 18.75
CA GLU A 249 -41.29 -22.14 19.42
C GLU A 249 -42.25 -23.28 19.07
N PRO A 250 -43.44 -23.33 19.66
CA PRO A 250 -44.33 -24.41 19.25
C PRO A 250 -44.54 -24.28 17.75
N GLU A 251 -44.40 -25.40 17.04
CA GLU A 251 -44.51 -25.42 15.58
C GLU A 251 -43.22 -24.94 14.92
N CYS A 252 -42.20 -24.68 15.73
CA CYS A 252 -40.91 -24.17 15.27
C CYS A 252 -40.14 -25.12 14.34
N ARG A 253 -40.18 -26.41 14.66
CA ARG A 253 -39.31 -27.40 14.02
C ARG A 253 -39.51 -27.53 12.51
N HIS A 254 -40.77 -27.48 12.08
CA HIS A 254 -41.09 -27.62 10.67
C HIS A 254 -40.48 -26.49 9.84
N LEU A 255 -40.54 -25.28 10.38
CA LEU A 255 -39.95 -24.11 9.74
C LEU A 255 -38.41 -24.06 9.69
N SER A 256 -37.76 -24.43 10.79
CA SER A 256 -36.32 -24.22 10.94
C SER A 256 -35.43 -24.97 9.97
N ARG A 257 -34.37 -24.29 9.54
CA ARG A 257 -33.30 -24.89 8.72
C ARG A 257 -32.18 -25.56 9.50
N LYS A 258 -31.73 -24.91 10.58
CA LYS A 258 -30.69 -25.45 11.45
C LYS A 258 -31.13 -25.75 12.88
N PHE A 259 -30.78 -26.94 13.34
CA PHE A 259 -30.86 -27.29 14.76
C PHE A 259 -29.44 -27.63 15.23
N THR A 260 -29.00 -26.97 16.30
CA THR A 260 -27.70 -27.27 16.92
C THR A 260 -27.99 -27.67 18.37
N GLU A 261 -27.44 -28.80 18.83
CA GLU A 261 -27.64 -29.15 20.24
C GLU A 261 -26.51 -29.96 20.86
N TRP A 262 -25.33 -29.40 21.09
CA TRP A 262 -24.29 -30.18 21.78
C TRP A 262 -23.23 -29.36 22.48
N ALA A 263 -23.51 -28.84 23.68
CA ALA A 263 -22.58 -27.90 24.32
C ALA A 263 -21.85 -28.39 25.58
N TYR A 264 -20.53 -28.26 25.57
CA TYR A 264 -19.69 -28.50 26.74
C TYR A 264 -19.07 -27.18 27.20
N GLY A 265 -18.78 -27.09 28.48
CA GLY A 265 -18.52 -25.83 29.15
C GLY A 265 -17.77 -24.91 28.20
N PRO A 266 -16.85 -25.48 27.43
CA PRO A 266 -16.08 -24.71 26.42
C PRO A 266 -16.90 -24.26 25.23
N VAL A 267 -17.77 -25.14 24.78
CA VAL A 267 -17.75 -25.79 23.48
C VAL A 267 -19.12 -25.61 22.84
N HIS A 268 -19.20 -25.78 21.53
CA HIS A 268 -20.48 -25.67 20.86
C HIS A 268 -20.54 -26.50 19.59
N SER A 269 -21.75 -26.88 19.21
CA SER A 269 -21.98 -27.64 18.00
C SER A 269 -23.14 -27.00 17.26
N SER A 270 -23.05 -26.95 15.94
CA SER A 270 -24.12 -26.38 15.14
C SER A 270 -24.58 -27.42 14.11
N LEU A 271 -25.88 -27.53 13.92
CA LEU A 271 -26.44 -28.50 12.98
C LEU A 271 -27.21 -27.82 11.86
N TYR A 272 -26.96 -28.25 10.61
CA TYR A 272 -27.57 -27.56 9.45
C TYR A 272 -28.45 -28.50 8.61
N ASP A 273 -29.48 -27.98 7.94
CA ASP A 273 -30.60 -28.88 7.65
C ASP A 273 -30.41 -30.18 6.83
N LEU A 274 -29.81 -30.14 5.65
CA LEU A 274 -29.62 -28.93 4.88
C LEU A 274 -30.37 -29.13 3.57
N SER A 275 -31.22 -28.17 3.25
CA SER A 275 -32.02 -28.17 2.02
C SER A 275 -31.24 -27.94 0.74
N CYS A 276 -30.24 -27.07 0.81
CA CYS A 276 -29.56 -26.58 -0.39
C CYS A 276 -28.92 -27.74 -1.13
N ILE A 277 -28.34 -28.67 -0.38
CA ILE A 277 -27.79 -29.88 -0.97
C ILE A 277 -28.93 -30.66 -1.62
N ASP A 278 -30.08 -30.67 -0.94
CA ASP A 278 -31.24 -31.40 -1.42
C ASP A 278 -31.77 -30.84 -2.75
N THR A 279 -31.75 -29.53 -2.93
CA THR A 279 -32.29 -28.99 -4.18
C THR A 279 -31.48 -29.58 -5.33
N CYS A 280 -32.19 -30.09 -6.35
CA CYS A 280 -31.53 -30.71 -7.50
C CYS A 280 -32.11 -30.30 -8.84
N GLU A 281 -33.35 -30.72 -9.11
CA GLU A 281 -33.97 -30.49 -10.41
C GLU A 281 -34.06 -29.00 -10.69
N LYS A 282 -34.40 -28.25 -9.66
CA LYS A 282 -34.24 -26.80 -9.66
C LYS A 282 -32.75 -26.54 -9.50
N ASN A 283 -32.29 -25.36 -9.90
CA ASN A 283 -30.86 -25.06 -9.80
C ASN A 283 -30.44 -25.10 -8.34
N SER A 284 -31.31 -24.59 -7.47
CA SER A 284 -31.15 -24.73 -6.04
C SER A 284 -30.18 -23.72 -5.44
N VAL A 285 -30.16 -23.63 -4.11
CA VAL A 285 -29.20 -22.73 -3.47
C VAL A 285 -27.78 -23.22 -3.72
N LEU A 286 -27.59 -24.52 -3.51
CA LEU A 286 -26.29 -25.13 -3.73
C LEU A 286 -25.89 -25.06 -5.18
N GLU A 287 -26.85 -25.37 -6.06
CA GLU A 287 -26.57 -25.38 -7.49
C GLU A 287 -26.20 -23.99 -7.96
N VAL A 288 -26.95 -23.00 -7.49
CA VAL A 288 -26.69 -21.62 -7.88
C VAL A 288 -25.32 -21.21 -7.39
N ILE A 289 -24.98 -21.59 -6.16
CA ILE A 289 -23.69 -21.22 -5.61
C ILE A 289 -22.57 -21.84 -6.43
N ALA A 290 -22.78 -23.10 -6.81
CA ALA A 290 -21.80 -23.85 -7.59
C ALA A 290 -21.60 -23.21 -8.95
N TYR A 291 -22.72 -22.96 -9.63
CA TYR A 291 -22.75 -22.35 -10.96
C TYR A 291 -22.36 -20.87 -11.08
N SER A 292 -22.80 -20.08 -10.10
CA SER A 292 -22.86 -18.63 -10.28
C SER A 292 -21.50 -17.99 -10.56
N SER A 293 -21.50 -17.07 -11.51
CA SER A 293 -20.26 -16.41 -11.93
C SER A 293 -20.42 -14.96 -12.39
N SER A 294 -19.33 -14.22 -12.29
CA SER A 294 -19.19 -12.85 -12.77
C SER A 294 -20.09 -11.87 -12.03
N GLU A 295 -20.76 -12.33 -10.98
CA GLU A 295 -21.59 -11.44 -10.17
C GLU A 295 -20.74 -10.42 -9.43
N THR A 296 -19.61 -10.90 -8.91
CA THR A 296 -18.63 -10.09 -8.19
C THR A 296 -18.92 -9.96 -6.70
N PRO A 297 -20.12 -10.53 -6.24
CA PRO A 297 -20.26 -10.52 -4.78
C PRO A 297 -20.01 -11.92 -4.25
N ASN A 298 -19.53 -12.81 -5.13
CA ASN A 298 -19.49 -14.24 -4.88
C ASN A 298 -18.64 -14.70 -3.70
N ARG A 299 -17.46 -14.12 -3.53
CA ARG A 299 -16.59 -14.62 -2.46
C ARG A 299 -17.42 -14.94 -1.21
N HIS A 300 -18.34 -14.04 -0.89
CA HIS A 300 -19.19 -14.16 0.30
C HIS A 300 -20.14 -15.36 0.27
N ASP A 301 -20.75 -15.61 -0.88
CA ASP A 301 -21.77 -16.63 -0.99
C ASP A 301 -21.15 -18.02 -0.88
N MET A 302 -19.99 -18.19 -1.52
CA MET A 302 -19.28 -19.45 -1.46
C MET A 302 -18.87 -19.76 -0.03
N LEU A 303 -18.46 -18.70 0.67
CA LEU A 303 -17.95 -18.77 2.04
C LEU A 303 -19.02 -19.24 3.02
N LEU A 304 -20.28 -19.12 2.64
CA LEU A 304 -21.39 -19.30 3.57
C LEU A 304 -21.38 -20.70 4.18
N VAL A 305 -21.68 -20.74 5.48
CA VAL A 305 -21.59 -21.97 6.26
C VAL A 305 -22.75 -22.01 7.24
N GLU A 306 -22.93 -23.14 7.92
CA GLU A 306 -22.06 -24.31 7.81
C GLU A 306 -22.08 -25.05 6.47
N PRO A 307 -23.34 -25.19 5.87
CA PRO A 307 -23.34 -26.20 4.78
C PRO A 307 -22.46 -25.89 3.58
N LEU A 308 -22.49 -24.69 3.03
CA LEU A 308 -21.74 -24.52 1.79
C LEU A 308 -20.27 -24.81 2.07
N ASN A 309 -19.71 -24.22 3.12
CA ASN A 309 -18.36 -24.59 3.54
C ASN A 309 -18.29 -25.99 4.10
N ARG A 310 -19.24 -26.32 4.97
CA ARG A 310 -19.29 -27.63 5.60
C ARG A 310 -19.56 -28.71 4.57
N LEU A 311 -20.50 -28.46 3.66
CA LEU A 311 -20.88 -29.50 2.72
C LEU A 311 -19.72 -29.91 1.80
N LEU A 312 -18.96 -28.94 1.34
CA LEU A 312 -17.87 -29.21 0.42
C LEU A 312 -16.80 -30.08 1.04
N GLN A 313 -16.46 -29.81 2.30
CA GLN A 313 -15.45 -30.58 3.01
C GLN A 313 -15.87 -32.04 3.15
N ASP A 314 -17.15 -32.24 3.45
CA ASP A 314 -17.69 -33.59 3.58
C ASP A 314 -17.66 -34.31 2.23
N LYS A 315 -18.00 -33.60 1.16
CA LYS A 315 -18.01 -34.19 -0.17
C LYS A 315 -16.63 -34.63 -0.65
N TRP A 316 -15.62 -33.82 -0.33
CA TRP A 316 -14.27 -33.98 -0.89
C TRP A 316 -13.24 -34.62 0.01
N ASP A 317 -13.26 -34.28 1.29
CA ASP A 317 -12.30 -34.88 2.19
C ASP A 317 -12.54 -36.37 2.15
N ARG A 318 -13.83 -36.75 2.18
CA ARG A 318 -14.17 -38.17 2.14
C ARG A 318 -13.77 -38.91 0.87
N PHE A 319 -14.04 -38.32 -0.30
CA PHE A 319 -13.72 -39.01 -1.56
C PHE A 319 -13.27 -38.16 -2.76
N VAL A 320 -13.70 -36.91 -2.82
CA VAL A 320 -13.52 -36.11 -4.04
C VAL A 320 -12.06 -35.85 -4.43
N LYS A 321 -11.24 -35.55 -3.45
CA LYS A 321 -9.83 -35.25 -3.66
C LYS A 321 -9.16 -36.41 -4.38
N ARG A 322 -9.50 -37.63 -3.98
CA ARG A 322 -8.95 -38.81 -4.63
C ARG A 322 -9.38 -38.89 -6.09
N ILE A 323 -10.64 -38.57 -6.35
CA ILE A 323 -11.17 -38.66 -7.71
C ILE A 323 -10.49 -37.69 -8.69
N PHE A 324 -10.22 -36.48 -8.22
CA PHE A 324 -9.62 -35.47 -9.09
C PHE A 324 -8.19 -35.82 -9.53
N TYR A 325 -7.38 -36.31 -8.59
CA TYR A 325 -6.01 -36.66 -8.91
C TYR A 325 -5.94 -37.76 -9.97
N PHE A 326 -6.86 -38.72 -9.89
CA PHE A 326 -6.92 -39.78 -10.87
C PHE A 326 -7.21 -39.16 -12.24
N ASN A 327 -8.11 -38.19 -12.26
CA ASN A 327 -8.43 -37.51 -13.51
C ASN A 327 -7.21 -36.77 -14.07
N PHE A 328 -6.51 -36.09 -13.17
CA PHE A 328 -5.33 -35.33 -13.56
C PHE A 328 -4.26 -36.27 -14.11
N PHE A 329 -4.01 -37.37 -13.40
CA PHE A 329 -3.00 -38.33 -13.82
C PHE A 329 -3.36 -38.97 -15.16
N VAL A 330 -4.63 -39.29 -15.34
CA VAL A 330 -5.10 -39.87 -16.58
C VAL A 330 -4.89 -38.90 -17.73
N TYR A 331 -5.16 -37.62 -17.48
CA TYR A 331 -4.98 -36.61 -18.50
C TYR A 331 -3.51 -36.49 -18.90
N CYS A 332 -2.63 -36.61 -17.91
CA CYS A 332 -1.21 -36.40 -18.13
C CYS A 332 -0.65 -37.41 -19.12
N LEU A 333 -1.08 -38.65 -18.99
CA LEU A 333 -0.64 -39.69 -19.89
C LEU A 333 -1.12 -39.38 -21.30
N TYR A 334 -2.34 -38.84 -21.42
CA TYR A 334 -2.85 -38.53 -22.74
C TYR A 334 -1.90 -37.54 -23.39
N MET A 335 -1.43 -36.59 -22.60
CA MET A 335 -0.48 -35.59 -23.08
C MET A 335 0.85 -36.18 -23.53
N ILE A 336 1.37 -37.13 -22.77
CA ILE A 336 2.67 -37.73 -23.08
C ILE A 336 2.59 -38.44 -24.44
N ILE A 337 1.48 -39.13 -24.63
CA ILE A 337 1.18 -39.84 -25.87
C ILE A 337 0.99 -38.91 -27.07
N PHE A 338 0.26 -37.82 -26.91
CA PHE A 338 0.00 -36.90 -28.03
C PHE A 338 1.30 -36.28 -28.56
N THR A 339 2.15 -35.88 -27.64
CA THR A 339 3.49 -35.38 -27.94
C THR A 339 4.42 -36.47 -28.48
N ALA A 340 4.34 -37.69 -27.92
CA ALA A 340 5.26 -38.74 -28.33
C ALA A 340 5.07 -39.14 -29.77
N ALA A 341 3.82 -39.30 -30.19
CA ALA A 341 3.56 -39.63 -31.58
C ALA A 341 4.03 -38.47 -32.43
N ALA A 342 3.67 -37.26 -31.99
CA ALA A 342 4.01 -36.06 -32.73
C ALA A 342 5.52 -35.89 -32.78
N TYR A 343 6.17 -36.14 -31.65
CA TYR A 343 7.62 -36.03 -31.55
C TYR A 343 8.31 -37.01 -32.49
N TYR A 344 7.77 -38.22 -32.56
CA TYR A 344 8.37 -39.32 -33.32
C TYR A 344 7.69 -39.60 -34.65
N ARG A 345 6.82 -38.70 -35.08
CA ARG A 345 6.07 -38.92 -36.31
C ARG A 345 7.03 -39.06 -37.48
N PRO A 346 6.69 -39.92 -38.43
CA PRO A 346 7.54 -40.15 -39.60
C PRO A 346 7.38 -39.07 -40.65
N VAL A 347 8.50 -38.58 -41.18
CA VAL A 347 8.49 -37.50 -42.16
C VAL A 347 7.76 -37.87 -43.46
N GLU A 348 7.97 -39.09 -43.93
CA GLU A 348 7.37 -39.55 -45.18
C GLU A 348 7.79 -38.64 -46.32
N GLY A 349 6.85 -38.23 -47.16
CA GLY A 349 5.49 -38.75 -47.16
C GLY A 349 4.52 -37.96 -46.31
N LEU A 350 3.23 -38.08 -46.62
CA LEU A 350 2.20 -37.46 -45.79
C LEU A 350 1.19 -38.49 -45.33
N PRO A 351 0.98 -38.58 -44.01
CA PRO A 351 -0.04 -39.48 -43.47
C PRO A 351 0.19 -40.91 -43.96
N PRO A 352 -0.87 -41.55 -44.44
CA PRO A 352 -0.77 -42.88 -45.05
C PRO A 352 -0.09 -42.78 -46.43
N TYR A 353 0.48 -43.89 -46.92
CA TYR A 353 0.47 -45.16 -46.22
C TYR A 353 1.37 -45.20 -45.00
N LYS A 354 0.91 -45.91 -43.97
CA LYS A 354 1.72 -46.16 -42.78
C LYS A 354 1.84 -47.68 -42.63
N LEU A 355 3.07 -48.17 -42.50
CA LEU A 355 3.32 -49.61 -42.45
C LEU A 355 2.69 -50.29 -41.25
N LYS A 356 2.79 -49.65 -40.09
CA LYS A 356 2.24 -50.21 -38.87
C LYS A 356 2.83 -51.60 -38.61
N ASN A 357 4.12 -51.74 -38.91
CA ASN A 357 4.79 -53.04 -38.76
C ASN A 357 5.93 -53.01 -37.76
N THR A 358 5.92 -53.97 -36.84
CA THR A 358 6.96 -54.09 -35.82
C THR A 358 6.68 -53.18 -34.63
N VAL A 359 7.55 -53.23 -33.63
CA VAL A 359 7.39 -52.39 -32.45
C VAL A 359 7.49 -50.91 -32.78
N GLY A 360 8.45 -50.56 -33.65
CA GLY A 360 8.64 -49.17 -34.04
C GLY A 360 7.45 -48.61 -34.78
N ASP A 361 6.88 -49.41 -35.68
CA ASP A 361 5.70 -49.01 -36.42
C ASP A 361 4.45 -49.36 -35.64
N TYR A 362 4.62 -50.09 -34.55
CA TYR A 362 3.50 -50.54 -33.74
C TYR A 362 3.21 -49.63 -32.54
N PHE A 363 4.27 -49.19 -31.86
CA PHE A 363 4.12 -48.31 -30.71
C PHE A 363 3.58 -46.94 -31.09
N ARG A 364 4.14 -46.35 -32.14
CA ARG A 364 3.71 -45.04 -32.61
C ARG A 364 2.27 -45.02 -33.10
N VAL A 365 1.87 -46.07 -33.81
CA VAL A 365 0.51 -46.18 -34.33
C VAL A 365 -0.52 -46.26 -33.22
N THR A 366 -0.20 -46.97 -32.15
CA THR A 366 -1.10 -47.05 -31.01
C THR A 366 -1.26 -45.66 -30.43
N GLY A 367 -0.16 -44.93 -30.32
CA GLY A 367 -0.20 -43.58 -29.79
C GLY A 367 -1.08 -42.65 -30.61
N GLU A 368 -0.96 -42.73 -31.92
CA GLU A 368 -1.73 -41.86 -32.82
C GLU A 368 -3.21 -42.13 -32.67
N ILE A 369 -3.59 -43.41 -32.63
CA ILE A 369 -4.97 -43.77 -32.41
C ILE A 369 -5.44 -43.34 -31.03
N LEU A 370 -4.59 -43.54 -30.03
CA LEU A 370 -4.94 -43.19 -28.66
C LEU A 370 -5.15 -41.69 -28.51
N SER A 371 -4.28 -40.89 -29.13
CA SER A 371 -4.39 -39.44 -29.05
C SER A 371 -5.68 -38.94 -29.69
N VAL A 372 -6.03 -39.46 -30.86
CA VAL A 372 -7.28 -39.05 -31.48
C VAL A 372 -8.47 -39.44 -30.62
N SER A 373 -8.41 -40.64 -30.06
CA SER A 373 -9.46 -41.15 -29.20
C SER A 373 -9.56 -40.26 -27.98
N GLY A 374 -8.42 -39.83 -27.49
CA GLY A 374 -8.36 -38.91 -26.37
C GLY A 374 -9.04 -37.62 -26.79
N GLY A 375 -8.83 -37.25 -28.04
CA GLY A 375 -9.43 -36.04 -28.58
C GLY A 375 -10.93 -36.08 -28.60
N VAL A 376 -11.52 -37.23 -28.93
CA VAL A 376 -12.98 -37.33 -29.03
C VAL A 376 -13.67 -37.06 -27.69
N TYR A 377 -13.06 -37.51 -26.60
CA TYR A 377 -13.71 -37.40 -25.29
C TYR A 377 -13.95 -35.94 -24.94
N PHE A 378 -12.97 -35.09 -25.22
CA PHE A 378 -13.11 -33.67 -24.96
C PHE A 378 -14.21 -33.06 -25.81
N PHE A 379 -14.32 -33.50 -27.06
CA PHE A 379 -15.32 -32.97 -27.97
C PHE A 379 -16.72 -33.39 -27.52
N PHE A 380 -16.86 -34.66 -27.13
CA PHE A 380 -18.12 -35.15 -26.59
C PHE A 380 -18.51 -34.48 -25.27
N ARG A 381 -17.53 -34.30 -24.38
CA ARG A 381 -17.77 -33.67 -23.08
C ARG A 381 -18.15 -32.21 -23.27
N GLY A 382 -17.45 -31.55 -24.19
CA GLY A 382 -17.69 -30.15 -24.47
C GLY A 382 -19.07 -29.83 -25.01
N ILE A 383 -19.55 -30.70 -25.90
CA ILE A 383 -20.84 -30.49 -26.55
C ILE A 383 -21.96 -30.47 -25.52
N GLN A 384 -21.86 -31.35 -24.54
CA GLN A 384 -22.84 -31.40 -23.47
C GLN A 384 -22.84 -30.09 -22.70
N TYR A 385 -21.65 -29.55 -22.48
CA TYR A 385 -21.53 -28.27 -21.78
C TYR A 385 -22.20 -27.16 -22.59
N PHE A 386 -21.96 -27.14 -23.89
CA PHE A 386 -22.71 -26.26 -24.78
C PHE A 386 -24.20 -26.67 -24.82
N LEU A 387 -24.44 -27.98 -24.85
CA LEU A 387 -25.79 -28.53 -24.91
C LEU A 387 -26.63 -28.36 -23.64
N GLN A 388 -26.02 -28.62 -22.48
CA GLN A 388 -26.74 -28.50 -21.22
C GLN A 388 -27.20 -27.08 -20.97
N ARG A 389 -26.33 -26.13 -21.30
CA ARG A 389 -26.59 -24.71 -21.11
C ARG A 389 -26.20 -23.92 -22.36
N ARG A 390 -27.14 -23.81 -23.29
CA ARG A 390 -26.89 -23.12 -24.56
C ARG A 390 -26.58 -21.64 -24.37
N PRO A 391 -27.28 -20.99 -23.46
CA PRO A 391 -27.11 -19.54 -23.25
C PRO A 391 -25.71 -19.19 -22.76
N SER A 392 -25.16 -18.10 -23.29
CA SER A 392 -23.82 -17.63 -22.92
C SER A 392 -22.83 -18.79 -22.75
N VAL A 398 -15.33 -15.56 -21.56
CA VAL A 398 -14.82 -15.32 -20.22
C VAL A 398 -14.98 -16.55 -19.34
N ASP A 399 -16.11 -16.64 -18.66
CA ASP A 399 -16.38 -17.75 -17.75
C ASP A 399 -17.43 -18.71 -18.33
N SER A 400 -17.14 -20.03 -18.32
CA SER A 400 -15.92 -20.57 -17.71
C SER A 400 -14.76 -20.55 -18.69
N TYR A 401 -13.66 -19.94 -18.27
CA TYR A 401 -12.48 -19.80 -19.10
C TYR A 401 -11.80 -21.11 -19.50
N SER A 402 -11.71 -22.05 -18.56
CA SER A 402 -10.86 -23.21 -18.77
C SER A 402 -11.55 -24.29 -19.59
N GLU A 403 -12.83 -24.51 -19.30
CA GLU A 403 -13.59 -25.51 -20.03
C GLU A 403 -13.56 -25.09 -21.49
N ILE A 404 -13.65 -23.79 -21.73
CA ILE A 404 -13.72 -23.28 -23.09
C ILE A 404 -12.47 -23.63 -23.88
N LEU A 405 -11.32 -23.52 -23.22
CA LEU A 405 -10.05 -23.86 -23.85
C LEU A 405 -9.98 -25.33 -24.23
N PHE A 406 -10.53 -26.20 -23.38
CA PHE A 406 -10.47 -27.63 -23.62
C PHE A 406 -11.17 -27.98 -24.92
N PHE A 407 -12.30 -27.35 -25.17
CA PHE A 407 -13.07 -27.60 -26.38
C PHE A 407 -12.27 -27.19 -27.63
N VAL A 408 -11.56 -26.07 -27.53
CA VAL A 408 -10.78 -25.54 -28.65
C VAL A 408 -9.68 -26.49 -29.09
N GLN A 409 -8.95 -27.02 -28.12
CA GLN A 409 -7.85 -27.95 -28.38
C GLN A 409 -8.30 -29.28 -28.99
N SER A 410 -9.38 -29.84 -28.43
CA SER A 410 -9.89 -31.11 -28.90
C SER A 410 -10.35 -30.98 -30.35
N LEU A 411 -11.00 -29.86 -30.65
CA LEU A 411 -11.44 -29.58 -32.01
C LEU A 411 -10.23 -29.46 -32.92
N PHE A 412 -9.17 -28.85 -32.42
CA PHE A 412 -7.97 -28.64 -33.22
C PHE A 412 -7.40 -29.98 -33.65
N MET A 413 -7.41 -30.95 -32.73
CA MET A 413 -6.95 -32.29 -33.03
C MET A 413 -7.84 -32.93 -34.10
N LEU A 414 -9.15 -32.70 -33.99
CA LEU A 414 -10.10 -33.24 -34.94
C LEU A 414 -9.84 -32.69 -36.32
N VAL A 415 -9.51 -31.42 -36.40
CA VAL A 415 -9.20 -30.77 -37.67
C VAL A 415 -7.98 -31.44 -38.28
N SER A 416 -7.00 -31.75 -37.44
CA SER A 416 -5.80 -32.44 -37.89
C SER A 416 -6.13 -33.83 -38.42
N VAL A 417 -7.03 -34.52 -37.73
CA VAL A 417 -7.37 -35.89 -38.09
C VAL A 417 -8.05 -35.93 -39.46
N VAL A 418 -8.94 -34.99 -39.69
CA VAL A 418 -9.62 -34.89 -40.98
C VAL A 418 -8.58 -34.62 -42.05
N LEU A 419 -7.63 -33.75 -41.72
CA LEU A 419 -6.53 -33.45 -42.62
C LEU A 419 -5.68 -34.69 -42.88
N TYR A 420 -5.45 -35.47 -41.85
CA TYR A 420 -4.64 -36.67 -41.96
C TYR A 420 -5.30 -37.65 -42.92
N PHE A 421 -6.62 -37.79 -42.81
CA PHE A 421 -7.36 -38.60 -43.76
C PHE A 421 -7.22 -37.95 -45.14
N SER A 422 -7.31 -36.62 -45.16
CA SER A 422 -7.01 -35.85 -46.35
C SER A 422 -5.53 -36.01 -46.66
N GLN A 423 -4.72 -36.09 -45.62
CA GLN A 423 -3.32 -36.50 -45.75
C GLN A 423 -2.37 -35.38 -46.17
N ARG A 424 -2.88 -34.15 -46.21
CA ARG A 424 -2.06 -32.99 -46.51
C ARG A 424 -1.00 -32.79 -45.43
N LYS A 425 0.19 -32.41 -45.86
CA LYS A 425 1.32 -32.16 -44.97
C LYS A 425 1.02 -31.05 -43.97
N GLU A 426 0.25 -30.07 -44.43
CA GLU A 426 -0.05 -28.87 -43.67
C GLU A 426 -0.79 -29.24 -42.40
N TYR A 427 -1.39 -30.42 -42.39
CA TYR A 427 -2.21 -30.86 -41.26
C TYR A 427 -1.40 -30.86 -39.98
N VAL A 428 -0.15 -31.32 -40.03
CA VAL A 428 0.71 -31.19 -38.86
C VAL A 428 0.52 -29.88 -38.11
N ALA A 429 0.79 -28.76 -38.77
CA ALA A 429 0.82 -27.49 -38.08
C ALA A 429 -0.35 -27.41 -37.11
N SER A 430 -1.52 -27.87 -37.55
CA SER A 430 -2.72 -27.88 -36.70
C SER A 430 -2.53 -28.78 -35.50
N MET A 431 -1.93 -29.95 -35.72
CA MET A 431 -1.67 -30.89 -34.64
C MET A 431 -0.70 -30.28 -33.64
N VAL A 432 0.28 -29.56 -34.16
CA VAL A 432 1.31 -28.94 -33.34
C VAL A 432 0.63 -27.96 -32.42
N PHE A 433 -0.36 -27.23 -32.90
CA PHE A 433 -1.11 -26.36 -32.01
C PHE A 433 -1.80 -27.21 -30.95
N SER A 434 -2.32 -28.35 -31.36
CA SER A 434 -3.04 -29.25 -30.45
C SER A 434 -2.18 -29.81 -29.32
N LEU A 435 -0.96 -30.21 -29.64
CA LEU A 435 -0.05 -30.79 -28.63
C LEU A 435 0.36 -29.83 -27.51
N ALA A 436 0.68 -28.60 -27.89
CA ALA A 436 1.11 -27.53 -27.01
C ALA A 436 -0.06 -26.98 -26.21
N MET A 437 -1.19 -26.80 -26.89
CA MET A 437 -2.39 -26.28 -26.25
C MET A 437 -2.85 -27.24 -25.16
N GLY A 438 -2.78 -28.54 -25.44
CA GLY A 438 -3.19 -29.50 -24.44
C GLY A 438 -2.29 -29.42 -23.23
N TRP A 439 -0.99 -29.28 -23.47
CA TRP A 439 -0.07 -29.19 -22.35
C TRP A 439 -0.36 -27.95 -21.50
N THR A 440 -0.62 -26.81 -22.15
CA THR A 440 -0.92 -25.58 -21.43
C THR A 440 -2.22 -25.74 -20.63
N ASN A 441 -3.15 -26.48 -21.23
CA ASN A 441 -4.42 -26.84 -20.59
C ASN A 441 -4.22 -27.71 -19.34
N MET A 442 -3.22 -28.58 -19.39
CA MET A 442 -2.96 -29.56 -18.35
C MET A 442 -2.70 -28.89 -17.01
N LEU A 443 -2.12 -27.71 -17.05
CA LEU A 443 -1.73 -26.97 -15.86
C LEU A 443 -2.93 -26.62 -15.00
N TYR A 444 -4.11 -26.69 -15.60
CA TYR A 444 -5.40 -26.38 -14.97
C TYR A 444 -5.72 -27.34 -13.81
N TYR A 445 -5.34 -28.60 -13.96
CA TYR A 445 -5.74 -29.65 -13.04
C TYR A 445 -5.24 -29.36 -11.63
N THR A 446 -4.21 -28.53 -11.56
CA THR A 446 -3.64 -28.12 -10.29
C THR A 446 -4.68 -27.36 -9.47
N ARG A 447 -5.69 -26.84 -10.16
CA ARG A 447 -6.70 -26.00 -9.53
C ARG A 447 -7.49 -26.70 -8.42
N GLY A 448 -7.81 -25.91 -7.39
CA GLY A 448 -8.31 -26.33 -6.10
C GLY A 448 -7.22 -26.35 -5.05
N PHE A 449 -6.04 -25.88 -5.42
CA PHE A 449 -4.91 -25.84 -4.52
C PHE A 449 -4.52 -24.39 -4.28
N GLN A 450 -4.44 -24.00 -3.01
CA GLN A 450 -4.40 -22.61 -2.62
C GLN A 450 -3.20 -21.88 -3.17
N GLN A 451 -2.02 -22.51 -3.08
CA GLN A 451 -0.87 -21.92 -3.75
C GLN A 451 -1.17 -21.96 -5.24
N MET A 452 -1.41 -23.17 -5.73
CA MET A 452 -1.60 -23.42 -7.16
C MET A 452 -2.84 -22.75 -7.74
N GLY A 453 -3.93 -22.80 -7.00
CA GLY A 453 -5.18 -22.25 -7.49
C GLY A 453 -5.01 -20.76 -7.69
N ILE A 454 -4.24 -20.11 -6.82
CA ILE A 454 -4.03 -18.67 -7.03
C ILE A 454 -3.33 -18.37 -8.36
N TYR A 455 -2.31 -19.14 -8.71
CA TYR A 455 -1.54 -18.87 -9.93
C TYR A 455 -2.37 -19.00 -11.21
N ALA A 456 -3.17 -20.04 -11.29
CA ALA A 456 -4.00 -20.26 -12.47
C ALA A 456 -4.98 -19.11 -12.61
N VAL A 457 -5.55 -18.71 -11.49
CA VAL A 457 -6.53 -17.64 -11.51
C VAL A 457 -5.88 -16.37 -12.02
N MET A 458 -4.67 -16.09 -11.52
CA MET A 458 -3.97 -14.88 -11.94
C MET A 458 -3.67 -14.91 -13.43
N ILE A 459 -3.24 -16.07 -13.93
CA ILE A 459 -2.95 -16.18 -15.35
C ILE A 459 -4.20 -15.95 -16.19
N GLU A 460 -5.32 -16.51 -15.73
CA GLU A 460 -6.58 -16.35 -16.44
C GLU A 460 -6.96 -14.88 -16.47
N LYS A 461 -6.74 -14.19 -15.35
CA LYS A 461 -7.02 -12.77 -15.24
C LYS A 461 -6.19 -11.94 -16.20
N MET A 462 -4.91 -12.28 -16.36
CA MET A 462 -4.04 -11.48 -17.23
C MET A 462 -4.52 -11.51 -18.68
N ILE A 463 -4.97 -12.68 -19.10
CA ILE A 463 -5.42 -12.98 -20.45
C ILE A 463 -6.87 -12.56 -20.75
N LEU A 464 -7.79 -12.76 -19.83
CA LEU A 464 -9.08 -12.17 -20.11
C LEU A 464 -8.95 -10.64 -20.15
N ARG A 465 -8.38 -10.03 -19.11
CA ARG A 465 -8.40 -8.57 -19.08
C ARG A 465 -7.15 -7.84 -19.58
N ASP A 466 -6.09 -7.85 -18.77
CA ASP A 466 -4.97 -6.95 -19.01
C ASP A 466 -4.24 -7.17 -20.33
N LEU A 467 -3.95 -8.43 -20.66
CA LEU A 467 -3.29 -8.70 -21.93
C LEU A 467 -4.22 -8.33 -23.07
N CYS A 468 -5.48 -8.70 -22.93
CA CYS A 468 -6.45 -8.48 -23.98
C CYS A 468 -6.62 -6.99 -24.23
N ARG A 469 -6.69 -6.23 -23.14
CA ARG A 469 -6.81 -4.78 -23.27
C ARG A 469 -5.56 -4.16 -23.90
N PHE A 470 -4.38 -4.57 -23.46
CA PHE A 470 -3.16 -3.99 -24.02
C PHE A 470 -2.91 -4.36 -25.48
N MET A 471 -3.27 -5.58 -25.81
CA MET A 471 -3.01 -6.13 -27.12
C MET A 471 -3.69 -5.17 -28.05
N PHE A 472 -4.86 -4.66 -27.66
CA PHE A 472 -5.45 -3.68 -28.57
C PHE A 472 -4.57 -2.43 -28.76
N VAL A 473 -4.09 -1.88 -27.64
CA VAL A 473 -3.23 -0.69 -27.70
C VAL A 473 -1.86 -0.95 -28.33
N TYR A 474 -1.24 -2.05 -27.95
CA TYR A 474 0.06 -2.41 -28.52
C TYR A 474 -0.10 -2.67 -30.00
N LEU A 475 -1.19 -3.31 -30.35
CA LEU A 475 -1.47 -3.63 -31.74
C LEU A 475 -1.61 -2.34 -32.53
N VAL A 476 -2.29 -1.35 -31.97
CA VAL A 476 -2.40 -0.07 -32.66
C VAL A 476 -1.03 0.60 -32.81
N PHE A 477 -0.27 0.66 -31.72
CA PHE A 477 1.02 1.32 -31.79
C PHE A 477 1.93 0.59 -32.74
N LEU A 478 1.94 -0.74 -32.61
CA LEU A 478 2.80 -1.55 -33.45
C LEU A 478 2.38 -1.44 -34.90
N PHE A 479 1.07 -1.50 -35.14
CA PHE A 479 0.59 -1.49 -36.51
C PHE A 479 0.94 -0.17 -37.18
N GLY A 480 0.70 0.93 -36.46
CA GLY A 480 0.98 2.23 -37.03
C GLY A 480 2.45 2.37 -37.31
N PHE A 481 3.28 1.93 -36.37
CA PHE A 481 4.71 2.07 -36.56
C PHE A 481 5.20 1.25 -37.75
N SER A 482 4.64 0.06 -37.89
CA SER A 482 4.99 -0.83 -38.98
C SER A 482 4.61 -0.19 -40.31
N THR A 483 3.44 0.42 -40.36
CA THR A 483 3.01 1.06 -41.59
C THR A 483 3.97 2.18 -41.93
N ALA A 484 4.36 2.94 -40.91
CA ALA A 484 5.27 4.06 -41.12
C ALA A 484 6.60 3.56 -41.67
N VAL A 485 7.10 2.46 -41.11
CA VAL A 485 8.35 1.88 -41.60
C VAL A 485 8.25 1.37 -43.04
N VAL A 486 7.13 0.73 -43.36
CA VAL A 486 6.98 0.08 -44.66
C VAL A 486 7.08 1.09 -45.79
N THR A 487 6.46 2.25 -45.61
CA THR A 487 6.58 3.33 -46.59
C THR A 487 8.00 3.91 -46.68
N LEU A 488 8.65 4.08 -45.53
CA LEU A 488 9.90 4.84 -45.44
C LEU A 488 11.14 4.31 -46.18
N ILE A 489 11.32 3.00 -46.14
CA ILE A 489 12.40 2.34 -46.86
C ILE A 489 12.15 0.83 -46.87
N GLU A 490 11.95 0.28 -48.06
CA GLU A 490 11.68 -1.15 -48.18
C GLU A 490 12.88 -1.93 -47.65
N ASP A 491 14.07 -1.50 -48.03
CA ASP A 491 15.30 -2.05 -47.47
C ASP A 491 15.30 -3.57 -47.63
N GLY A 492 15.72 -4.27 -46.58
CA GLY A 492 15.69 -5.72 -46.57
C GLY A 492 14.93 -6.25 -45.36
N LYS A 493 13.92 -7.05 -45.63
CA LYS A 493 13.15 -7.72 -44.58
C LYS A 493 12.12 -6.78 -43.99
N TYR A 494 12.16 -5.52 -44.44
CA TYR A 494 11.16 -4.54 -44.05
C TYR A 494 10.17 -4.33 -45.19
N ASN A 495 10.41 -5.01 -46.30
CA ASN A 495 9.56 -4.91 -47.47
C ASN A 495 8.16 -5.40 -47.16
N SER A 496 8.08 -6.49 -46.41
CA SER A 496 6.79 -7.04 -46.02
C SER A 496 6.28 -6.47 -44.72
N LEU A 497 4.96 -6.27 -44.64
CA LEU A 497 4.31 -5.96 -43.37
C LEU A 497 4.26 -7.12 -42.37
N TYR A 498 4.04 -8.34 -42.85
CA TYR A 498 4.05 -9.49 -41.94
C TYR A 498 5.42 -9.70 -41.31
N SER A 499 6.47 -9.55 -42.11
CA SER A 499 7.85 -9.63 -41.62
C SER A 499 8.26 -8.42 -40.78
N THR A 500 7.91 -7.23 -41.25
CA THR A 500 8.26 -6.01 -40.55
C THR A 500 7.60 -5.98 -39.18
N CYS A 501 6.35 -6.42 -39.12
CA CYS A 501 5.65 -6.48 -37.85
C CYS A 501 6.36 -7.45 -36.92
N LEU A 502 6.80 -8.57 -37.48
CA LEU A 502 7.56 -9.55 -36.72
C LEU A 502 8.86 -8.94 -36.23
N GLU A 503 9.48 -8.15 -37.10
CA GLU A 503 10.70 -7.45 -36.77
C GLU A 503 10.43 -6.46 -35.63
N LEU A 504 9.27 -5.80 -35.70
CA LEU A 504 8.92 -4.80 -34.71
C LEU A 504 8.49 -5.40 -33.38
N PHE A 505 7.76 -6.51 -33.44
CA PHE A 505 7.35 -7.21 -32.23
C PHE A 505 8.58 -7.69 -31.48
N LYS A 506 9.59 -8.11 -32.21
CA LYS A 506 10.82 -8.59 -31.60
C LYS A 506 11.42 -7.45 -30.79
N PHE A 507 11.34 -6.26 -31.36
CA PHE A 507 11.81 -5.06 -30.67
C PHE A 507 11.01 -4.78 -29.40
N THR A 508 9.69 -4.99 -29.46
CA THR A 508 8.86 -4.72 -28.29
C THR A 508 9.10 -5.71 -27.15
N ILE A 509 9.37 -6.96 -27.51
CA ILE A 509 9.72 -8.00 -26.56
C ILE A 509 11.03 -7.63 -25.87
N GLY A 510 11.80 -6.77 -26.52
CA GLY A 510 13.09 -6.34 -25.99
C GLY A 510 14.29 -7.09 -26.53
N MET A 511 14.08 -7.96 -27.51
CA MET A 511 15.20 -8.56 -28.21
C MET A 511 15.30 -7.94 -29.59
N GLY A 512 16.43 -7.29 -29.86
CA GLY A 512 16.66 -6.61 -31.12
C GLY A 512 18.12 -6.40 -31.43
N ASP A 513 18.42 -6.17 -32.70
CA ASP A 513 19.75 -5.80 -33.12
C ASP A 513 19.63 -4.39 -33.65
N LEU A 514 20.45 -3.48 -33.14
CA LEU A 514 20.19 -2.05 -33.32
C LEU A 514 21.16 -1.29 -34.21
N GLU A 515 20.60 -0.40 -35.01
CA GLU A 515 21.35 0.52 -35.86
C GLU A 515 22.29 -0.15 -36.85
N PHE A 516 21.84 -1.26 -37.42
CA PHE A 516 22.61 -1.92 -38.47
C PHE A 516 22.71 -0.95 -39.64
N THR A 517 21.61 -0.26 -39.93
CA THR A 517 21.60 0.77 -40.96
C THR A 517 21.66 0.14 -42.34
N GLU A 518 22.63 -0.71 -42.60
CA GLU A 518 23.21 -0.84 -43.91
C GLU A 518 22.13 -1.06 -44.97
N ASN A 519 22.32 -0.39 -46.12
CA ASN A 519 21.31 -0.21 -47.16
C ASN A 519 20.08 0.58 -46.70
N TYR A 520 20.29 1.60 -45.87
CA TYR A 520 19.21 2.37 -45.30
C TYR A 520 19.18 3.85 -45.71
N ASP A 521 18.00 4.28 -46.11
CA ASP A 521 17.76 5.65 -46.56
C ASP A 521 17.04 6.41 -45.45
N PHE A 522 17.48 7.64 -45.20
CA PHE A 522 17.01 8.40 -44.05
C PHE A 522 17.36 7.65 -42.78
N LYS A 523 18.52 7.00 -42.78
CA LYS A 523 18.96 6.22 -41.63
C LYS A 523 19.12 7.14 -40.43
N ALA A 524 19.69 8.33 -40.65
CA ALA A 524 19.78 9.32 -39.60
C ALA A 524 18.37 9.72 -39.21
N VAL A 525 17.53 9.88 -40.22
CA VAL A 525 16.09 10.07 -40.01
C VAL A 525 15.53 8.79 -39.41
N PHE A 526 16.03 7.67 -39.89
CA PHE A 526 15.52 6.36 -39.49
C PHE A 526 15.95 5.94 -38.08
N ILE A 527 17.21 6.17 -37.74
CA ILE A 527 17.69 5.79 -36.42
C ILE A 527 16.86 6.53 -35.40
N ILE A 528 16.54 7.79 -35.70
CA ILE A 528 15.72 8.59 -34.82
C ILE A 528 14.35 7.96 -34.67
N LEU A 529 13.79 7.46 -35.77
CA LEU A 529 12.49 6.83 -35.74
C LEU A 529 12.50 5.59 -34.87
N LEU A 530 13.58 4.81 -34.98
CA LEU A 530 13.74 3.61 -34.17
C LEU A 530 13.87 3.96 -32.69
N LEU A 531 14.59 5.03 -32.40
CA LEU A 531 14.75 5.49 -31.02
C LEU A 531 13.40 5.91 -30.45
N ALA A 532 12.61 6.57 -31.28
CA ALA A 532 11.28 7.00 -30.87
C ALA A 532 10.44 5.78 -30.55
N TYR A 533 10.32 4.89 -31.53
CA TYR A 533 9.39 3.79 -31.36
C TYR A 533 9.82 2.77 -30.31
N VAL A 534 11.08 2.36 -30.38
CA VAL A 534 11.57 1.35 -29.47
C VAL A 534 11.55 1.88 -28.06
N ILE A 535 12.05 3.09 -27.89
CA ILE A 535 12.18 3.60 -26.54
C ILE A 535 10.79 3.73 -25.95
N LEU A 536 9.88 4.33 -26.70
CA LEU A 536 8.56 4.58 -26.15
C LEU A 536 7.92 3.25 -25.82
N THR A 537 8.02 2.30 -26.73
CA THR A 537 7.32 1.05 -26.53
C THR A 537 7.84 0.29 -25.32
N TYR A 538 9.16 0.24 -25.15
CA TYR A 538 9.69 -0.48 -24.00
C TYR A 538 9.31 0.28 -22.75
N ILE A 539 9.49 1.58 -22.85
CA ILE A 539 9.28 2.53 -21.79
C ILE A 539 7.84 2.76 -21.35
N LEU A 540 6.87 2.87 -22.26
CA LEU A 540 5.59 3.19 -21.67
C LEU A 540 4.57 2.07 -21.75
N LEU A 541 4.48 1.39 -22.88
CA LEU A 541 3.49 0.32 -22.96
C LEU A 541 3.82 -0.88 -22.07
N LEU A 542 5.05 -1.36 -22.15
CA LEU A 542 5.42 -2.56 -21.40
C LEU A 542 5.38 -2.33 -19.89
N ASN A 543 5.97 -1.23 -19.47
CA ASN A 543 5.91 -0.83 -18.07
C ASN A 543 4.49 -0.52 -17.63
N MET A 544 3.72 0.13 -18.51
CA MET A 544 2.35 0.50 -18.20
C MET A 544 1.53 -0.76 -18.13
N LEU A 545 1.74 -1.70 -19.03
CA LEU A 545 1.00 -2.93 -18.84
C LEU A 545 1.46 -3.67 -17.57
N ILE A 546 2.78 -3.72 -17.39
CA ILE A 546 3.41 -4.40 -16.27
C ILE A 546 3.04 -3.76 -14.93
N ALA A 547 2.93 -2.44 -14.93
CA ALA A 547 2.49 -1.73 -13.73
C ALA A 547 1.06 -2.15 -13.40
N LEU A 548 0.25 -2.32 -14.44
CA LEU A 548 -1.13 -2.77 -14.29
C LEU A 548 -1.16 -4.18 -13.68
N MET A 549 -0.20 -4.99 -14.08
CA MET A 549 -0.17 -6.40 -13.68
C MET A 549 -0.04 -6.64 -12.17
N GLY A 550 0.79 -5.87 -11.45
CA GLY A 550 0.92 -6.16 -10.03
C GLY A 550 -0.43 -6.16 -9.35
N GLU A 551 -1.31 -5.24 -9.74
CA GLU A 551 -2.61 -5.07 -9.11
C GLU A 551 -3.53 -6.29 -9.24
N THR A 552 -3.60 -6.85 -10.45
CA THR A 552 -4.35 -8.08 -10.66
C THR A 552 -3.71 -9.21 -9.85
N VAL A 553 -2.38 -9.26 -9.85
CA VAL A 553 -1.68 -10.24 -9.03
C VAL A 553 -1.93 -10.00 -7.52
N ASN A 554 -1.87 -8.75 -7.10
CA ASN A 554 -2.11 -8.41 -5.70
C ASN A 554 -3.54 -8.71 -5.25
N LYS A 555 -4.50 -8.34 -6.08
CA LYS A 555 -5.91 -8.58 -5.78
C LYS A 555 -6.17 -10.08 -5.72
N ILE A 556 -5.57 -10.80 -6.66
CA ILE A 556 -5.72 -12.25 -6.72
C ILE A 556 -5.15 -12.85 -5.44
N ALA A 557 -4.02 -12.31 -4.98
CA ALA A 557 -3.43 -12.79 -3.74
C ALA A 557 -4.33 -12.53 -2.52
N GLN A 558 -4.93 -11.35 -2.43
CA GLN A 558 -5.83 -11.07 -1.30
C GLN A 558 -7.08 -11.96 -1.30
N GLU A 559 -7.65 -12.14 -2.48
CA GLU A 559 -8.75 -13.08 -2.71
C GLU A 559 -8.42 -14.54 -2.47
N SER A 560 -7.20 -14.94 -2.83
CA SER A 560 -6.86 -16.35 -3.08
C SER A 560 -7.04 -17.30 -1.89
N LYS A 561 -7.03 -16.89 -0.65
CA LYS A 561 -7.60 -17.92 0.22
C LYS A 561 -9.07 -18.16 -0.25
N ASN A 562 -9.82 -17.07 -0.43
CA ASN A 562 -11.23 -17.10 -0.87
C ASN A 562 -11.49 -17.59 -2.30
N ILE A 563 -10.67 -17.12 -3.23
CA ILE A 563 -10.80 -17.52 -4.61
C ILE A 563 -10.55 -19.02 -4.70
N TRP A 564 -9.53 -19.46 -3.97
CA TRP A 564 -9.15 -20.86 -4.00
C TRP A 564 -10.34 -21.63 -3.47
N LYS A 565 -10.99 -21.11 -2.44
CA LYS A 565 -12.20 -21.78 -1.96
C LYS A 565 -13.40 -21.87 -2.94
N LEU A 566 -13.76 -20.80 -3.64
CA LEU A 566 -14.99 -20.84 -4.49
C LEU A 566 -15.00 -21.79 -5.72
N GLN A 567 -13.90 -21.70 -6.45
CA GLN A 567 -13.43 -22.45 -7.61
C GLN A 567 -13.37 -23.94 -7.31
N ARG A 568 -12.88 -24.28 -6.12
CA ARG A 568 -12.85 -25.67 -5.71
C ARG A 568 -14.27 -26.18 -5.75
N ALA A 569 -15.16 -25.46 -5.09
CA ALA A 569 -16.55 -25.89 -4.98
C ALA A 569 -17.13 -26.16 -6.36
N ILE A 570 -16.79 -25.28 -7.31
CA ILE A 570 -17.25 -25.44 -8.68
C ILE A 570 -16.71 -26.74 -9.27
N THR A 571 -15.43 -27.01 -8.98
CA THR A 571 -14.81 -28.23 -9.47
C THR A 571 -15.51 -29.44 -8.90
N ILE A 572 -15.83 -29.39 -7.60
CA ILE A 572 -16.52 -30.50 -6.96
C ILE A 572 -17.92 -30.71 -7.56
N LEU A 573 -18.63 -29.60 -7.77
CA LEU A 573 -20.01 -29.67 -8.23
C LEU A 573 -20.12 -30.28 -9.63
N ASP A 574 -19.24 -29.86 -10.53
CA ASP A 574 -19.31 -30.36 -11.90
C ASP A 574 -19.05 -31.86 -11.93
N THR A 575 -18.06 -32.29 -11.16
CA THR A 575 -17.72 -33.70 -11.11
C THR A 575 -18.89 -34.48 -10.54
N GLU A 576 -19.52 -33.92 -9.52
CA GLU A 576 -20.64 -34.60 -8.89
C GLU A 576 -21.77 -34.76 -9.88
N LYS A 577 -22.04 -33.72 -10.64
CA LYS A 577 -23.08 -33.76 -11.66
C LYS A 577 -22.79 -34.79 -12.75
N SER A 578 -21.52 -34.86 -13.17
CA SER A 578 -21.12 -35.73 -14.25
C SER A 578 -20.64 -37.11 -13.80
N PHE A 579 -20.59 -37.34 -12.50
CA PHE A 579 -20.03 -38.58 -11.98
C PHE A 579 -21.06 -39.70 -12.06
N LEU A 580 -22.12 -39.46 -12.85
CA LEU A 580 -23.24 -40.36 -12.95
C LEU A 580 -24.26 -40.17 -11.82
N LYS A 581 -24.11 -39.12 -11.03
CA LYS A 581 -25.02 -38.92 -9.91
C LYS A 581 -25.01 -40.25 -9.18
N CYS A 582 -23.82 -40.82 -9.07
CA CYS A 582 -23.63 -42.13 -8.47
C CYS A 582 -23.89 -41.99 -6.99
N MET A 583 -24.11 -43.10 -6.31
CA MET A 583 -24.52 -43.03 -4.92
C MET A 583 -23.43 -42.23 -4.21
N ARG A 584 -23.87 -41.28 -3.40
CA ARG A 584 -22.99 -40.35 -2.73
C ARG A 584 -23.79 -39.79 -1.57
N LYS A 585 -23.15 -39.07 -0.67
CA LYS A 585 -23.88 -38.56 0.48
C LYS A 585 -25.02 -37.70 -0.05
N ALA A 586 -26.21 -37.94 0.49
CA ALA A 586 -27.41 -37.20 0.11
C ALA A 586 -28.67 -38.01 0.42
N UNK A 618 -27.50 -34.25 7.51
CA UNK A 618 -26.86 -33.63 8.67
C UNK A 618 -25.56 -32.91 8.30
N UNK A 619 -25.45 -31.65 8.70
CA UNK A 619 -24.24 -30.84 8.65
C UNK A 619 -24.27 -30.22 10.06
N UNK A 620 -23.07 -30.11 10.61
CA UNK A 620 -22.83 -29.47 11.88
C UNK A 620 -21.35 -29.17 11.86
N UNK A 621 -20.93 -28.18 12.63
CA UNK A 621 -19.52 -27.85 12.69
C UNK A 621 -19.07 -27.92 14.12
N UNK A 622 -17.97 -28.63 14.38
CA UNK A 622 -17.43 -28.64 15.72
C UNK A 622 -17.03 -27.21 15.99
N UNK A 623 -17.41 -26.71 17.16
CA UNK A 623 -17.13 -25.32 17.49
C UNK A 623 -16.71 -25.23 18.94
N UNK A 624 -15.93 -24.20 19.26
CA UNK A 624 -15.52 -23.98 20.63
C UNK A 624 -14.99 -22.59 20.95
N UNK A 625 -15.88 -21.60 20.98
CA UNK A 625 -15.45 -20.25 21.34
C UNK A 625 -16.21 -19.66 22.51
N UNK A 626 -15.46 -19.19 23.51
CA UNK A 626 -16.03 -18.55 24.69
C UNK A 626 -15.46 -17.15 24.94
N UNK A 627 -16.33 -16.16 25.13
CA UNK A 627 -17.78 -16.34 25.00
C UNK A 627 -18.38 -17.18 26.11
N UNK A 628 -17.63 -17.36 27.20
CA UNK A 628 -18.09 -18.14 28.33
C UNK A 628 -17.10 -18.09 29.49
N LEU B 1 -45.73 -49.89 35.88
CA LEU B 1 -44.54 -50.26 35.04
C LEU B 1 -43.86 -49.10 34.32
N TYR B 2 -42.56 -49.26 34.04
CA TYR B 2 -41.71 -48.23 33.41
C TYR B 2 -40.73 -48.85 32.41
N ASP B 3 -40.74 -48.36 31.16
CA ASP B 3 -39.64 -48.65 30.22
C ASP B 3 -38.71 -47.44 30.12
N ARG B 4 -37.60 -47.58 29.40
CA ARG B 4 -36.68 -46.45 29.25
C ARG B 4 -37.42 -45.20 28.74
N ARG B 5 -38.24 -45.39 27.70
CA ARG B 5 -38.97 -44.31 27.03
C ARG B 5 -39.87 -43.52 27.97
N SER B 6 -40.60 -44.23 28.82
CA SER B 6 -41.54 -43.67 29.79
C SER B 6 -40.88 -42.61 30.69
N ILE B 7 -39.72 -42.95 31.26
CA ILE B 7 -39.02 -42.05 32.18
C ILE B 7 -38.40 -40.88 31.44
N PHE B 8 -37.81 -41.16 30.28
CA PHE B 8 -37.10 -40.15 29.52
C PHE B 8 -38.02 -39.02 29.10
N ASP B 9 -39.28 -39.38 28.81
CA ASP B 9 -40.32 -38.40 28.51
C ASP B 9 -40.73 -37.60 29.74
N ALA B 10 -40.85 -38.29 30.87
CA ALA B 10 -41.20 -37.66 32.14
C ALA B 10 -40.17 -36.59 32.46
N VAL B 11 -38.90 -36.97 32.34
CA VAL B 11 -37.75 -36.11 32.60
C VAL B 11 -37.74 -34.86 31.69
N ALA B 12 -38.07 -35.08 30.42
CA ALA B 12 -38.08 -34.04 29.41
C ALA B 12 -38.93 -32.83 29.83
N GLN B 13 -40.00 -33.09 30.57
CA GLN B 13 -40.89 -32.00 30.97
C GLN B 13 -40.90 -31.69 32.46
N SER B 14 -39.86 -32.15 33.16
CA SER B 14 -39.67 -31.92 34.60
C SER B 14 -40.87 -32.35 35.46
N ASN B 15 -41.38 -33.53 35.15
CA ASN B 15 -42.55 -34.10 35.82
C ASN B 15 -42.17 -35.03 36.97
N CYS B 16 -42.38 -34.56 38.20
CA CYS B 16 -42.06 -35.36 39.39
C CYS B 16 -43.20 -36.27 39.83
N GLN B 17 -44.33 -36.19 39.14
CA GLN B 17 -45.46 -37.02 39.43
C GLN B 17 -45.43 -38.37 38.71
N GLU B 18 -45.25 -38.36 37.39
CA GLU B 18 -45.23 -39.62 36.65
C GLU B 18 -44.17 -40.58 37.21
N LEU B 19 -43.34 -40.05 38.09
CA LEU B 19 -42.29 -40.82 38.77
C LEU B 19 -42.65 -41.04 40.26
N GLU B 20 -43.91 -40.82 40.61
CA GLU B 20 -44.42 -41.23 41.91
C GLU B 20 -44.32 -42.74 42.09
N SER B 21 -44.78 -43.48 41.10
CA SER B 21 -44.81 -44.93 41.16
C SER B 21 -43.46 -45.56 40.74
N LEU B 22 -42.42 -44.74 40.66
CA LEU B 22 -41.12 -45.20 40.15
C LEU B 22 -40.39 -46.10 41.12
N LEU B 23 -39.98 -45.54 42.25
CA LEU B 23 -39.28 -46.30 43.28
C LEU B 23 -39.91 -47.68 43.53
N PRO B 24 -41.23 -47.73 43.81
CA PRO B 24 -41.82 -49.04 44.09
C PRO B 24 -41.80 -50.03 42.93
N PHE B 25 -41.63 -49.56 41.69
CA PHE B 25 -41.59 -50.47 40.52
C PHE B 25 -40.34 -51.38 40.50
N LEU B 26 -39.16 -50.78 40.62
CA LEU B 26 -37.93 -51.57 40.58
C LEU B 26 -37.57 -52.09 41.96
N GLN B 27 -38.57 -52.07 42.84
CA GLN B 27 -38.49 -52.73 44.12
C GLN B 27 -39.10 -54.10 43.92
N ARG B 28 -40.17 -54.16 43.14
CA ARG B 28 -40.88 -55.40 42.82
C ARG B 28 -40.02 -56.23 41.86
N SER B 29 -39.69 -55.62 40.73
CA SER B 29 -38.89 -56.26 39.69
C SER B 29 -37.41 -56.27 40.06
N LYS B 30 -37.08 -55.58 41.17
CA LYS B 30 -35.69 -55.41 41.62
C LYS B 30 -34.79 -54.94 40.49
N LYS B 31 -35.39 -54.25 39.51
CA LYS B 31 -34.62 -53.66 38.41
C LYS B 31 -33.82 -52.46 38.94
N ARG B 32 -32.74 -52.10 38.27
CA ARG B 32 -31.92 -50.97 38.73
C ARG B 32 -31.93 -49.85 37.73
N LEU B 33 -31.96 -48.62 38.25
CA LEU B 33 -31.99 -47.44 37.41
C LEU B 33 -30.78 -47.41 36.47
N THR B 34 -29.84 -48.32 36.75
CA THR B 34 -28.55 -48.40 36.08
C THR B 34 -28.46 -49.59 35.11
N ASP B 35 -29.51 -50.40 35.06
CA ASP B 35 -29.54 -51.57 34.18
C ASP B 35 -29.25 -51.18 32.74
N SER B 36 -28.62 -52.11 32.01
CA SER B 36 -28.42 -51.99 30.57
C SER B 36 -29.62 -51.34 29.85
N GLU B 37 -30.82 -51.80 30.23
CA GLU B 37 -32.09 -51.44 29.58
C GLU B 37 -32.53 -50.00 29.83
N PHE B 38 -31.93 -49.35 30.83
CA PHE B 38 -32.33 -47.99 31.20
C PHE B 38 -31.34 -46.95 30.69
N LYS B 39 -30.49 -47.37 29.75
CA LYS B 39 -29.54 -46.50 29.09
C LYS B 39 -29.74 -46.59 27.57
N ASP B 40 -29.45 -45.51 26.85
CA ASP B 40 -29.44 -45.58 25.39
C ASP B 40 -28.29 -46.50 24.97
N PRO B 41 -28.62 -47.60 24.26
CA PRO B 41 -27.67 -48.65 23.89
C PRO B 41 -26.47 -48.24 23.02
N GLU B 42 -26.35 -46.97 22.64
CA GLU B 42 -25.25 -46.56 21.76
C GLU B 42 -24.47 -45.39 22.29
N THR B 43 -25.04 -44.70 23.27
CA THR B 43 -24.40 -43.56 23.91
C THR B 43 -24.15 -43.79 25.38
N GLY B 44 -25.02 -44.58 26.02
CA GLY B 44 -24.88 -44.86 27.44
C GLY B 44 -25.53 -43.81 28.32
N LYS B 45 -26.39 -42.98 27.71
CA LYS B 45 -27.12 -41.93 28.42
C LYS B 45 -28.12 -42.55 29.38
N THR B 46 -28.23 -41.94 30.56
CA THR B 46 -29.17 -42.37 31.60
C THR B 46 -30.20 -41.27 31.77
N CYS B 47 -31.22 -41.55 32.56
CA CYS B 47 -32.27 -40.56 32.80
C CYS B 47 -31.71 -39.29 33.43
N LEU B 48 -30.81 -39.46 34.41
CA LEU B 48 -30.13 -38.33 35.02
C LEU B 48 -29.43 -37.46 33.97
N LEU B 49 -28.80 -38.12 33.00
CA LEU B 49 -28.14 -37.43 31.92
C LEU B 49 -29.14 -36.75 30.96
N LYS B 50 -30.23 -37.44 30.60
CA LYS B 50 -31.34 -36.81 29.86
C LYS B 50 -31.82 -35.56 30.61
N ALA B 51 -31.97 -35.69 31.94
CA ALA B 51 -32.36 -34.58 32.79
C ALA B 51 -31.34 -33.48 32.69
N MET B 52 -30.06 -33.84 32.56
CA MET B 52 -29.00 -32.84 32.49
C MET B 52 -29.07 -32.02 31.18
N LEU B 53 -29.58 -32.66 30.14
CA LEU B 53 -29.76 -32.01 28.84
C LEU B 53 -31.08 -31.21 28.81
N ASN B 54 -32.08 -31.77 29.47
CA ASN B 54 -33.38 -31.14 29.52
C ASN B 54 -33.50 -30.23 30.75
N LEU B 55 -32.67 -29.21 30.77
CA LEU B 55 -32.76 -28.16 31.75
C LEU B 55 -33.76 -27.10 31.31
N HIS B 56 -34.52 -26.58 32.28
CA HIS B 56 -35.31 -25.38 32.09
C HIS B 56 -34.91 -24.42 33.21
N ASN B 57 -34.42 -23.24 32.84
CA ASN B 57 -33.83 -22.28 33.80
C ASN B 57 -32.74 -22.85 34.74
N GLY B 58 -31.83 -23.63 34.16
CA GLY B 58 -30.80 -24.34 34.91
C GLY B 58 -31.32 -25.18 36.06
N GLN B 59 -32.55 -25.71 35.89
CA GLN B 59 -33.27 -26.44 36.95
C GLN B 59 -34.01 -27.68 36.45
N ASN B 60 -34.04 -28.69 37.31
CA ASN B 60 -34.76 -29.93 37.12
C ASN B 60 -34.70 -30.69 38.44
N ASP B 61 -35.89 -31.03 38.96
CA ASP B 61 -35.96 -31.73 40.24
C ASP B 61 -36.31 -33.20 40.00
N THR B 62 -36.46 -33.55 38.73
CA THR B 62 -36.42 -34.93 38.34
C THR B 62 -35.06 -35.50 38.75
N ILE B 63 -34.04 -34.64 38.69
CA ILE B 63 -32.70 -34.96 39.16
C ILE B 63 -32.73 -35.35 40.63
N ALA B 64 -33.15 -34.42 41.48
CA ALA B 64 -33.28 -34.65 42.92
C ALA B 64 -34.05 -35.94 43.26
N LEU B 65 -35.16 -36.15 42.57
CA LEU B 65 -35.93 -37.39 42.74
C LEU B 65 -35.16 -38.58 42.17
N LEU B 66 -34.54 -38.42 41.02
CA LEU B 66 -33.85 -39.53 40.38
C LEU B 66 -32.72 -40.04 41.23
N LEU B 67 -31.91 -39.12 41.74
CA LEU B 67 -30.84 -39.46 42.68
C LEU B 67 -31.40 -40.18 43.91
N ASP B 68 -32.39 -39.55 44.54
CA ASP B 68 -33.05 -40.09 45.72
C ASP B 68 -33.41 -41.58 45.53
N VAL B 69 -34.00 -41.89 44.38
CA VAL B 69 -34.37 -43.26 44.03
C VAL B 69 -33.14 -44.17 43.95
N ALA B 70 -32.01 -43.63 43.50
CA ALA B 70 -30.82 -44.44 43.26
C ALA B 70 -30.12 -44.86 44.54
N ARG B 71 -30.30 -44.07 45.61
CA ARG B 71 -29.73 -44.36 46.93
C ARG B 71 -30.57 -45.39 47.65
N LYS B 72 -31.89 -45.26 47.53
CA LYS B 72 -32.85 -46.20 48.08
C LYS B 72 -32.60 -47.61 47.56
N THR B 73 -32.05 -47.69 46.35
CA THR B 73 -31.48 -48.95 45.85
C THR B 73 -29.95 -48.89 45.86
N ASP B 74 -29.41 -47.75 46.26
CA ASP B 74 -27.96 -47.59 46.36
C ASP B 74 -27.29 -47.87 45.02
N SER B 75 -28.04 -47.69 43.93
CA SER B 75 -27.46 -47.58 42.63
C SER B 75 -26.60 -46.33 42.70
N LEU B 76 -26.68 -45.65 43.85
CA LEU B 76 -26.27 -44.25 43.95
C LEU B 76 -24.96 -43.88 43.27
N LYS B 77 -23.86 -44.51 43.65
CA LYS B 77 -22.55 -44.06 43.12
C LYS B 77 -22.39 -44.26 41.61
N GLN B 78 -22.69 -45.47 41.13
CA GLN B 78 -22.50 -45.79 39.70
C GLN B 78 -23.54 -45.09 38.83
N PHE B 79 -24.60 -44.63 39.46
CA PHE B 79 -25.65 -43.90 38.77
C PHE B 79 -25.18 -42.48 38.44
N VAL B 80 -24.77 -41.76 39.48
CA VAL B 80 -24.24 -40.40 39.36
C VAL B 80 -22.93 -40.36 38.55
N ASN B 81 -22.29 -41.51 38.40
CA ASN B 81 -21.00 -41.59 37.70
C ASN B 81 -20.98 -42.29 36.36
N ALA B 82 -22.15 -42.58 35.80
CA ALA B 82 -22.20 -43.25 34.51
C ALA B 82 -21.75 -42.31 33.38
N SER B 83 -21.00 -42.83 32.42
CA SER B 83 -20.43 -42.00 31.37
C SER B 83 -20.90 -42.37 29.97
N TYR B 84 -20.82 -41.42 29.05
CA TYR B 84 -21.10 -41.64 27.63
C TYR B 84 -20.09 -42.63 27.04
N THR B 85 -20.52 -43.41 26.06
CA THR B 85 -19.63 -44.41 25.46
C THR B 85 -19.44 -44.28 23.93
N ASP B 86 -20.24 -43.45 23.30
CA ASP B 86 -20.08 -43.15 21.88
C ASP B 86 -18.78 -42.36 21.69
N SER B 87 -18.15 -42.51 20.53
CA SER B 87 -16.90 -41.81 20.23
C SER B 87 -16.97 -40.30 20.47
N TYR B 88 -18.16 -39.73 20.33
CA TYR B 88 -18.30 -38.30 20.46
C TYR B 88 -18.13 -37.77 21.91
N TYR B 89 -19.06 -38.15 22.79
CA TYR B 89 -19.11 -37.58 24.14
C TYR B 89 -18.41 -38.49 25.18
N LYS B 90 -17.70 -39.51 24.69
CA LYS B 90 -17.12 -40.57 25.51
C LYS B 90 -16.61 -40.06 26.83
N GLY B 91 -17.01 -40.72 27.91
CA GLY B 91 -16.50 -40.42 29.24
C GLY B 91 -17.10 -39.21 29.93
N GLN B 92 -18.04 -38.55 29.24
CA GLN B 92 -18.79 -37.47 29.87
C GLN B 92 -19.79 -37.99 30.89
N THR B 93 -19.75 -37.35 32.07
CA THR B 93 -20.60 -37.64 33.23
C THR B 93 -21.54 -36.46 33.45
N ALA B 94 -22.54 -36.63 34.30
CA ALA B 94 -23.41 -35.52 34.67
C ALA B 94 -22.61 -34.32 35.23
N LEU B 95 -21.60 -34.57 36.05
CA LEU B 95 -20.80 -33.44 36.58
C LEU B 95 -20.16 -32.58 35.49
N HIS B 96 -19.72 -33.23 34.39
CA HIS B 96 -19.15 -32.48 33.30
C HIS B 96 -20.19 -31.50 32.83
N ILE B 97 -21.39 -31.98 32.59
CA ILE B 97 -22.47 -31.16 32.04
C ILE B 97 -22.82 -29.96 32.94
N ALA B 98 -22.84 -30.19 34.26
CA ALA B 98 -23.24 -29.15 35.24
C ALA B 98 -22.29 -27.99 35.14
N ILE B 99 -21.02 -28.34 34.90
CA ILE B 99 -19.97 -27.34 34.79
C ILE B 99 -20.09 -26.67 33.42
N GLU B 100 -20.18 -27.48 32.38
CA GLU B 100 -20.38 -26.92 31.07
C GLU B 100 -21.50 -25.89 31.09
N ARG B 101 -22.50 -26.11 31.92
CA ARG B 101 -23.62 -25.20 32.00
C ARG B 101 -23.44 -24.11 33.02
N ARG B 102 -22.29 -24.08 33.70
CA ARG B 102 -21.97 -23.02 34.68
C ARG B 102 -22.99 -22.97 35.84
N ASN B 103 -23.30 -24.15 36.38
CA ASN B 103 -24.39 -24.30 37.31
C ASN B 103 -23.85 -24.78 38.64
N MET B 104 -23.51 -23.82 39.51
CA MET B 104 -22.99 -24.14 40.85
C MET B 104 -23.88 -25.15 41.56
N THR B 105 -25.14 -24.77 41.69
CA THR B 105 -26.13 -25.58 42.36
C THR B 105 -26.10 -27.03 41.95
N LEU B 106 -25.98 -27.30 40.66
CA LEU B 106 -25.93 -28.69 40.20
C LEU B 106 -24.56 -29.33 40.35
N VAL B 107 -23.49 -28.55 40.25
CA VAL B 107 -22.17 -29.04 40.61
C VAL B 107 -22.26 -29.46 42.07
N THR B 108 -22.60 -28.51 42.95
CA THR B 108 -22.75 -28.77 44.37
C THR B 108 -23.55 -30.07 44.58
N LEU B 109 -24.73 -30.18 43.98
CA LEU B 109 -25.57 -31.32 44.26
C LEU B 109 -24.89 -32.64 43.88
N LEU B 110 -24.30 -32.66 42.68
CA LEU B 110 -23.66 -33.88 42.16
C LEU B 110 -22.49 -34.34 43.01
N VAL B 111 -21.62 -33.41 43.38
CA VAL B 111 -20.50 -33.67 44.29
C VAL B 111 -20.95 -34.25 45.68
N GLU B 112 -22.09 -33.77 46.17
CA GLU B 112 -22.63 -34.21 47.45
C GLU B 112 -23.24 -35.60 47.40
N ASN B 113 -23.78 -35.95 46.24
CA ASN B 113 -24.28 -37.31 46.04
C ASN B 113 -23.18 -38.13 45.34
N GLY B 114 -21.95 -37.64 45.44
CA GLY B 114 -20.78 -38.47 45.17
C GLY B 114 -20.28 -38.57 43.74
N ALA B 115 -20.52 -37.55 42.93
CA ALA B 115 -19.92 -37.47 41.60
C ALA B 115 -18.39 -37.56 41.68
N ASP B 116 -17.80 -38.39 40.81
CA ASP B 116 -16.36 -38.55 40.73
C ASP B 116 -15.78 -37.30 40.11
N VAL B 117 -14.91 -36.66 40.86
CA VAL B 117 -14.42 -35.36 40.50
C VAL B 117 -13.24 -35.48 39.53
N GLN B 118 -12.70 -36.68 39.41
CA GLN B 118 -11.56 -36.96 38.52
C GLN B 118 -11.95 -37.64 37.19
N ALA B 119 -13.25 -37.71 36.89
CA ALA B 119 -13.74 -38.40 35.70
C ALA B 119 -13.33 -37.64 34.45
N ALA B 120 -12.67 -38.34 33.52
CA ALA B 120 -12.17 -37.72 32.30
C ALA B 120 -13.13 -37.84 31.12
N ALA B 121 -13.63 -36.70 30.66
CA ALA B 121 -14.45 -36.63 29.47
C ALA B 121 -13.49 -36.56 28.31
N ASN B 122 -13.33 -37.67 27.57
CA ASN B 122 -12.23 -37.79 26.59
C ASN B 122 -12.63 -38.07 25.14
N GLY B 123 -13.93 -38.01 24.85
CA GLY B 123 -14.42 -38.27 23.51
C GLY B 123 -14.06 -37.16 22.57
N ASP B 124 -14.28 -37.36 21.26
CA ASP B 124 -13.92 -36.36 20.25
C ASP B 124 -14.55 -34.97 20.47
N PHE B 125 -15.64 -34.92 21.26
CA PHE B 125 -16.28 -33.66 21.56
C PHE B 125 -15.42 -32.81 22.49
N PHE B 126 -14.45 -33.45 23.13
CA PHE B 126 -13.58 -32.82 24.15
C PHE B 126 -12.12 -32.68 23.73
N LYS B 127 -11.87 -32.86 22.43
CA LYS B 127 -10.57 -32.63 21.79
C LYS B 127 -10.74 -31.65 20.64
N LYS B 128 -9.62 -31.25 20.03
CA LYS B 128 -9.60 -30.34 18.87
C LYS B 128 -10.42 -30.78 17.66
N THR B 129 -11.24 -29.85 17.20
CA THR B 129 -12.15 -29.95 16.05
C THR B 129 -11.58 -30.72 14.85
N LYS B 130 -12.41 -31.58 14.28
CA LYS B 130 -12.10 -32.28 13.05
C LYS B 130 -11.89 -31.37 11.81
N GLY B 131 -12.68 -30.31 11.63
CA GLY B 131 -13.62 -29.82 12.60
C GLY B 131 -14.75 -30.77 12.92
N ARG B 132 -15.01 -30.98 14.21
CA ARG B 132 -16.18 -31.72 14.65
C ARG B 132 -17.24 -30.73 15.12
N PRO B 133 -16.81 -29.79 15.97
CA PRO B 133 -15.49 -29.87 16.62
C PRO B 133 -15.57 -30.54 17.98
N GLY B 134 -14.56 -30.32 18.82
CA GLY B 134 -14.39 -29.04 19.48
C GLY B 134 -15.30 -28.90 20.70
N PHE B 135 -14.71 -28.98 21.88
CA PHE B 135 -13.60 -28.11 22.25
C PHE B 135 -12.87 -28.62 23.47
N TYR B 136 -11.54 -28.46 23.49
CA TYR B 136 -10.70 -29.17 24.44
C TYR B 136 -10.27 -28.35 25.65
N PHE B 137 -10.35 -28.95 26.83
CA PHE B 137 -10.11 -28.23 28.07
C PHE B 137 -9.50 -29.12 29.15
N GLY B 138 -8.58 -29.98 28.73
CA GLY B 138 -8.90 -31.39 28.51
C GLY B 138 -9.71 -31.84 29.70
N GLU B 139 -10.76 -32.60 29.44
CA GLU B 139 -10.99 -33.86 30.14
C GLU B 139 -11.53 -33.91 31.56
N LEU B 140 -10.83 -33.24 32.48
CA LEU B 140 -11.14 -33.34 33.91
C LEU B 140 -11.83 -32.10 34.43
N PRO B 141 -12.84 -32.30 35.32
CA PRO B 141 -13.71 -31.21 35.84
C PRO B 141 -12.98 -29.94 36.22
N LEU B 142 -11.94 -30.05 37.05
CA LEU B 142 -11.11 -28.90 37.39
C LEU B 142 -10.63 -28.18 36.14
N SER B 143 -10.09 -28.94 35.20
CA SER B 143 -9.50 -28.39 33.97
C SER B 143 -10.57 -27.62 33.19
N LEU B 144 -11.72 -28.26 33.04
CA LEU B 144 -12.89 -27.64 32.48
C LEU B 144 -13.19 -26.32 33.20
N ALA B 145 -13.35 -26.41 34.52
CA ALA B 145 -13.84 -25.29 35.30
C ALA B 145 -12.88 -24.11 35.17
N ALA B 146 -11.59 -24.39 34.99
CA ALA B 146 -10.63 -23.32 34.80
C ALA B 146 -10.68 -22.76 33.37
N CYS B 147 -10.59 -23.66 32.40
CA CYS B 147 -10.53 -23.27 30.99
C CYS B 147 -11.76 -22.48 30.55
N THR B 148 -12.83 -22.57 31.31
CA THR B 148 -14.04 -21.84 31.00
C THR B 148 -14.15 -20.65 31.92
N ASN B 149 -13.05 -20.34 32.62
CA ASN B 149 -12.99 -19.19 33.50
C ASN B 149 -14.10 -19.24 34.51
N GLN B 150 -14.08 -20.26 35.35
CA GLN B 150 -15.11 -20.36 36.36
C GLN B 150 -14.49 -20.59 37.73
N LEU B 151 -13.98 -19.50 38.30
CA LEU B 151 -13.16 -19.57 39.50
C LEU B 151 -13.86 -20.24 40.66
N ALA B 152 -15.08 -19.82 40.99
CA ALA B 152 -15.78 -20.33 42.19
C ALA B 152 -15.87 -21.84 42.21
N ILE B 153 -16.10 -22.41 41.04
CA ILE B 153 -16.22 -23.85 40.88
C ILE B 153 -14.84 -24.52 40.92
N VAL B 154 -13.83 -23.84 40.39
CA VAL B 154 -12.47 -24.30 40.59
C VAL B 154 -12.23 -24.43 42.10
N LYS B 155 -12.58 -23.38 42.84
CA LYS B 155 -12.42 -23.42 44.29
C LYS B 155 -13.23 -24.58 44.90
N PHE B 156 -14.54 -24.60 44.67
CA PHE B 156 -15.36 -25.67 45.21
C PHE B 156 -14.86 -27.05 44.84
N LEU B 157 -14.22 -27.21 43.69
CA LEU B 157 -13.75 -28.55 43.33
C LEU B 157 -12.62 -28.96 44.28
N LEU B 158 -11.66 -28.05 44.43
CA LEU B 158 -10.46 -28.27 45.24
C LEU B 158 -10.70 -28.21 46.75
N GLN B 159 -11.70 -27.44 47.16
CA GLN B 159 -11.92 -27.21 48.60
C GLN B 159 -13.05 -28.04 49.28
N ASN B 160 -14.03 -28.53 48.51
CA ASN B 160 -15.18 -29.27 49.07
C ASN B 160 -14.88 -30.43 50.04
N SER B 161 -15.87 -30.72 50.88
CA SER B 161 -15.78 -31.76 51.90
C SER B 161 -15.87 -33.15 51.31
N TRP B 162 -16.49 -33.27 50.14
CA TRP B 162 -16.92 -34.59 49.65
C TRP B 162 -15.85 -35.29 48.84
N GLN B 163 -15.29 -34.60 47.86
CA GLN B 163 -14.09 -35.09 47.21
C GLN B 163 -13.32 -33.92 46.66
N PRO B 164 -12.16 -33.61 47.28
CA PRO B 164 -11.36 -32.52 46.77
C PRO B 164 -10.70 -32.98 45.48
N ALA B 165 -10.63 -32.09 44.49
CA ALA B 165 -9.98 -32.40 43.22
C ALA B 165 -8.49 -32.63 43.43
N ASP B 166 -7.92 -33.59 42.70
CA ASP B 166 -6.47 -33.76 42.65
C ASP B 166 -5.93 -32.65 41.75
N ILE B 167 -5.31 -31.64 42.34
CA ILE B 167 -4.85 -30.48 41.57
C ILE B 167 -3.75 -30.77 40.56
N SER B 168 -3.11 -31.93 40.67
CA SER B 168 -2.01 -32.24 39.76
C SER B 168 -2.33 -33.35 38.74
N ALA B 169 -3.59 -33.74 38.63
CA ALA B 169 -3.90 -34.86 37.74
C ALA B 169 -3.57 -34.45 36.31
N ARG B 170 -3.26 -35.45 35.48
CA ARG B 170 -2.91 -35.27 34.08
C ARG B 170 -4.00 -35.88 33.21
N ASP B 171 -4.43 -35.17 32.16
CA ASP B 171 -5.36 -35.74 31.14
C ASP B 171 -4.67 -36.71 30.18
N SER B 172 -5.42 -37.23 29.22
CA SER B 172 -4.89 -38.30 28.35
C SER B 172 -3.58 -37.91 27.67
N VAL B 173 -3.40 -36.61 27.45
CA VAL B 173 -2.24 -36.05 26.76
C VAL B 173 -1.09 -35.69 27.73
N GLY B 174 -1.34 -35.79 29.02
CA GLY B 174 -0.33 -35.51 30.04
C GLY B 174 -0.52 -34.14 30.63
N ASN B 175 -1.53 -33.44 30.13
CA ASN B 175 -1.73 -32.07 30.53
C ASN B 175 -2.41 -31.92 31.87
N THR B 176 -1.90 -31.00 32.67
CA THR B 176 -2.56 -30.63 33.89
C THR B 176 -3.37 -29.40 33.57
N VAL B 177 -4.05 -28.88 34.58
CA VAL B 177 -4.84 -27.66 34.44
C VAL B 177 -3.99 -26.51 33.96
N LEU B 178 -2.73 -26.46 34.40
CA LEU B 178 -1.84 -25.43 33.90
C LEU B 178 -1.53 -25.69 32.43
N HIS B 179 -1.25 -26.95 32.06
CA HIS B 179 -1.09 -27.23 30.64
C HIS B 179 -2.34 -26.84 29.83
N ALA B 180 -3.53 -27.29 30.26
CA ALA B 180 -4.77 -27.00 29.53
C ALA B 180 -5.00 -25.49 29.33
N LEU B 181 -4.70 -24.70 30.36
CA LEU B 181 -4.85 -23.25 30.31
C LEU B 181 -3.99 -22.64 29.19
N VAL B 182 -2.74 -23.11 29.13
CA VAL B 182 -1.80 -22.73 28.05
C VAL B 182 -2.41 -23.11 26.72
N GLU B 183 -3.09 -24.26 26.67
CA GLU B 183 -3.64 -24.72 25.39
C GLU B 183 -4.84 -23.87 24.99
N VAL B 184 -5.50 -23.30 25.98
CA VAL B 184 -6.74 -22.59 25.75
C VAL B 184 -6.51 -21.10 25.41
N ALA B 185 -5.27 -20.64 25.58
CA ALA B 185 -4.86 -19.29 25.18
C ALA B 185 -4.87 -19.13 23.68
N ASP B 186 -5.29 -17.95 23.22
CA ASP B 186 -5.37 -17.63 21.79
C ASP B 186 -4.78 -16.26 21.44
N ASN B 187 -3.94 -15.72 22.33
CA ASN B 187 -3.19 -14.48 22.12
C ASN B 187 -3.99 -13.19 21.94
N THR B 188 -5.26 -13.22 22.34
CA THR B 188 -6.05 -12.00 22.34
C THR B 188 -5.93 -11.41 23.74
N VAL B 189 -6.08 -10.10 23.84
CA VAL B 189 -5.79 -9.40 25.10
C VAL B 189 -6.64 -9.88 26.26
N ASP B 190 -7.96 -10.00 26.05
CA ASP B 190 -8.86 -10.51 27.09
C ASP B 190 -8.64 -11.99 27.38
N ASN B 191 -8.06 -12.72 26.43
CA ASN B 191 -7.76 -14.15 26.61
C ASN B 191 -6.62 -14.35 27.56
N THR B 192 -5.49 -13.73 27.23
CA THR B 192 -4.33 -13.64 28.10
C THR B 192 -4.79 -13.28 29.51
N LYS B 193 -5.47 -12.15 29.62
CA LYS B 193 -5.92 -11.65 30.91
C LYS B 193 -6.60 -12.71 31.75
N PHE B 194 -7.62 -13.38 31.22
CA PHE B 194 -8.32 -14.41 32.01
C PHE B 194 -7.48 -15.67 32.30
N VAL B 195 -6.72 -16.15 31.31
CA VAL B 195 -5.89 -17.34 31.51
C VAL B 195 -4.84 -17.04 32.54
N THR B 196 -4.23 -15.88 32.37
CA THR B 196 -3.12 -15.44 33.18
C THR B 196 -3.43 -15.49 34.70
N SER B 197 -4.63 -15.07 35.09
CA SER B 197 -4.95 -14.90 36.48
C SER B 197 -5.63 -16.15 37.02
N MET B 198 -6.31 -16.87 36.15
CA MET B 198 -6.79 -18.18 36.54
C MET B 198 -5.59 -19.07 36.83
N TYR B 199 -4.55 -18.91 36.03
CA TYR B 199 -3.27 -19.60 36.28
C TYR B 199 -2.76 -19.23 37.67
N ASN B 200 -2.57 -17.93 37.89
CA ASN B 200 -2.26 -17.34 39.19
C ASN B 200 -3.07 -17.96 40.31
N GLU B 201 -4.38 -17.97 40.12
CA GLU B 201 -5.29 -18.54 41.09
C GLU B 201 -5.02 -19.99 41.44
N ILE B 202 -4.70 -20.78 40.43
CA ILE B 202 -4.42 -22.19 40.63
C ILE B 202 -3.18 -22.37 41.48
N LEU B 203 -2.17 -21.56 41.19
CA LEU B 203 -0.92 -21.64 41.92
C LEU B 203 -1.15 -21.25 43.38
N ILE B 204 -1.84 -20.13 43.61
CA ILE B 204 -2.17 -19.67 44.96
C ILE B 204 -2.89 -20.77 45.75
N LEU B 205 -3.71 -21.56 45.05
CA LEU B 205 -4.48 -22.63 45.67
C LEU B 205 -3.60 -23.84 45.90
N GLY B 206 -2.66 -24.08 44.99
CA GLY B 206 -1.72 -25.16 45.13
C GLY B 206 -0.93 -24.96 46.39
N ALA B 207 -0.30 -23.78 46.49
CA ALA B 207 0.52 -23.39 47.63
C ALA B 207 -0.23 -23.29 48.97
N LYS B 208 -1.49 -22.89 48.92
CA LYS B 208 -2.31 -22.85 50.13
C LYS B 208 -2.60 -24.27 50.58
N LEU B 209 -3.22 -25.05 49.71
CA LEU B 209 -3.70 -26.40 50.02
C LEU B 209 -2.62 -27.48 50.09
N HIS B 210 -1.68 -27.48 49.15
CA HIS B 210 -0.71 -28.56 49.05
C HIS B 210 0.64 -28.02 48.69
N PRO B 211 1.39 -27.51 49.68
CA PRO B 211 2.58 -26.65 49.51
C PRO B 211 3.80 -27.35 48.91
N THR B 212 3.86 -28.67 49.12
CA THR B 212 4.98 -29.50 48.70
C THR B 212 5.06 -29.66 47.18
N LEU B 213 3.94 -29.43 46.50
CA LEU B 213 3.80 -29.74 45.07
C LEU B 213 4.41 -28.67 44.20
N LYS B 214 5.42 -29.05 43.44
CA LYS B 214 6.03 -28.14 42.48
C LYS B 214 5.27 -28.25 41.14
N LEU B 215 4.17 -27.52 41.06
CA LEU B 215 3.22 -27.63 39.96
C LEU B 215 3.79 -27.29 38.61
N GLU B 216 4.63 -26.26 38.53
CA GLU B 216 5.03 -25.77 37.23
C GLU B 216 6.11 -26.62 36.60
N GLU B 217 6.59 -27.60 37.36
CA GLU B 217 7.61 -28.51 36.86
C GLU B 217 7.04 -29.79 36.18
N ILE B 218 5.74 -30.02 36.34
CA ILE B 218 5.08 -31.24 35.82
C ILE B 218 4.94 -31.26 34.29
N THR B 219 5.54 -32.28 33.68
CA THR B 219 5.64 -32.47 32.21
C THR B 219 4.44 -33.21 31.60
N ASN B 220 3.91 -32.68 30.50
CA ASN B 220 2.86 -33.37 29.73
C ASN B 220 3.45 -34.55 28.96
N ARG B 221 2.64 -35.38 28.33
CA ARG B 221 3.21 -36.56 27.67
C ARG B 221 4.49 -36.23 26.90
N LYS B 222 4.48 -35.15 26.13
CA LYS B 222 5.60 -34.86 25.24
C LYS B 222 6.86 -34.34 25.93
N GLY B 223 6.85 -34.34 27.25
CA GLY B 223 7.98 -33.86 28.05
C GLY B 223 7.99 -32.37 28.36
N LEU B 224 6.84 -31.70 28.16
CA LEU B 224 6.77 -30.25 28.28
C LEU B 224 6.17 -29.79 29.60
N THR B 225 6.91 -28.94 30.31
CA THR B 225 6.33 -28.13 31.38
C THR B 225 5.33 -27.17 30.73
N PRO B 226 4.40 -26.61 31.53
CA PRO B 226 3.44 -25.62 31.02
C PRO B 226 4.14 -24.53 30.25
N LEU B 227 5.15 -23.91 30.87
CA LEU B 227 5.98 -22.91 30.19
C LEU B 227 6.44 -23.41 28.82
N ALA B 228 7.06 -24.58 28.80
CA ALA B 228 7.66 -25.04 27.55
C ALA B 228 6.64 -25.32 26.47
N LEU B 229 5.44 -25.76 26.86
CA LEU B 229 4.31 -25.86 25.95
C LEU B 229 3.95 -24.48 25.42
N ALA B 230 3.71 -23.53 26.32
CA ALA B 230 3.40 -22.17 25.93
C ALA B 230 4.27 -21.71 24.77
N ALA B 231 5.58 -21.96 24.92
CA ALA B 231 6.60 -21.50 23.99
C ALA B 231 6.66 -22.36 22.73
N SER B 232 6.38 -23.65 22.88
CA SER B 232 6.25 -24.53 21.71
C SER B 232 5.06 -24.11 20.84
N SER B 233 3.99 -23.57 21.44
CA SER B 233 2.80 -23.22 20.64
C SER B 233 2.54 -21.71 20.45
N GLY B 234 3.58 -20.90 20.61
CA GLY B 234 3.49 -19.44 20.39
C GLY B 234 2.39 -18.72 21.16
N LYS B 235 2.21 -19.13 22.41
CA LYS B 235 1.27 -18.52 23.33
C LYS B 235 2.00 -17.49 24.19
N ILE B 236 2.30 -16.36 23.55
CA ILE B 236 3.36 -15.47 23.98
C ILE B 236 3.01 -14.68 25.24
N GLY B 237 1.78 -14.16 25.26
CA GLY B 237 1.34 -13.32 26.39
C GLY B 237 1.50 -14.09 27.69
N VAL B 238 1.19 -15.39 27.61
CA VAL B 238 1.18 -16.27 28.75
C VAL B 238 2.60 -16.67 29.11
N LEU B 239 3.37 -17.06 28.10
CA LEU B 239 4.80 -17.23 28.26
C LEU B 239 5.42 -16.07 29.05
N ALA B 240 5.23 -14.86 28.55
CA ALA B 240 5.66 -13.65 29.26
C ALA B 240 5.13 -13.55 30.70
N TYR B 241 3.87 -13.94 30.88
CA TYR B 241 3.25 -13.94 32.20
C TYR B 241 3.90 -14.93 33.19
N ILE B 242 4.19 -16.13 32.70
CA ILE B 242 4.75 -17.20 33.53
C ILE B 242 6.16 -16.89 33.94
N LEU B 243 6.91 -16.23 33.06
CA LEU B 243 8.30 -15.99 33.39
C LEU B 243 8.41 -14.78 34.29
N GLN B 244 7.56 -13.79 34.01
CA GLN B 244 7.64 -12.48 34.60
C GLN B 244 6.49 -12.23 35.55
N ARG B 245 5.79 -13.29 35.93
CA ARG B 245 4.64 -13.14 36.79
C ARG B 245 5.15 -13.01 38.21
N GLU B 246 5.76 -11.87 38.48
CA GLU B 246 6.32 -11.58 39.79
C GLU B 246 5.19 -11.51 40.79
N ILE B 247 5.44 -12.07 41.97
CA ILE B 247 4.43 -12.11 43.03
C ILE B 247 4.93 -11.46 44.31
N HIS B 248 4.09 -10.63 44.92
CA HIS B 248 4.44 -10.07 46.22
C HIS B 248 3.33 -10.24 47.26
N GLU B 249 3.55 -11.18 48.19
CA GLU B 249 2.69 -11.39 49.34
C GLU B 249 3.47 -12.32 50.25
N PRO B 250 3.00 -12.58 51.46
CA PRO B 250 3.76 -13.53 52.28
C PRO B 250 3.85 -14.83 51.51
N GLU B 251 5.05 -15.40 51.42
CA GLU B 251 5.30 -16.61 50.65
C GLU B 251 5.42 -16.31 49.15
N CYS B 252 5.39 -15.03 48.81
CA CYS B 252 5.45 -14.58 47.41
C CYS B 252 6.75 -14.91 46.68
N ARG B 253 7.87 -14.76 47.38
CA ARG B 253 9.19 -14.81 46.77
C ARG B 253 9.51 -16.14 46.09
N HIS B 254 9.12 -17.24 46.71
CA HIS B 254 9.40 -18.57 46.17
C HIS B 254 8.72 -18.77 44.82
N LEU B 255 7.49 -18.29 44.71
CA LEU B 255 6.72 -18.35 43.46
C LEU B 255 7.21 -17.45 42.32
N SER B 256 7.58 -16.20 42.63
CA SER B 256 7.85 -15.20 41.61
C SER B 256 9.03 -15.48 40.70
N ARG B 257 8.85 -15.13 39.42
CA ARG B 257 9.91 -15.16 38.41
C ARG B 257 10.77 -13.91 38.32
N LYS B 258 10.14 -12.74 38.38
CA LYS B 258 10.82 -11.45 38.35
C LYS B 258 10.69 -10.61 39.62
N PHE B 259 11.83 -10.12 40.10
CA PHE B 259 11.86 -9.08 41.12
C PHE B 259 12.58 -7.86 40.51
N THR B 260 11.93 -6.70 40.58
CA THR B 260 12.54 -5.45 40.12
C THR B 260 12.55 -4.51 41.33
N GLU B 261 13.68 -3.88 41.63
CA GLU B 261 13.69 -2.92 42.73
C GLU B 261 14.71 -1.80 42.61
N TRP B 262 14.56 -0.85 41.68
CA TRP B 262 15.51 0.26 41.64
C TRP B 262 14.99 1.53 40.99
N ALA B 263 14.19 2.33 41.69
CA ALA B 263 13.54 3.48 41.04
C ALA B 263 14.00 4.88 41.44
N TYR B 264 14.34 5.69 40.44
CA TYR B 264 14.64 7.11 40.62
C TYR B 264 13.55 7.93 39.94
N GLY B 265 13.33 9.14 40.45
CA GLY B 265 12.14 9.91 40.17
C GLY B 265 11.71 9.68 38.73
N PRO B 266 12.70 9.60 37.84
CA PRO B 266 12.43 9.32 36.41
C PRO B 266 11.96 7.91 36.12
N VAL B 267 12.56 6.96 36.81
CA VAL B 267 13.40 5.91 36.28
C VAL B 267 12.88 4.58 36.82
N HIS B 268 13.24 3.48 36.17
CA HIS B 268 12.83 2.18 36.66
C HIS B 268 13.80 1.09 36.27
N SER B 269 13.81 0.02 37.07
CA SER B 269 14.65 -1.13 36.80
C SER B 269 13.79 -2.37 36.96
N SER B 270 14.01 -3.36 36.09
CA SER B 270 13.28 -4.61 36.18
C SER B 270 14.25 -5.77 36.29
N LEU B 271 13.94 -6.73 37.16
CA LEU B 271 14.82 -7.88 37.39
C LEU B 271 14.13 -9.18 37.01
N TYR B 272 14.84 -10.05 36.27
CA TYR B 272 14.21 -11.28 35.76
C TYR B 272 14.92 -12.55 36.25
N ASP B 273 14.21 -13.67 36.40
CA ASP B 273 14.72 -14.65 37.38
C ASP B 273 16.13 -15.25 37.26
N LEU B 274 16.51 -15.84 36.13
CA LEU B 274 15.60 -16.24 35.08
C LEU B 274 15.76 -17.74 34.91
N SER B 275 14.64 -18.45 34.97
CA SER B 275 14.60 -19.91 34.83
C SER B 275 14.88 -20.42 33.42
N CYS B 276 14.41 -19.70 32.42
CA CYS B 276 14.41 -20.20 31.04
C CYS B 276 15.84 -20.48 30.59
N ILE B 277 16.75 -19.59 30.97
CA ILE B 277 18.16 -19.81 30.71
C ILE B 277 18.61 -21.08 31.44
N ASP B 278 18.11 -21.24 32.66
CA ASP B 278 18.46 -22.38 33.49
C ASP B 278 18.01 -23.71 32.87
N THR B 279 16.84 -23.75 32.25
CA THR B 279 16.39 -25.03 31.70
C THR B 279 17.41 -25.50 30.67
N CYS B 280 17.83 -26.75 30.78
CA CYS B 280 18.83 -27.30 29.86
C CYS B 280 18.51 -28.70 29.34
N GLU B 281 18.51 -29.68 30.23
CA GLU B 281 18.33 -31.07 29.83
C GLU B 281 16.97 -31.24 29.15
N LYS B 282 15.97 -30.59 29.71
CA LYS B 282 14.70 -30.39 29.04
C LYS B 282 14.94 -29.33 27.97
N ASN B 283 14.08 -29.28 26.96
CA ASN B 283 14.28 -28.32 25.88
C ASN B 283 14.19 -26.91 26.45
N SER B 284 13.26 -26.72 27.38
CA SER B 284 13.18 -25.50 28.17
C SER B 284 12.48 -24.36 27.44
N VAL B 285 12.16 -23.29 28.16
CA VAL B 285 11.55 -22.14 27.51
C VAL B 285 12.54 -21.50 26.54
N LEU B 286 13.77 -21.31 27.03
CA LEU B 286 14.81 -20.73 26.20
C LEU B 286 15.15 -21.64 25.04
N GLU B 287 15.26 -22.94 25.33
CA GLU B 287 15.63 -23.90 24.30
C GLU B 287 14.56 -23.95 23.22
N VAL B 288 13.30 -23.96 23.65
CA VAL B 288 12.19 -24.02 22.71
C VAL B 288 12.20 -22.75 21.86
N ILE B 289 12.44 -21.62 22.49
CA ILE B 289 12.43 -20.36 21.75
C ILE B 289 13.55 -20.36 20.70
N ALA B 290 14.71 -20.88 21.10
CA ALA B 290 15.87 -20.96 20.23
C ALA B 290 15.61 -21.87 19.05
N TYR B 291 15.11 -23.07 19.37
CA TYR B 291 14.78 -24.09 18.37
C TYR B 291 13.58 -23.85 17.47
N SER B 292 12.51 -23.29 18.04
CA SER B 292 11.19 -23.36 17.43
C SER B 292 11.12 -22.71 16.05
N SER B 293 10.44 -23.40 15.13
CA SER B 293 10.34 -22.92 13.75
C SER B 293 9.04 -23.29 13.05
N SER B 294 8.71 -22.49 12.04
CA SER B 294 7.59 -22.68 11.14
C SER B 294 6.22 -22.57 11.84
N GLU B 295 6.23 -22.19 13.11
CA GLU B 295 4.98 -22.00 13.84
C GLU B 295 4.21 -20.81 13.27
N THR B 296 4.94 -19.75 12.96
CA THR B 296 4.39 -18.53 12.36
C THR B 296 3.90 -17.51 13.39
N PRO B 297 3.93 -17.92 14.74
CA PRO B 297 3.61 -16.86 15.69
C PRO B 297 4.90 -16.39 16.36
N ASN B 298 6.03 -16.85 15.84
CA ASN B 298 7.32 -16.73 16.51
C ASN B 298 7.81 -15.32 16.76
N ARG B 299 7.66 -14.42 15.79
CA ARG B 299 8.22 -13.09 16.00
C ARG B 299 8.01 -12.63 17.44
N HIS B 300 6.81 -12.86 17.95
CA HIS B 300 6.41 -12.45 19.29
C HIS B 300 7.19 -13.13 20.41
N ASP B 301 7.41 -14.43 20.26
CA ASP B 301 8.03 -15.22 21.33
C ASP B 301 9.50 -14.85 21.47
N MET B 302 10.17 -14.67 20.34
CA MET B 302 11.57 -14.28 20.35
C MET B 302 11.74 -12.91 21.01
N LEU B 303 10.78 -12.03 20.73
CA LEU B 303 10.77 -10.66 21.19
C LEU B 303 10.66 -10.55 22.70
N LEU B 304 10.18 -11.63 23.34
CA LEU B 304 9.80 -11.58 24.74
C LEU B 304 10.97 -11.19 25.63
N VAL B 305 10.67 -10.35 26.62
CA VAL B 305 11.69 -9.76 27.48
C VAL B 305 11.15 -9.70 28.90
N GLU B 306 12.00 -9.35 29.86
CA GLU B 306 13.40 -8.99 29.62
C GLU B 306 14.32 -10.11 29.13
N PRO B 307 14.13 -11.37 29.74
CA PRO B 307 15.26 -12.30 29.48
C PRO B 307 15.49 -12.69 28.04
N LEU B 308 14.48 -13.05 27.27
CA LEU B 308 14.81 -13.55 25.95
C LEU B 308 15.53 -12.47 25.17
N ASN B 309 14.99 -11.26 25.17
CA ASN B 309 15.70 -10.13 24.58
C ASN B 309 16.93 -9.74 25.40
N ARG B 310 16.74 -9.66 26.71
CA ARG B 310 17.82 -9.29 27.62
C ARG B 310 18.90 -10.34 27.61
N LEU B 311 18.52 -11.61 27.66
CA LEU B 311 19.52 -12.67 27.78
C LEU B 311 20.46 -12.71 26.57
N LEU B 312 19.91 -12.54 25.39
CA LEU B 312 20.70 -12.62 24.16
C LEU B 312 21.77 -11.54 24.10
N GLN B 313 21.39 -10.32 24.50
CA GLN B 313 22.32 -9.20 24.48
C GLN B 313 23.50 -9.45 25.42
N ASP B 314 23.20 -10.00 26.59
CA ASP B 314 24.22 -10.34 27.57
C ASP B 314 25.15 -11.43 27.04
N LYS B 315 24.57 -12.43 26.38
CA LYS B 315 25.35 -13.53 25.83
C LYS B 315 26.32 -13.10 24.73
N TRP B 316 25.86 -12.18 23.88
CA TRP B 316 26.57 -11.80 22.65
C TRP B 316 27.36 -10.51 22.68
N ASP B 317 26.80 -9.48 23.32
CA ASP B 317 27.52 -8.23 23.39
C ASP B 317 28.82 -8.52 24.11
N ARG B 318 28.72 -9.31 25.19
CA ARG B 318 29.92 -9.63 25.96
C ARG B 318 30.97 -10.46 25.21
N PHE B 319 30.55 -11.51 24.49
CA PHE B 319 31.52 -12.36 23.79
C PHE B 319 31.11 -12.97 22.44
N VAL B 320 29.82 -13.19 22.23
CA VAL B 320 29.36 -13.98 21.09
C VAL B 320 29.70 -13.39 19.72
N LYS B 321 29.53 -12.09 19.59
CA LYS B 321 29.77 -11.38 18.34
C LYS B 321 31.20 -11.62 17.89
N ARG B 322 32.14 -11.60 18.83
CA ARG B 322 33.53 -11.86 18.51
C ARG B 322 33.73 -13.27 17.99
N ILE B 323 33.06 -14.23 18.61
CA ILE B 323 33.19 -15.64 18.24
C ILE B 323 32.71 -15.93 16.81
N PHE B 324 31.60 -15.30 16.42
CA PHE B 324 31.04 -15.56 15.09
C PHE B 324 31.92 -15.05 13.95
N TYR B 325 32.49 -13.86 14.11
CA TYR B 325 33.35 -13.29 13.08
C TYR B 325 34.57 -14.17 12.83
N PHE B 326 35.12 -14.73 13.90
CA PHE B 326 36.26 -15.62 13.77
C PHE B 326 35.84 -16.84 12.95
N ASN B 327 34.64 -17.34 13.20
CA ASN B 327 34.13 -18.47 12.44
C ASN B 327 33.97 -18.11 10.96
N PHE B 328 33.42 -16.93 10.72
CA PHE B 328 33.20 -16.46 9.36
C PHE B 328 34.52 -16.30 8.62
N PHE B 329 35.49 -15.67 9.28
CA PHE B 329 36.81 -15.46 8.69
C PHE B 329 37.52 -16.78 8.41
N VAL B 330 37.41 -17.73 9.33
CA VAL B 330 38.01 -19.03 9.16
C VAL B 330 37.39 -19.74 7.97
N TYR B 331 36.08 -19.62 7.82
CA TYR B 331 35.39 -20.24 6.70
C TYR B 331 35.87 -19.65 5.38
N CYS B 332 36.09 -18.34 5.37
CA CYS B 332 36.43 -17.63 4.14
C CYS B 332 37.72 -18.14 3.55
N LEU B 333 38.70 -18.39 4.41
CA LEU B 333 39.98 -18.92 3.97
C LEU B 333 39.78 -20.30 3.36
N TYR B 334 38.89 -21.09 3.95
CA TYR B 334 38.67 -22.43 3.43
C TYR B 334 38.20 -22.29 1.99
N MET B 335 37.34 -21.30 1.75
CA MET B 335 36.83 -21.05 0.41
C MET B 335 37.91 -20.62 -0.58
N ILE B 336 38.84 -19.77 -0.14
CA ILE B 336 39.90 -19.28 -1.03
C ILE B 336 40.76 -20.45 -1.49
N ILE B 337 41.05 -21.32 -0.54
CA ILE B 337 41.83 -22.53 -0.78
C ILE B 337 41.12 -23.53 -1.71
N PHE B 338 39.83 -23.77 -1.51
CA PHE B 338 39.11 -24.75 -2.32
C PHE B 338 39.08 -24.34 -3.80
N THR B 339 38.83 -23.06 -4.03
CA THR B 339 38.90 -22.44 -5.35
C THR B 339 40.32 -22.39 -5.91
N ALA B 340 41.31 -22.08 -5.06
CA ALA B 340 42.67 -21.92 -5.55
C ALA B 340 43.23 -23.20 -6.11
N ALA B 341 43.03 -24.30 -5.40
CA ALA B 341 43.50 -25.57 -5.90
C ALA B 341 42.73 -25.88 -7.17
N ALA B 342 41.42 -25.67 -7.13
CA ALA B 342 40.56 -25.97 -8.26
C ALA B 342 40.93 -25.07 -9.44
N TYR B 343 41.19 -23.80 -9.14
CA TYR B 343 41.57 -22.83 -10.17
C TYR B 343 42.88 -23.22 -10.83
N TYR B 344 43.82 -23.69 -10.03
CA TYR B 344 45.17 -24.00 -10.48
C TYR B 344 45.44 -25.49 -10.67
N ARG B 345 44.40 -26.29 -10.64
CA ARG B 345 44.56 -27.74 -10.74
C ARG B 345 45.23 -28.08 -12.07
N PRO B 346 46.08 -29.11 -12.04
CA PRO B 346 46.80 -29.53 -13.25
C PRO B 346 45.94 -30.38 -14.17
N VAL B 347 45.97 -30.08 -15.46
CA VAL B 347 45.15 -30.79 -16.44
C VAL B 347 45.47 -32.26 -16.54
N GLU B 348 46.76 -32.61 -16.50
CA GLU B 348 47.21 -34.00 -16.62
C GLU B 348 46.72 -34.57 -17.95
N GLY B 349 46.17 -35.78 -17.92
CA GLY B 349 46.18 -36.65 -16.75
C GLY B 349 44.96 -36.51 -15.86
N LEU B 350 44.69 -37.55 -15.07
CA LEU B 350 43.61 -37.48 -14.09
C LEU B 350 44.13 -37.80 -12.69
N PRO B 351 43.90 -36.90 -11.74
CA PRO B 351 44.28 -37.15 -10.36
C PRO B 351 45.77 -37.49 -10.26
N PRO B 352 46.08 -38.57 -9.54
CA PRO B 352 47.45 -39.09 -9.46
C PRO B 352 47.85 -39.76 -10.78
N TYR B 353 49.14 -39.87 -11.07
CA TYR B 353 50.20 -39.42 -10.17
C TYR B 353 50.32 -37.91 -10.07
N LYS B 354 50.62 -37.43 -8.87
CA LYS B 354 50.92 -36.02 -8.65
C LYS B 354 52.33 -35.93 -8.07
N LEU B 355 53.18 -35.11 -8.68
CA LEU B 355 54.58 -35.03 -8.29
C LEU B 355 54.77 -34.51 -6.88
N LYS B 356 54.01 -33.49 -6.51
CA LYS B 356 54.12 -32.89 -5.19
C LYS B 356 55.55 -32.43 -4.93
N ASN B 357 56.18 -31.89 -5.97
CA ASN B 357 57.57 -31.45 -5.86
C ASN B 357 57.75 -29.96 -6.10
N THR B 358 58.47 -29.32 -5.19
CA THR B 358 58.76 -27.88 -5.30
C THR B 358 57.60 -27.06 -4.74
N VAL B 359 57.77 -25.74 -4.76
CA VAL B 359 56.73 -24.84 -4.28
C VAL B 359 55.46 -24.94 -5.11
N GLY B 360 55.62 -25.02 -6.43
CA GLY B 360 54.48 -25.11 -7.33
C GLY B 360 53.68 -26.38 -7.13
N ASP B 361 54.39 -27.49 -6.95
CA ASP B 361 53.75 -28.77 -6.69
C ASP B 361 53.50 -28.95 -5.20
N TYR B 362 54.03 -28.03 -4.40
CA TYR B 362 53.91 -28.11 -2.96
C TYR B 362 52.76 -27.26 -2.40
N PHE B 363 52.60 -26.05 -2.93
CA PHE B 363 51.52 -25.17 -2.48
C PHE B 363 50.14 -25.70 -2.84
N ARG B 364 49.99 -26.15 -4.08
CA ARG B 364 48.71 -26.69 -4.55
C ARG B 364 48.29 -27.95 -3.81
N VAL B 365 49.25 -28.83 -3.54
CA VAL B 365 48.98 -30.07 -2.83
C VAL B 365 48.50 -29.84 -1.41
N THR B 366 49.07 -28.84 -0.75
CA THR B 366 48.62 -28.50 0.59
C THR B 366 47.18 -28.04 0.52
N GLY B 367 46.87 -27.23 -0.49
CA GLY B 367 45.52 -26.75 -0.66
C GLY B 367 44.50 -27.86 -0.86
N GLU B 368 44.86 -28.83 -1.69
CA GLU B 368 43.96 -29.93 -1.99
C GLU B 368 43.67 -30.75 -0.75
N ILE B 369 44.71 -31.03 0.03
CA ILE B 369 44.52 -31.73 1.29
C ILE B 369 43.71 -30.90 2.28
N LEU B 370 44.02 -29.60 2.32
CA LEU B 370 43.32 -28.71 3.24
C LEU B 370 41.84 -28.61 2.91
N SER B 371 41.51 -28.51 1.62
CA SER B 371 40.12 -28.42 1.19
C SER B 371 39.34 -29.67 1.53
N VAL B 372 39.91 -30.84 1.31
CA VAL B 372 39.22 -32.07 1.67
C VAL B 372 39.00 -32.13 3.18
N SER B 373 40.03 -31.74 3.92
CA SER B 373 39.99 -31.74 5.38
C SER B 373 38.90 -30.77 5.83
N GLY B 374 38.81 -29.65 5.13
CA GLY B 374 37.78 -28.67 5.39
C GLY B 374 36.44 -29.33 5.14
N GLY B 375 36.40 -30.17 4.11
CA GLY B 375 35.18 -30.87 3.76
C GLY B 375 34.70 -31.80 4.84
N VAL B 376 35.61 -32.50 5.50
CA VAL B 376 35.24 -33.47 6.54
C VAL B 376 34.50 -32.82 7.71
N TYR B 377 34.92 -31.62 8.09
CA TYR B 377 34.36 -30.98 9.27
C TYR B 377 32.87 -30.74 9.09
N PHE B 378 32.47 -30.31 7.90
CA PHE B 378 31.07 -30.09 7.60
C PHE B 378 30.28 -31.38 7.66
N PHE B 379 30.87 -32.46 7.17
CA PHE B 379 30.22 -33.76 7.16
C PHE B 379 30.04 -34.28 8.58
N PHE B 380 31.08 -34.15 9.39
CA PHE B 380 31.01 -34.53 10.80
C PHE B 380 30.02 -33.67 11.60
N ARG B 381 30.03 -32.37 11.35
CA ARG B 381 29.13 -31.44 12.04
C ARG B 381 27.68 -31.71 11.64
N GLY B 382 27.49 -31.97 10.35
CA GLY B 382 26.16 -32.24 9.82
C GLY B 382 25.49 -33.49 10.37
N ILE B 383 26.30 -34.54 10.53
CA ILE B 383 25.78 -35.82 10.98
C ILE B 383 25.18 -35.69 12.38
N GLN B 384 25.85 -34.92 13.22
CA GLN B 384 25.37 -34.68 14.57
C GLN B 384 24.02 -33.97 14.52
N TYR B 385 23.88 -33.03 13.59
CA TYR B 385 22.62 -32.32 13.42
C TYR B 385 21.51 -33.28 13.00
N PHE B 386 21.82 -34.17 12.06
CA PHE B 386 20.91 -35.27 11.76
C PHE B 386 20.78 -36.23 12.93
N LEU B 387 21.91 -36.50 13.59
CA LEU B 387 21.97 -37.40 14.73
C LEU B 387 21.29 -36.90 16.01
N GLN B 388 21.53 -35.63 16.35
CA GLN B 388 20.95 -35.07 17.57
C GLN B 388 19.43 -35.05 17.50
N ARG B 389 18.92 -34.72 16.32
CA ARG B 389 17.48 -34.62 16.07
C ARG B 389 17.11 -35.31 14.76
N ARG B 390 16.85 -36.62 14.84
CA ARG B 390 16.54 -37.41 13.66
C ARG B 390 15.25 -36.97 12.98
N PRO B 391 14.24 -36.63 13.77
CA PRO B 391 12.92 -36.26 13.21
C PRO B 391 13.00 -34.99 12.37
N SER B 392 12.28 -34.99 11.25
CA SER B 392 12.24 -33.86 10.32
C SER B 392 13.61 -33.20 10.16
N VAL B 398 13.00 -27.47 4.27
CA VAL B 398 12.71 -26.08 4.59
C VAL B 398 13.63 -25.56 5.69
N ASP B 399 13.20 -25.73 6.95
CA ASP B 399 13.97 -25.25 8.09
C ASP B 399 14.61 -26.41 8.86
N SER B 400 15.90 -26.32 9.16
CA SER B 400 16.71 -25.14 8.86
C SER B 400 17.28 -25.21 7.45
N TYR B 401 17.01 -24.16 6.67
CA TYR B 401 17.44 -24.09 5.28
C TYR B 401 18.96 -24.08 5.07
N SER B 402 19.68 -23.36 5.92
CA SER B 402 21.08 -23.07 5.62
C SER B 402 21.99 -24.22 6.05
N GLU B 403 21.70 -24.80 7.22
CA GLU B 403 22.49 -25.90 7.72
C GLU B 403 22.38 -27.01 6.68
N ILE B 404 21.19 -27.16 6.10
CA ILE B 404 20.94 -28.24 5.17
C ILE B 404 21.85 -28.12 3.95
N LEU B 405 22.02 -26.89 3.47
CA LEU B 405 22.88 -26.64 2.32
C LEU B 405 24.33 -27.00 2.61
N PHE B 406 24.78 -26.74 3.83
CA PHE B 406 26.17 -26.99 4.19
C PHE B 406 26.50 -28.46 4.07
N PHE B 407 25.57 -29.31 4.49
CA PHE B 407 25.74 -30.75 4.42
C PHE B 407 25.88 -31.22 2.96
N VAL B 408 25.07 -30.63 2.09
CA VAL B 408 25.05 -31.01 0.68
C VAL B 408 26.39 -30.75 -0.01
N GLN B 409 26.95 -29.58 0.25
CA GLN B 409 28.23 -29.17 -0.34
C GLN B 409 29.40 -30.02 0.14
N SER B 410 29.46 -30.27 1.44
CA SER B 410 30.54 -31.06 2.02
C SER B 410 30.52 -32.47 1.45
N LEU B 411 29.32 -33.02 1.31
CA LEU B 411 29.16 -34.34 0.72
C LEU B 411 29.63 -34.32 -0.72
N PHE B 412 29.34 -33.23 -1.42
CA PHE B 412 29.71 -33.13 -2.82
C PHE B 412 31.22 -33.21 -2.97
N MET B 413 31.93 -32.56 -2.06
CA MET B 413 33.38 -32.61 -2.04
C MET B 413 33.86 -34.04 -1.79
N LEU B 414 33.18 -34.73 -0.89
CA LEU B 414 33.53 -36.10 -0.55
C LEU B 414 33.37 -37.00 -1.76
N VAL B 415 32.31 -36.76 -2.53
CA VAL B 415 32.06 -37.53 -3.73
C VAL B 415 33.20 -37.33 -4.71
N SER B 416 33.67 -36.08 -4.81
CA SER B 416 34.81 -35.76 -5.67
C SER B 416 36.07 -36.48 -5.20
N VAL B 417 36.27 -36.52 -3.89
CA VAL B 417 37.47 -37.12 -3.33
C VAL B 417 37.53 -38.61 -3.63
N VAL B 418 36.40 -39.28 -3.49
CA VAL B 418 36.31 -40.70 -3.80
C VAL B 418 36.61 -40.89 -5.28
N LEU B 419 36.08 -39.99 -6.09
CA LEU B 419 36.34 -40.01 -7.52
C LEU B 419 37.82 -39.78 -7.82
N TYR B 420 38.42 -38.88 -7.07
CA TYR B 420 39.84 -38.57 -7.26
C TYR B 420 40.68 -39.79 -6.98
N PHE B 421 40.34 -40.52 -5.92
CA PHE B 421 41.01 -41.79 -5.63
C PHE B 421 40.71 -42.75 -6.78
N SER B 422 39.46 -42.72 -7.24
CA SER B 422 39.06 -43.42 -8.45
C SER B 422 39.78 -42.78 -9.63
N GLN B 423 39.94 -41.47 -9.56
CA GLN B 423 40.82 -40.74 -10.49
C GLN B 423 40.20 -40.42 -11.84
N ARG B 424 38.90 -40.67 -11.96
CA ARG B 424 38.17 -40.33 -13.17
C ARG B 424 38.14 -38.82 -13.37
N LYS B 425 38.28 -38.40 -14.63
CA LYS B 425 38.29 -36.99 -14.99
C LYS B 425 36.97 -36.31 -14.63
N GLU B 426 35.89 -37.07 -14.72
CA GLU B 426 34.54 -36.56 -14.52
C GLU B 426 34.39 -36.04 -13.10
N TYR B 427 35.28 -36.48 -12.22
CA TYR B 427 35.19 -36.12 -10.82
C TYR B 427 35.24 -34.60 -10.63
N VAL B 428 36.10 -33.92 -11.39
CA VAL B 428 36.06 -32.47 -11.36
C VAL B 428 34.66 -31.89 -11.29
N ALA B 429 33.84 -32.18 -12.29
CA ALA B 429 32.54 -31.52 -12.40
C ALA B 429 31.90 -31.46 -11.01
N SER B 430 32.00 -32.55 -10.27
CA SER B 430 31.44 -32.61 -8.92
C SER B 430 32.12 -31.61 -7.99
N MET B 431 33.44 -31.51 -8.11
CA MET B 431 34.21 -30.57 -7.31
C MET B 431 33.79 -29.14 -7.64
N VAL B 432 33.55 -28.90 -8.93
CA VAL B 432 33.19 -27.59 -9.41
C VAL B 432 31.89 -27.19 -8.77
N PHE B 433 30.96 -28.13 -8.62
CA PHE B 433 29.74 -27.83 -7.90
C PHE B 433 30.09 -27.46 -6.46
N SER B 434 31.04 -28.19 -5.88
CA SER B 434 31.45 -27.98 -4.49
C SER B 434 32.07 -26.60 -4.23
N LEU B 435 32.92 -26.14 -5.15
CA LEU B 435 33.57 -24.83 -4.98
C LEU B 435 32.62 -23.61 -4.99
N ALA B 436 31.67 -23.64 -5.90
CA ALA B 436 30.66 -22.61 -6.10
C ALA B 436 29.62 -22.66 -5.01
N MET B 437 29.19 -23.86 -4.66
CA MET B 437 28.18 -24.05 -3.63
C MET B 437 28.71 -23.54 -2.30
N GLY B 438 29.98 -23.81 -2.02
CA GLY B 438 30.55 -23.34 -0.78
C GLY B 438 30.56 -21.82 -0.73
N TRP B 439 30.92 -21.21 -1.86
CA TRP B 439 30.94 -19.76 -1.90
C TRP B 439 29.55 -19.19 -1.66
N THR B 440 28.54 -19.77 -2.29
CA THR B 440 27.16 -19.30 -2.12
C THR B 440 26.72 -19.47 -0.67
N ASN B 441 27.18 -20.56 -0.07
CA ASN B 441 26.98 -20.85 1.35
C ASN B 441 27.61 -19.81 2.27
N MET B 442 28.76 -19.30 1.86
CA MET B 442 29.57 -18.39 2.66
C MET B 442 28.79 -17.12 3.00
N LEU B 443 27.91 -16.72 2.10
CA LEU B 443 27.15 -15.49 2.24
C LEU B 443 26.25 -15.51 3.46
N TYR B 444 26.02 -16.71 3.99
CA TYR B 444 25.19 -16.97 5.17
C TYR B 444 25.75 -16.33 6.44
N TYR B 445 27.06 -16.30 6.56
CA TYR B 445 27.73 -15.89 7.79
C TYR B 445 27.38 -14.46 8.15
N THR B 446 26.95 -13.71 7.13
CA THR B 446 26.54 -12.33 7.31
C THR B 446 25.33 -12.28 8.24
N ARG B 447 24.63 -13.40 8.36
CA ARG B 447 23.39 -13.45 9.14
C ARG B 447 23.56 -13.10 10.62
N GLY B 448 22.54 -12.43 11.14
CA GLY B 448 22.52 -11.75 12.42
C GLY B 448 22.72 -10.25 12.27
N PHE B 449 22.76 -9.80 11.03
CA PHE B 449 22.95 -8.38 10.73
C PHE B 449 21.70 -7.86 10.03
N GLN B 450 21.15 -6.77 10.58
CA GLN B 450 19.79 -6.35 10.24
C GLN B 450 19.66 -6.00 8.77
N GLN B 451 20.61 -5.26 8.23
CA GLN B 451 20.59 -5.05 6.79
C GLN B 451 20.80 -6.40 6.14
N MET B 452 21.92 -7.03 6.50
CA MET B 452 22.34 -8.29 5.89
C MET B 452 21.40 -9.45 6.18
N GLY B 453 20.94 -9.54 7.41
CA GLY B 453 20.09 -10.64 7.81
C GLY B 453 18.82 -10.59 7.00
N ILE B 454 18.32 -9.40 6.70
CA ILE B 454 17.10 -9.33 5.89
C ILE B 454 17.31 -9.93 4.49
N TYR B 455 18.44 -9.65 3.85
CA TYR B 455 18.67 -10.12 2.49
C TYR B 455 18.74 -11.64 2.38
N ALA B 456 19.45 -12.26 3.31
CA ALA B 456 19.57 -13.71 3.28
C ALA B 456 18.21 -14.34 3.47
N VAL B 457 17.43 -13.78 4.38
CA VAL B 457 16.11 -14.32 4.66
C VAL B 457 15.25 -14.22 3.40
N MET B 458 15.33 -13.08 2.72
CA MET B 458 14.53 -12.90 1.53
C MET B 458 14.93 -13.89 0.44
N ILE B 459 16.24 -14.11 0.29
CA ILE B 459 16.70 -15.06 -0.71
C ILE B 459 16.21 -16.47 -0.39
N GLU B 460 16.26 -16.83 0.89
CA GLU B 460 15.80 -18.15 1.31
C GLU B 460 14.32 -18.30 1.00
N LYS B 461 13.56 -17.22 1.24
CA LYS B 461 12.14 -17.22 0.96
C LYS B 461 11.83 -17.40 -0.52
N MET B 462 12.60 -16.78 -1.39
CA MET B 462 12.34 -16.88 -2.83
C MET B 462 12.46 -18.32 -3.32
N ILE B 463 13.46 -19.02 -2.80
CA ILE B 463 13.82 -20.37 -3.17
C ILE B 463 13.00 -21.45 -2.46
N LEU B 464 12.70 -21.31 -1.18
CA LEU B 464 11.76 -22.28 -0.65
C LEU B 464 10.41 -22.12 -1.35
N ARG B 465 9.85 -20.91 -1.38
CA ARG B 465 8.49 -20.78 -1.91
C ARG B 465 8.34 -20.36 -3.37
N ASP B 466 8.57 -19.09 -3.65
CA ASP B 466 8.17 -18.53 -4.94
C ASP B 466 8.87 -19.14 -6.15
N LEU B 467 10.17 -19.31 -6.07
CA LEU B 467 10.89 -19.93 -7.18
C LEU B 467 10.43 -21.36 -7.33
N CYS B 468 10.32 -22.06 -6.19
CA CYS B 468 9.97 -23.47 -6.20
C CYS B 468 8.58 -23.65 -6.80
N ARG B 469 7.66 -22.79 -6.40
CA ARG B 469 6.31 -22.85 -6.95
C ARG B 469 6.28 -22.56 -8.45
N PHE B 470 6.98 -21.51 -8.87
CA PHE B 470 6.97 -21.16 -10.30
C PHE B 470 7.66 -22.19 -11.19
N MET B 471 8.73 -22.77 -10.65
CA MET B 471 9.55 -23.67 -11.40
C MET B 471 8.61 -24.76 -11.83
N PHE B 472 7.67 -25.13 -10.96
CA PHE B 472 6.73 -26.13 -11.45
C PHE B 472 5.92 -25.66 -12.66
N VAL B 473 5.37 -24.45 -12.57
CA VAL B 473 4.58 -23.87 -13.66
C VAL B 473 5.40 -23.57 -14.91
N TYR B 474 6.57 -22.97 -14.72
CA TYR B 474 7.44 -22.65 -15.84
C TYR B 474 7.89 -23.93 -16.49
N LEU B 475 8.17 -24.93 -15.67
CA LEU B 475 8.61 -26.21 -16.17
C LEU B 475 7.53 -26.83 -17.02
N VAL B 476 6.28 -26.74 -16.58
CA VAL B 476 5.19 -27.25 -17.40
C VAL B 476 5.07 -26.48 -18.72
N PHE B 477 5.08 -25.16 -18.65
CA PHE B 477 4.92 -24.38 -19.87
C PHE B 477 6.10 -24.63 -20.80
N LEU B 478 7.29 -24.61 -20.22
CA LEU B 478 8.49 -24.81 -21.00
C LEU B 478 8.50 -26.21 -21.60
N PHE B 479 8.16 -27.20 -20.78
CA PHE B 479 8.22 -28.57 -21.25
C PHE B 479 7.26 -28.79 -22.39
N GLY B 480 6.03 -28.29 -22.23
CA GLY B 480 5.03 -28.49 -23.25
C GLY B 480 5.46 -27.80 -24.52
N PHE B 481 5.98 -26.58 -24.40
CA PHE B 481 6.37 -25.85 -25.59
C PHE B 481 7.51 -26.55 -26.32
N SER B 482 8.45 -27.09 -25.54
CA SER B 482 9.59 -27.80 -26.09
C SER B 482 9.11 -29.02 -26.85
N THR B 483 8.15 -29.75 -26.27
CA THR B 483 7.63 -30.93 -26.93
C THR B 483 6.99 -30.53 -28.24
N ALA B 484 6.25 -29.43 -28.21
CA ALA B 484 5.57 -28.97 -29.41
C ALA B 484 6.59 -28.63 -30.49
N VAL B 485 7.66 -27.96 -30.11
CA VAL B 485 8.71 -27.63 -31.07
C VAL B 485 9.42 -28.86 -31.64
N VAL B 486 9.69 -29.85 -30.79
CA VAL B 486 10.46 -31.01 -31.20
C VAL B 486 9.77 -31.76 -32.31
N THR B 487 8.45 -31.92 -32.20
CA THR B 487 7.68 -32.53 -33.28
C THR B 487 7.66 -31.71 -34.57
N LEU B 488 7.51 -30.40 -34.42
CA LEU B 488 7.22 -29.50 -35.56
C LEU B 488 8.27 -29.38 -36.66
N ILE B 489 9.53 -29.32 -36.27
CA ILE B 489 10.64 -29.28 -37.21
C ILE B 489 11.95 -29.55 -36.47
N GLU B 490 12.61 -30.65 -36.81
CA GLU B 490 13.85 -31.00 -36.14
C GLU B 490 14.88 -29.91 -36.39
N ASP B 491 14.96 -29.45 -37.63
CA ASP B 491 15.80 -28.31 -37.96
C ASP B 491 17.23 -28.54 -37.48
N GLY B 492 17.83 -27.51 -36.90
CA GLY B 492 19.14 -27.61 -36.31
C GLY B 492 19.15 -27.16 -34.87
N LYS B 493 19.59 -28.05 -33.99
CA LYS B 493 19.75 -27.73 -32.57
C LYS B 493 18.42 -27.84 -31.86
N TYR B 494 17.36 -28.08 -32.63
CA TYR B 494 16.04 -28.31 -32.06
C TYR B 494 15.72 -29.79 -32.10
N ASN B 495 16.63 -30.57 -32.66
CA ASN B 495 16.45 -32.01 -32.78
C ASN B 495 16.36 -32.66 -31.40
N SER B 496 17.21 -32.19 -30.49
CA SER B 496 17.20 -32.71 -29.13
C SER B 496 16.26 -31.94 -28.22
N LEU B 497 15.62 -32.66 -27.31
CA LEU B 497 14.87 -32.04 -26.22
C LEU B 497 15.74 -31.36 -25.16
N TYR B 498 16.88 -31.97 -24.81
CA TYR B 498 17.77 -31.33 -23.85
C TYR B 498 18.32 -30.00 -24.37
N SER B 499 18.69 -29.97 -25.66
CA SER B 499 19.15 -28.76 -26.33
C SER B 499 18.03 -27.76 -26.58
N THR B 500 16.90 -28.26 -27.06
CA THR B 500 15.77 -27.42 -27.37
C THR B 500 15.25 -26.73 -26.11
N CYS B 501 15.22 -27.47 -25.01
CA CYS B 501 14.81 -26.91 -23.74
C CYS B 501 15.78 -25.80 -23.34
N LEU B 502 17.07 -26.05 -23.55
CA LEU B 502 18.09 -25.06 -23.26
C LEU B 502 17.88 -23.85 -24.15
N GLU B 503 17.53 -24.11 -25.40
CA GLU B 503 17.24 -23.03 -26.35
C GLU B 503 16.03 -22.25 -25.86
N LEU B 504 15.04 -22.95 -25.33
CA LEU B 504 13.80 -22.31 -24.89
C LEU B 504 13.98 -21.56 -23.57
N PHE B 505 14.76 -22.13 -22.67
CA PHE B 505 15.05 -21.49 -21.39
C PHE B 505 15.77 -20.17 -21.64
N LYS B 506 16.65 -20.16 -22.63
CA LYS B 506 17.40 -18.96 -22.96
C LYS B 506 16.41 -17.88 -23.36
N PHE B 507 15.38 -18.29 -24.09
CA PHE B 507 14.31 -17.38 -24.49
C PHE B 507 13.55 -16.84 -23.28
N THR B 508 13.29 -17.70 -22.29
CA THR B 508 12.56 -17.28 -21.11
C THR B 508 13.34 -16.29 -20.24
N ILE B 509 14.65 -16.50 -20.17
CA ILE B 509 15.55 -15.60 -19.46
C ILE B 509 15.54 -14.25 -20.13
N GLY B 510 15.12 -14.22 -21.39
CA GLY B 510 15.08 -13.01 -22.16
C GLY B 510 16.28 -12.75 -23.06
N MET B 511 17.18 -13.71 -23.14
CA MET B 511 18.25 -13.62 -24.13
C MET B 511 17.98 -14.61 -25.25
N GLY B 512 17.80 -14.07 -26.46
CA GLY B 512 17.49 -14.89 -27.62
C GLY B 512 17.85 -14.23 -28.93
N ASP B 513 17.98 -15.04 -29.97
CA ASP B 513 18.17 -14.53 -31.31
C ASP B 513 16.92 -14.92 -32.07
N LEU B 514 16.27 -13.95 -32.71
CA LEU B 514 14.91 -14.15 -33.17
C LEU B 514 14.69 -14.20 -34.68
N GLU B 515 13.83 -15.12 -35.09
CA GLU B 515 13.39 -15.27 -36.48
C GLU B 515 14.52 -15.52 -37.46
N PHE B 516 15.49 -16.33 -37.05
CA PHE B 516 16.55 -16.74 -37.97
C PHE B 516 15.90 -17.54 -39.10
N THR B 517 14.94 -18.38 -38.74
CA THR B 517 14.17 -19.13 -39.74
C THR B 517 15.03 -20.24 -40.34
N GLU B 518 16.19 -19.89 -40.87
CA GLU B 518 16.75 -20.60 -42.01
C GLU B 518 16.78 -22.10 -41.76
N ASN B 519 16.43 -22.84 -42.83
CA ASN B 519 16.11 -24.27 -42.78
C ASN B 519 14.87 -24.61 -41.93
N TYR B 520 13.86 -23.75 -42.00
CA TYR B 520 12.66 -23.90 -41.18
C TYR B 520 11.37 -24.13 -41.96
N ASP B 521 10.64 -25.14 -41.51
CA ASP B 521 9.38 -25.54 -42.13
C ASP B 521 8.23 -25.04 -41.26
N PHE B 522 7.20 -24.49 -41.90
CA PHE B 522 6.14 -23.82 -41.19
C PHE B 522 6.72 -22.66 -40.40
N LYS B 523 7.71 -22.00 -40.98
CA LYS B 523 8.36 -20.87 -40.33
C LYS B 523 7.36 -19.76 -40.08
N ALA B 524 6.50 -19.51 -41.07
CA ALA B 524 5.42 -18.55 -40.90
C ALA B 524 4.51 -19.08 -39.81
N VAL B 525 4.24 -20.38 -39.88
CA VAL B 525 3.55 -21.07 -38.81
C VAL B 525 4.42 -21.02 -37.56
N PHE B 526 5.71 -21.18 -37.77
CA PHE B 526 6.67 -21.27 -36.67
C PHE B 526 6.95 -19.93 -35.98
N ILE B 527 7.10 -18.87 -36.78
CA ILE B 527 7.38 -17.56 -36.21
C ILE B 527 6.22 -17.21 -35.29
N ILE B 528 5.02 -17.56 -35.73
CA ILE B 528 3.83 -17.31 -34.92
C ILE B 528 3.91 -18.06 -33.62
N LEU B 529 4.38 -19.30 -33.68
CA LEU B 529 4.51 -20.12 -32.48
C LEU B 529 5.51 -19.51 -31.51
N LEU B 530 6.60 -19.00 -32.04
CA LEU B 530 7.62 -18.34 -31.23
C LEU B 530 7.07 -17.08 -30.59
N LEU B 531 6.28 -16.33 -31.34
CA LEU B 531 5.66 -15.11 -30.82
C LEU B 531 4.71 -15.46 -29.69
N ALA B 532 3.98 -16.55 -29.86
CA ALA B 532 3.05 -17.01 -28.83
C ALA B 532 3.83 -17.35 -27.58
N TYR B 533 4.79 -18.25 -27.72
CA TYR B 533 5.46 -18.77 -26.53
C TYR B 533 6.35 -17.75 -25.84
N VAL B 534 7.16 -17.06 -26.63
CA VAL B 534 8.10 -16.13 -26.05
C VAL B 534 7.36 -14.99 -25.41
N ILE B 535 6.38 -14.45 -26.15
CA ILE B 535 5.71 -13.28 -25.64
C ILE B 535 5.00 -13.64 -24.36
N LEU B 536 4.27 -14.75 -24.37
CA LEU B 536 3.49 -15.10 -23.20
C LEU B 536 4.43 -15.32 -22.03
N THR B 537 5.51 -16.05 -22.28
CA THR B 537 6.39 -16.41 -21.18
C THR B 537 7.04 -15.18 -20.56
N TYR B 538 7.52 -14.25 -21.38
CA TYR B 538 8.15 -13.08 -20.82
C TYR B 538 7.09 -12.27 -20.10
N ILE B 539 5.97 -12.15 -20.78
CA ILE B 539 4.82 -11.37 -20.38
C ILE B 539 4.05 -11.88 -19.17
N LEU B 540 3.78 -13.19 -19.06
CA LEU B 540 2.94 -13.48 -17.91
C LEU B 540 3.63 -14.24 -16.81
N LEU B 541 4.43 -15.23 -17.15
CA LEU B 541 5.09 -15.97 -16.08
C LEU B 541 6.14 -15.15 -15.33
N LEU B 542 7.03 -14.50 -16.08
CA LEU B 542 8.13 -13.77 -15.44
C LEU B 542 7.64 -12.59 -14.62
N ASN B 543 6.73 -11.81 -15.21
CA ASN B 543 6.09 -10.72 -14.51
C ASN B 543 5.24 -11.23 -13.34
N MET B 544 4.53 -12.33 -13.57
CA MET B 544 3.67 -12.90 -12.53
C MET B 544 4.53 -13.43 -11.43
N LEU B 545 5.64 -14.09 -11.77
CA LEU B 545 6.49 -14.47 -10.63
C LEU B 545 7.09 -13.24 -9.94
N ILE B 546 7.55 -12.30 -10.78
CA ILE B 546 8.19 -11.07 -10.30
C ILE B 546 7.24 -10.20 -9.49
N ALA B 547 5.98 -10.16 -9.92
CA ALA B 547 4.95 -9.45 -9.17
C ALA B 547 4.79 -10.08 -7.80
N LEU B 548 4.86 -11.41 -7.76
CA LEU B 548 4.78 -12.16 -6.51
C LEU B 548 5.94 -11.80 -5.60
N MET B 549 7.11 -11.60 -6.21
CA MET B 549 8.33 -11.34 -5.46
C MET B 549 8.32 -10.10 -4.58
N GLY B 550 7.77 -8.97 -5.04
CA GLY B 550 7.83 -7.80 -4.19
C GLY B 550 7.24 -8.07 -2.82
N GLU B 551 6.16 -8.85 -2.78
CA GLU B 551 5.44 -9.13 -1.54
C GLU B 551 6.28 -9.89 -0.50
N THR B 552 6.99 -10.92 -0.94
CA THR B 552 7.90 -11.62 -0.06
C THR B 552 9.01 -10.68 0.39
N VAL B 553 9.52 -9.87 -0.54
CA VAL B 553 10.51 -8.87 -0.19
C VAL B 553 9.93 -7.81 0.77
N ASN B 554 8.71 -7.36 0.50
CA ASN B 554 8.06 -6.38 1.38
C ASN B 554 7.77 -6.91 2.77
N LYS B 555 7.25 -8.13 2.83
CA LYS B 555 6.94 -8.76 4.10
C LYS B 555 8.22 -8.98 4.90
N ILE B 556 9.26 -9.41 4.20
CA ILE B 556 10.55 -9.65 4.83
C ILE B 556 11.07 -8.33 5.39
N ALA B 557 10.88 -7.25 4.65
CA ALA B 557 11.29 -5.94 5.13
C ALA B 557 10.53 -5.52 6.39
N GLN B 558 9.22 -5.72 6.43
CA GLN B 558 8.43 -5.36 7.62
C GLN B 558 8.83 -6.17 8.86
N GLU B 559 9.03 -7.47 8.65
CA GLU B 559 9.54 -8.39 9.65
C GLU B 559 10.97 -8.10 10.11
N SER B 560 11.82 -7.67 9.19
CA SER B 560 13.27 -7.76 9.33
C SER B 560 13.87 -7.01 10.53
N LYS B 561 13.28 -5.99 11.09
CA LYS B 561 13.86 -5.73 12.40
C LYS B 561 13.67 -7.01 13.27
N ASN B 562 12.44 -7.52 13.28
CA ASN B 562 12.07 -8.72 14.04
C ASN B 562 12.68 -10.06 13.58
N ILE B 563 12.71 -10.25 12.27
CA ILE B 563 13.28 -11.47 11.70
C ILE B 563 14.76 -11.48 12.03
N TRP B 564 15.38 -10.31 11.90
CA TRP B 564 16.81 -10.21 12.16
C TRP B 564 17.02 -10.57 13.62
N LYS B 565 16.12 -10.11 14.48
CA LYS B 565 16.23 -10.51 15.88
C LYS B 565 16.09 -12.02 16.21
N LEU B 566 15.10 -12.73 15.64
CA LEU B 566 14.88 -14.15 16.05
C LEU B 566 15.96 -15.20 15.68
N GLN B 567 16.40 -15.08 14.44
CA GLN B 567 17.46 -15.78 13.71
C GLN B 567 18.80 -15.61 14.42
N ARG B 568 19.07 -14.40 14.89
CA ARG B 568 20.28 -14.16 15.64
C ARG B 568 20.28 -15.09 16.83
N ALA B 569 19.18 -15.06 17.57
CA ALA B 569 19.09 -15.85 18.80
C ALA B 569 19.38 -17.31 18.50
N ILE B 570 18.87 -17.79 17.37
CA ILE B 570 19.10 -19.17 16.96
C ILE B 570 20.58 -19.39 16.72
N THR B 571 21.23 -18.41 16.09
CA THR B 571 22.66 -18.50 15.82
C THR B 571 23.42 -18.57 17.13
N ILE B 572 23.04 -17.73 18.09
CA ILE B 572 23.70 -17.73 19.38
C ILE B 572 23.52 -19.06 20.11
N LEU B 573 22.30 -19.58 20.08
CA LEU B 573 21.97 -20.80 20.81
C LEU B 573 22.75 -22.01 20.31
N ASP B 574 22.83 -22.16 18.99
CA ASP B 574 23.51 -23.31 18.42
C ASP B 574 24.99 -23.29 18.80
N THR B 575 25.59 -22.11 18.69
CA THR B 575 26.99 -21.95 19.02
C THR B 575 27.20 -22.27 20.49
N GLU B 576 26.28 -21.81 21.32
CA GLU B 576 26.41 -22.04 22.75
C GLU B 576 26.36 -23.53 23.05
N LYS B 577 25.44 -24.22 22.39
CA LYS B 577 25.31 -25.66 22.56
C LYS B 577 26.56 -26.42 22.10
N SER B 578 27.12 -25.97 20.99
CA SER B 578 28.27 -26.66 20.39
C SER B 578 29.62 -26.11 20.85
N PHE B 579 29.60 -25.05 21.66
CA PHE B 579 30.85 -24.40 22.04
C PHE B 579 31.54 -25.18 23.15
N LEU B 580 31.10 -26.41 23.35
CA LEU B 580 31.57 -27.25 24.44
C LEU B 580 30.84 -26.97 25.76
N LYS B 581 29.77 -26.16 25.71
CA LYS B 581 29.08 -25.83 26.94
C LYS B 581 30.16 -25.34 27.87
N CYS B 582 31.08 -24.57 27.31
CA CYS B 582 32.25 -24.07 28.03
C CYS B 582 31.76 -23.06 29.02
N MET B 583 32.59 -22.73 30.00
CA MET B 583 32.12 -21.87 31.07
C MET B 583 31.64 -20.60 30.41
N ARG B 584 30.46 -20.16 30.84
CA ARG B 584 29.78 -19.02 30.25
C ARG B 584 28.79 -18.56 31.28
N LYS B 585 28.17 -17.40 31.08
CA LYS B 585 27.24 -16.90 32.07
C LYS B 585 26.16 -17.96 32.25
N ALA B 586 25.87 -18.27 33.51
CA ALA B 586 24.85 -19.25 33.87
C ALA B 586 25.10 -19.83 35.26
N UNK B 618 20.75 -13.25 37.13
CA UNK B 618 20.18 -11.90 37.11
C UNK B 618 20.05 -11.34 35.69
N UNK B 619 18.84 -10.87 35.37
CA UNK B 619 18.52 -10.12 34.17
C UNK B 619 17.68 -8.98 34.77
N UNK B 620 17.88 -7.81 34.19
CA UNK B 620 17.16 -6.61 34.53
C UNK B 620 17.39 -5.70 33.34
N UNK B 621 16.48 -4.77 33.11
CA UNK B 621 16.65 -3.84 32.01
C UNK B 621 16.61 -2.44 32.56
N UNK B 622 17.59 -1.62 32.20
CA UNK B 622 17.54 -0.23 32.61
C UNK B 622 16.32 0.33 31.93
N UNK B 623 15.51 1.06 32.69
CA UNK B 623 14.28 1.59 32.16
C UNK B 623 14.06 3.00 32.67
N UNK B 624 13.32 3.79 31.91
CA UNK B 624 13.01 5.14 32.33
C UNK B 624 11.86 5.81 31.61
N UNK B 625 10.63 5.38 31.88
CA UNK B 625 9.47 6.00 31.27
C UNK B 625 8.46 6.52 32.28
N UNK B 626 8.11 7.80 32.15
CA UNK B 626 7.09 8.43 32.99
C UNK B 626 5.96 9.07 32.20
N UNK B 627 4.71 8.76 32.56
CA UNK B 627 4.39 7.77 33.58
C UNK B 627 4.77 8.22 34.98
N UNK B 628 5.00 9.52 35.15
CA UNK B 628 5.35 10.08 36.44
C UNK B 628 5.44 11.60 36.40
N LEU C 1 23.73 -3.03 72.77
CA LEU C 1 24.64 -3.00 71.58
C LEU C 1 23.92 -3.08 70.21
N TYR C 2 24.57 -2.51 69.18
CA TYR C 2 24.02 -2.42 67.82
C TYR C 2 25.11 -2.66 66.76
N ASP C 3 24.90 -3.61 65.86
CA ASP C 3 25.70 -3.71 64.63
C ASP C 3 24.93 -3.14 63.44
N ARG C 4 25.57 -3.03 62.28
CA ARG C 4 24.88 -2.52 61.10
C ARG C 4 23.57 -3.28 60.85
N ARG C 5 23.64 -4.61 60.91
CA ARG C 5 22.52 -5.52 60.62
C ARG C 5 21.30 -5.26 61.51
N SER C 6 21.57 -5.08 62.81
CA SER C 6 20.55 -4.85 63.82
C SER C 6 19.63 -3.67 63.48
N ILE C 7 20.24 -2.54 63.12
CA ILE C 7 19.49 -1.32 62.81
C ILE C 7 18.75 -1.43 61.49
N PHE C 8 19.42 -2.00 60.50
CA PHE C 8 18.87 -2.11 59.15
C PHE C 8 17.59 -2.94 59.14
N ASP C 9 17.55 -3.95 60.01
CA ASP C 9 16.34 -4.76 60.20
C ASP C 9 15.24 -3.98 60.91
N ALA C 10 15.63 -3.21 61.92
CA ALA C 10 14.69 -2.36 62.67
C ALA C 10 14.00 -1.41 61.71
N VAL C 11 14.81 -0.76 60.88
CA VAL C 11 14.36 0.21 59.87
C VAL C 11 13.39 -0.41 58.86
N ALA C 12 13.70 -1.63 58.44
CA ALA C 12 12.93 -2.37 57.46
C ALA C 12 11.45 -2.47 57.86
N GLN C 13 11.18 -2.55 59.14
CA GLN C 13 9.81 -2.70 59.61
C GLN C 13 9.23 -1.50 60.36
N SER C 14 9.90 -0.36 60.20
CA SER C 14 9.48 0.91 60.83
C SER C 14 9.31 0.84 62.34
N ASN C 15 10.28 0.20 62.98
CA ASN C 15 10.28 -0.03 64.42
C ASN C 15 11.05 1.04 65.19
N CYS C 16 10.33 1.92 65.87
CA CYS C 16 10.96 3.00 66.64
C CYS C 16 11.32 2.60 68.07
N GLN C 17 10.99 1.36 68.44
CA GLN C 17 11.32 0.84 69.75
C GLN C 17 12.70 0.20 69.81
N GLU C 18 13.00 -0.73 68.90
CA GLU C 18 14.30 -1.40 68.94
C GLU C 18 15.45 -0.38 68.88
N LEU C 19 15.09 0.87 68.60
CA LEU C 19 16.03 1.99 68.54
C LEU C 19 15.85 2.92 69.76
N GLU C 20 15.13 2.45 70.76
CA GLU C 20 15.10 3.13 72.05
C GLU C 20 16.50 3.23 72.67
N SER C 21 17.20 2.11 72.69
CA SER C 21 18.52 2.04 73.30
C SER C 21 19.63 2.49 72.34
N LEU C 22 19.25 3.12 71.23
CA LEU C 22 20.20 3.47 70.19
C LEU C 22 21.12 4.63 70.58
N LEU C 23 20.53 5.81 70.72
CA LEU C 23 21.29 6.99 71.12
C LEU C 23 22.30 6.70 72.24
N PRO C 24 21.84 6.13 73.38
CA PRO C 24 22.79 5.88 74.46
C PRO C 24 23.94 4.92 74.13
N PHE C 25 23.78 4.08 73.11
CA PHE C 25 24.85 3.12 72.74
C PHE C 25 26.11 3.78 72.20
N LEU C 26 25.95 4.64 71.19
CA LEU C 26 27.10 5.31 70.58
C LEU C 26 27.45 6.59 71.34
N GLN C 27 26.93 6.67 72.56
CA GLN C 27 27.32 7.68 73.51
C GLN C 27 28.43 7.05 74.34
N ARG C 28 28.24 5.77 74.68
CA ARG C 28 29.21 5.00 75.47
C ARG C 28 30.44 4.71 74.61
N SER C 29 30.20 4.06 73.47
CA SER C 29 31.25 3.70 72.55
C SER C 29 31.70 4.88 71.71
N LYS C 30 30.98 6.00 71.85
CA LYS C 30 31.22 7.21 71.06
C LYS C 30 31.30 6.90 69.57
N LYS C 31 30.65 5.82 69.16
CA LYS C 31 30.56 5.46 67.75
C LYS C 31 29.63 6.45 67.04
N ARG C 32 29.79 6.61 65.73
CA ARG C 32 28.95 7.54 64.98
C ARG C 32 28.09 6.83 63.97
N LEU C 33 26.85 7.30 63.83
CA LEU C 33 25.91 6.71 62.91
C LEU C 33 26.47 6.71 61.48
N THR C 34 27.58 7.43 61.33
CA THR C 34 28.22 7.69 60.03
C THR C 34 29.52 6.89 59.85
N ASP C 35 29.92 6.15 60.90
CA ASP C 35 31.15 5.36 60.83
C ASP C 35 31.14 4.43 59.64
N SER C 36 32.35 4.17 59.12
CA SER C 36 32.58 3.16 58.08
C SER C 36 31.69 1.91 58.28
N GLU C 37 31.63 1.45 59.53
CA GLU C 37 30.99 0.19 59.92
C GLU C 37 29.46 0.22 59.84
N PHE C 38 28.89 1.42 59.74
CA PHE C 38 27.44 1.57 59.72
C PHE C 38 26.91 1.83 58.32
N LYS C 39 27.76 1.57 57.33
CA LYS C 39 27.40 1.69 55.93
C LYS C 39 27.70 0.38 55.22
N ASP C 40 26.92 0.05 54.18
CA ASP C 40 27.26 -1.09 53.33
C ASP C 40 28.58 -0.78 52.62
N PRO C 41 29.62 -1.63 52.87
CA PRO C 41 30.98 -1.43 52.36
C PRO C 41 31.16 -1.34 50.84
N GLU C 42 30.10 -1.48 50.05
CA GLU C 42 30.26 -1.48 48.59
C GLU C 42 29.34 -0.51 47.89
N THR C 43 28.34 -0.03 48.62
CA THR C 43 27.39 0.95 48.10
C THR C 43 27.44 2.24 48.87
N GLY C 44 27.73 2.16 50.15
CA GLY C 44 27.79 3.35 51.00
C GLY C 44 26.44 3.72 51.57
N LYS C 45 25.49 2.78 51.52
CA LYS C 45 24.14 2.97 52.05
C LYS C 45 24.20 3.08 53.57
N THR C 46 23.38 3.98 54.11
CA THR C 46 23.26 4.21 55.55
C THR C 46 21.87 3.78 55.98
N CYS C 47 21.63 3.76 57.27
CA CYS C 47 20.31 3.39 57.78
C CYS C 47 19.22 4.33 57.26
N LEU C 48 19.51 5.62 57.26
CA LEU C 48 18.59 6.61 56.70
C LEU C 48 18.22 6.26 55.26
N LEU C 49 19.22 5.83 54.49
CA LEU C 49 19.00 5.43 53.11
C LEU C 49 18.21 4.11 53.01
N LYS C 50 18.55 3.12 53.84
CA LYS C 50 17.71 1.90 53.95
C LYS C 50 16.25 2.29 54.26
N ALA C 51 16.08 3.24 55.20
CA ALA C 51 14.77 3.75 55.56
C ALA C 51 14.12 4.37 54.35
N MET C 52 14.92 5.01 53.49
CA MET C 52 14.38 5.69 52.31
C MET C 52 13.84 4.67 51.28
N LEU C 53 14.45 3.48 51.28
CA LEU C 53 14.01 2.40 50.40
C LEU C 53 12.84 1.63 51.02
N ASN C 54 12.89 1.49 52.34
CA ASN C 54 11.86 0.80 53.05
C ASN C 54 10.75 1.74 53.52
N LEU C 55 10.09 2.34 52.53
CA LEU C 55 8.91 3.14 52.78
C LEU C 55 7.66 2.26 52.83
N HIS C 56 6.76 2.59 53.74
CA HIS C 56 5.41 2.05 53.74
C HIS C 56 4.46 3.25 53.74
N ASN C 57 3.61 3.34 52.73
CA ASN C 57 2.75 4.52 52.50
C ASN C 57 3.48 5.89 52.49
N GLY C 58 4.62 5.93 51.79
CA GLY C 58 5.48 7.10 51.77
C GLY C 58 5.88 7.62 53.14
N GLN C 59 5.98 6.71 54.12
CA GLN C 59 6.21 7.05 55.53
C GLN C 59 7.19 6.12 56.24
N ASN C 60 7.94 6.72 57.15
CA ASN C 60 8.87 6.04 58.03
C ASN C 60 9.36 7.06 59.05
N ASP C 61 9.18 6.73 60.32
CA ASP C 61 9.55 7.64 61.41
C ASP C 61 10.83 7.14 62.07
N THR C 62 11.33 6.02 61.57
CA THR C 62 12.70 5.64 61.85
C THR C 62 13.61 6.75 61.32
N ILE C 63 13.18 7.38 60.22
CA ILE C 63 13.85 8.55 59.68
C ILE C 63 13.94 9.65 60.70
N ALA C 64 12.78 10.15 61.14
CA ALA C 64 12.68 11.20 62.17
C ALA C 64 13.53 10.90 63.41
N LEU C 65 13.49 9.65 63.88
CA LEU C 65 14.33 9.24 65.00
C LEU C 65 15.80 9.18 64.58
N LEU C 66 16.06 8.64 63.40
CA LEU C 66 17.43 8.48 62.95
C LEU C 66 18.15 9.81 62.84
N LEU C 67 17.48 10.77 62.20
CA LEU C 67 17.99 12.15 62.12
C LEU C 67 18.24 12.72 63.52
N ASP C 68 17.21 12.67 64.35
CA ASP C 68 17.26 13.16 65.73
C ASP C 68 18.54 12.68 66.44
N VAL C 69 18.85 11.39 66.30
CA VAL C 69 20.03 10.79 66.88
C VAL C 69 21.32 11.41 66.31
N ALA C 70 21.28 11.78 65.03
CA ALA C 70 22.48 12.26 64.35
C ALA C 70 22.87 13.67 64.76
N ARG C 71 21.89 14.46 65.21
CA ARG C 71 22.13 15.82 65.69
C ARG C 71 22.65 15.81 67.12
N LYS C 72 22.09 14.92 67.93
CA LYS C 72 22.53 14.71 69.30
C LYS C 72 24.02 14.34 69.35
N THR C 73 24.50 13.71 68.28
CA THR C 73 25.93 13.58 68.06
C THR C 73 26.41 14.52 66.96
N ASP C 74 25.47 15.26 66.37
CA ASP C 74 25.80 16.23 65.32
C ASP C 74 26.53 15.55 64.16
N SER C 75 26.31 14.26 64.00
CA SER C 75 26.65 13.58 62.77
C SER C 75 25.78 14.25 61.73
N LEU C 76 24.92 15.16 62.19
CA LEU C 76 23.74 15.59 61.43
C LEU C 76 23.98 15.88 59.95
N LYS C 77 24.87 16.81 59.62
CA LYS C 77 25.00 17.21 58.22
C LYS C 77 25.51 16.11 57.29
N GLN C 78 26.61 15.45 57.68
CA GLN C 78 27.23 14.42 56.83
C GLN C 78 26.39 13.15 56.80
N PHE C 79 25.48 13.03 57.75
CA PHE C 79 24.57 11.90 57.82
C PHE C 79 23.49 12.02 56.75
N VAL C 80 22.78 13.15 56.79
CA VAL C 80 21.73 13.46 55.82
C VAL C 80 22.29 13.63 54.39
N ASN C 81 23.61 13.83 54.28
CA ASN C 81 24.24 14.05 52.98
C ASN C 81 25.14 12.95 52.45
N ALA C 82 25.11 11.78 53.07
CA ALA C 82 25.94 10.67 52.60
C ALA C 82 25.43 10.13 51.26
N SER C 83 26.35 9.79 50.37
CA SER C 83 25.97 9.37 49.03
C SER C 83 26.41 7.94 48.69
N TYR C 84 25.72 7.34 47.73
CA TYR C 84 26.09 6.03 47.18
C TYR C 84 27.46 6.11 46.49
N THR C 85 28.21 5.01 46.52
CA THR C 85 29.54 5.01 45.91
C THR C 85 29.76 3.93 44.83
N ASP C 86 28.82 3.00 44.71
CA ASP C 86 28.89 2.00 43.66
C ASP C 86 28.62 2.69 42.32
N SER C 87 29.20 2.16 41.24
CA SER C 87 29.03 2.74 39.91
C SER C 87 27.58 2.99 39.52
N TYR C 88 26.67 2.19 40.08
CA TYR C 88 25.27 2.31 39.70
C TYR C 88 24.59 3.60 40.23
N TYR C 89 24.45 3.70 41.55
CA TYR C 89 23.67 4.77 42.16
C TYR C 89 24.54 5.96 42.62
N LYS C 90 25.82 5.93 42.21
CA LYS C 90 26.85 6.87 42.68
C LYS C 90 26.30 8.25 42.89
N GLY C 91 26.60 8.81 44.07
CA GLY C 91 26.24 10.20 44.36
C GLY C 91 24.80 10.45 44.74
N GLN C 92 23.99 9.39 44.75
CA GLN C 92 22.63 9.50 45.24
C GLN C 92 22.58 9.67 46.76
N THR C 93 21.80 10.67 47.17
CA THR C 93 21.55 11.05 48.57
C THR C 93 20.10 10.73 48.91
N ALA C 94 19.76 10.77 50.20
CA ALA C 94 18.37 10.62 50.62
C ALA C 94 17.44 11.63 49.92
N LEU C 95 17.86 12.87 49.76
CA LEU C 95 17.01 13.87 49.08
C LEU C 95 16.64 13.45 47.64
N HIS C 96 17.58 12.81 46.95
CA HIS C 96 17.29 12.34 45.61
C HIS C 96 16.10 11.41 45.70
N ILE C 97 16.18 10.45 46.61
CA ILE C 97 15.15 9.42 46.74
C ILE C 97 13.77 10.00 47.06
N ALA C 98 13.73 11.02 47.92
CA ALA C 98 12.46 11.63 48.38
C ALA C 98 11.74 12.20 47.22
N ILE C 99 12.53 12.76 46.30
CA ILE C 99 12.00 13.39 45.10
C ILE C 99 11.58 12.29 44.13
N GLU C 100 12.48 11.34 43.88
CA GLU C 100 12.15 10.22 43.06
C GLU C 100 10.81 9.63 43.47
N ARG C 101 10.52 9.67 44.76
CA ARG C 101 9.28 9.11 45.27
C ARG C 101 8.14 10.11 45.31
N ARG C 102 8.39 11.35 44.87
CA ARG C 102 7.35 12.39 44.81
C ARG C 102 6.74 12.69 46.20
N ASN C 103 7.62 12.85 47.19
CA ASN C 103 7.22 12.90 48.58
C ASN C 103 7.60 14.26 49.15
N MET C 104 6.68 15.22 49.05
CA MET C 104 6.91 16.56 49.59
C MET C 104 7.40 16.51 51.02
N THR C 105 6.60 15.88 51.86
CA THR C 105 6.87 15.74 53.27
C THR C 105 8.31 15.34 53.55
N LEU C 106 8.83 14.36 52.82
CA LEU C 106 10.20 13.94 53.05
C LEU C 106 11.25 14.85 52.41
N VAL C 107 10.90 15.48 51.28
CA VAL C 107 11.74 16.53 50.73
C VAL C 107 11.84 17.61 51.82
N THR C 108 10.68 18.15 52.21
CA THR C 108 10.62 19.16 53.24
C THR C 108 11.50 18.75 54.43
N LEU C 109 11.30 17.55 54.97
CA LEU C 109 12.01 17.18 56.17
C LEU C 109 13.53 17.19 55.95
N LEU C 110 13.98 16.61 54.85
CA LEU C 110 15.41 16.50 54.56
C LEU C 110 16.08 17.85 54.39
N VAL C 111 15.45 18.74 53.62
CA VAL C 111 15.92 20.13 53.46
C VAL C 111 16.05 20.90 54.81
N GLU C 112 15.13 20.63 55.74
CA GLU C 112 15.11 21.28 57.04
C GLU C 112 16.19 20.77 57.98
N ASN C 113 16.53 19.50 57.82
CA ASN C 113 17.65 18.94 58.57
C ASN C 113 18.91 19.01 57.70
N GLY C 114 18.87 19.86 56.69
CA GLY C 114 20.08 20.31 56.01
C GLY C 114 20.61 19.47 54.87
N ALA C 115 19.73 18.76 54.17
CA ALA C 115 20.10 18.08 52.92
C ALA C 115 20.69 19.07 51.91
N ASP C 116 21.82 18.69 51.29
CA ASP C 116 22.48 19.49 50.28
C ASP C 116 21.64 19.43 49.03
N VAL C 117 21.20 20.59 48.61
CA VAL C 117 20.24 20.71 47.54
C VAL C 117 20.94 20.66 46.17
N GLN C 118 22.25 20.80 46.18
CA GLN C 118 23.07 20.78 44.95
C GLN C 118 23.81 19.44 44.70
N ALA C 119 23.47 18.41 45.49
CA ALA C 119 24.17 17.12 45.41
C ALA C 119 23.83 16.43 44.09
N ALA C 120 24.87 16.05 43.35
CA ALA C 120 24.69 15.44 42.03
C ALA C 120 24.68 13.90 42.07
N ALA C 121 23.54 13.33 41.73
CA ALA C 121 23.43 11.89 41.59
C ALA C 121 23.89 11.56 40.19
N ASN C 122 25.11 11.00 40.08
CA ASN C 122 25.78 10.89 38.75
C ASN C 122 26.16 9.47 38.30
N GLY C 123 25.71 8.46 39.05
CA GLY C 123 26.02 7.09 38.70
C GLY C 123 25.29 6.64 37.46
N ASP C 124 25.64 5.47 36.94
CA ASP C 124 25.03 4.95 35.70
C ASP C 124 23.49 4.84 35.76
N PHE C 125 22.94 4.80 36.97
CA PHE C 125 21.49 4.73 37.13
C PHE C 125 20.83 6.05 36.74
N PHE C 126 21.64 7.11 36.66
CA PHE C 126 21.17 8.48 36.40
C PHE C 126 21.63 9.05 35.05
N LYS C 127 22.11 8.16 34.18
CA LYS C 127 22.46 8.48 32.79
C LYS C 127 21.71 7.52 31.87
N LYS C 128 21.84 7.75 30.55
CA LYS C 128 21.21 6.91 29.51
C LYS C 128 21.57 5.42 29.55
N THR C 129 20.50 4.63 29.52
CA THR C 129 20.49 3.16 29.54
C THR C 129 21.62 2.50 28.72
N LYS C 130 22.23 1.49 29.31
CA LYS C 130 23.20 0.65 28.63
C LYS C 130 22.67 -0.12 27.41
N GLY C 131 21.44 -0.67 27.46
CA GLY C 131 20.49 -0.44 28.52
C GLY C 131 20.93 -0.96 29.88
N ARG C 132 20.80 -0.10 30.89
CA ARG C 132 20.99 -0.53 32.28
C ARG C 132 19.63 -0.72 32.92
N PRO C 133 18.76 0.28 32.76
CA PRO C 133 19.17 1.58 32.23
C PRO C 133 19.52 2.56 33.34
N GLY C 134 19.50 3.86 33.02
CA GLY C 134 18.26 4.58 32.80
C GLY C 134 17.60 4.99 34.11
N PHE C 135 17.66 6.29 34.41
CA PHE C 135 17.16 7.31 33.49
C PHE C 135 17.67 8.69 33.88
N TYR C 136 17.98 9.51 32.89
CA TYR C 136 18.75 10.73 33.11
C TYR C 136 17.91 12.01 33.20
N PHE C 137 18.23 12.84 34.18
CA PHE C 137 17.41 14.02 34.45
C PHE C 137 18.26 15.18 35.00
N GLY C 138 19.45 15.36 34.42
CA GLY C 138 20.66 14.88 35.05
C GLY C 138 20.59 15.31 36.51
N GLU C 139 20.99 14.39 37.39
CA GLU C 139 21.94 14.72 38.44
C GLU C 139 21.53 15.52 39.69
N LEU C 140 21.00 16.71 39.46
CA LEU C 140 20.72 17.65 40.56
C LEU C 140 19.24 17.72 40.89
N PRO C 141 18.91 17.79 42.20
CA PRO C 141 17.53 17.75 42.72
C PRO C 141 16.53 18.60 41.94
N LEU C 142 16.84 19.87 41.72
CA LEU C 142 16.00 20.72 40.88
C LEU C 142 15.72 20.08 39.52
N SER C 143 16.79 19.61 38.88
CA SER C 143 16.71 19.04 37.54
C SER C 143 15.78 17.83 37.55
N LEU C 144 15.99 16.96 38.53
CA LEU C 144 15.12 15.85 38.79
C LEU C 144 13.67 16.33 38.94
N ALA C 145 13.46 17.27 39.86
CA ALA C 145 12.12 17.68 40.22
C ALA C 145 11.38 18.24 39.02
N ALA C 146 12.12 18.85 38.11
CA ALA C 146 11.49 19.37 36.89
C ALA C 146 11.21 18.25 35.88
N CYS C 147 12.26 17.48 35.58
CA CYS C 147 12.18 16.42 34.58
C CYS C 147 11.11 15.39 34.89
N THR C 148 10.68 15.33 36.14
CA THR C 148 9.65 14.39 36.53
C THR C 148 8.35 15.15 36.70
N ASN C 149 8.33 16.38 36.20
CA ASN C 149 7.11 17.19 36.24
C ASN C 149 6.59 17.33 37.64
N GLN C 150 7.39 17.93 38.51
CA GLN C 150 6.96 18.08 39.88
C GLN C 150 7.11 19.52 40.32
N LEU C 151 6.19 20.35 39.87
CA LEU C 151 6.31 21.81 40.02
C LEU C 151 6.49 22.26 41.45
N ALA C 152 5.62 21.79 42.36
CA ALA C 152 5.61 22.28 43.76
C ALA C 152 6.98 22.14 44.41
N ILE C 153 7.65 21.03 44.11
CA ILE C 153 8.96 20.73 44.65
C ILE C 153 10.04 21.56 43.95
N VAL C 154 9.85 21.79 42.66
CA VAL C 154 10.71 22.76 41.97
C VAL C 154 10.65 24.07 42.74
N LYS C 155 9.42 24.53 43.03
CA LYS C 155 9.25 25.77 43.77
C LYS C 155 9.92 25.67 45.14
N PHE C 156 9.54 24.70 45.94
CA PHE C 156 10.14 24.54 47.27
C PHE C 156 11.65 24.47 47.21
N LEU C 157 12.22 23.93 46.15
CA LEU C 157 13.68 23.84 46.12
C LEU C 157 14.29 25.24 46.02
N LEU C 158 13.75 26.01 45.07
CA LEU C 158 14.21 27.36 44.76
C LEU C 158 13.80 28.41 45.80
N GLN C 159 12.67 28.19 46.47
CA GLN C 159 12.13 29.20 47.38
C GLN C 159 12.37 28.99 48.90
N ASN C 160 12.63 27.76 49.34
CA ASN C 160 12.82 27.45 50.76
C ASN C 160 13.82 28.31 51.57
N SER C 161 13.59 28.36 52.88
CA SER C 161 14.39 29.14 53.81
C SER C 161 15.74 28.52 54.07
N TRP C 162 15.86 27.21 53.87
CA TRP C 162 17.02 26.47 54.38
C TRP C 162 18.17 26.44 53.42
N GLN C 163 17.91 26.05 52.18
CA GLN C 163 18.90 26.23 51.13
C GLN C 163 18.18 26.35 49.81
N PRO C 164 18.18 27.57 49.22
CA PRO C 164 17.54 27.73 47.93
C PRO C 164 18.42 27.08 46.89
N ALA C 165 17.81 26.41 45.92
CA ALA C 165 18.56 25.76 44.83
C ALA C 165 19.24 26.83 43.97
N ASP C 166 20.46 26.54 43.50
CA ASP C 166 21.11 27.36 42.49
C ASP C 166 20.45 27.06 41.16
N ILE C 167 19.60 27.97 40.69
CA ILE C 167 18.83 27.73 39.46
C ILE C 167 19.68 27.58 38.19
N SER C 168 20.94 27.96 38.24
CA SER C 168 21.78 27.91 37.04
C SER C 168 22.86 26.83 37.10
N ALA C 169 22.82 25.93 38.08
CA ALA C 169 23.90 24.98 38.21
C ALA C 169 23.90 24.07 36.98
N ARG C 170 25.07 23.54 36.66
CA ARG C 170 25.29 22.66 35.52
C ARG C 170 25.63 21.26 36.02
N ASP C 171 25.02 20.22 35.44
CA ASP C 171 25.40 18.81 35.72
C ASP C 171 26.72 18.40 35.04
N SER C 172 27.12 17.14 35.21
CA SER C 172 28.45 16.71 34.74
C SER C 172 28.66 17.00 33.25
N VAL C 173 27.56 17.01 32.50
CA VAL C 173 27.57 17.22 31.06
C VAL C 173 27.47 18.72 30.65
N GLY C 174 27.23 19.59 31.63
CA GLY C 174 27.14 21.02 31.39
C GLY C 174 25.70 21.47 31.35
N ASN C 175 24.80 20.51 31.53
CA ASN C 175 23.39 20.80 31.38
C ASN C 175 22.78 21.46 32.59
N THR C 176 21.96 22.46 32.34
CA THR C 176 21.17 23.05 33.40
C THR C 176 19.81 22.39 33.30
N VAL C 177 18.91 22.82 34.19
CA VAL C 177 17.54 22.31 34.21
C VAL C 177 16.86 22.52 32.87
N LEU C 178 17.16 23.64 32.21
CA LEU C 178 16.63 23.87 30.88
C LEU C 178 17.24 22.87 29.91
N HIS C 179 18.55 22.66 29.97
CA HIS C 179 19.14 21.61 29.13
C HIS C 179 18.49 20.23 29.40
N ALA C 180 18.41 19.83 30.68
CA ALA C 180 17.85 18.52 31.02
C ALA C 180 16.42 18.32 30.50
N LEU C 181 15.60 19.38 30.58
CA LEU C 181 14.23 19.34 30.11
C LEU C 181 14.17 19.02 28.61
N VAL C 182 15.05 19.70 27.85
CA VAL C 182 15.22 19.46 26.40
C VAL C 182 15.60 18.00 26.20
N GLU C 183 16.42 17.47 27.10
CA GLU C 183 16.89 16.10 26.92
C GLU C 183 15.78 15.10 27.22
N VAL C 184 14.85 15.52 28.05
CA VAL C 184 13.80 14.65 28.53
C VAL C 184 12.57 14.62 27.60
N ALA C 185 12.53 15.54 26.64
CA ALA C 185 11.52 15.57 25.60
C ALA C 185 11.63 14.38 24.67
N ASP C 186 10.48 13.85 24.24
CA ASP C 186 10.43 12.70 23.33
C ASP C 186 9.42 12.88 22.19
N ASN C 187 9.07 14.13 21.90
CA ASN C 187 8.21 14.51 20.77
C ASN C 187 6.78 13.97 20.75
N THR C 188 6.30 13.52 21.90
CA THR C 188 4.90 13.12 22.00
C THR C 188 4.14 14.33 22.50
N VAL C 189 2.87 14.42 22.17
CA VAL C 189 2.09 15.64 22.44
C VAL C 189 2.03 16.01 23.90
N ASP C 190 1.73 15.02 24.78
CA ASP C 190 1.70 15.27 26.23
C ASP C 190 3.08 15.53 26.80
N ASN C 191 4.14 15.07 26.11
CA ASN C 191 5.53 15.30 26.53
C ASN C 191 5.93 16.73 26.36
N THR C 192 5.79 17.21 25.12
CA THR C 192 5.96 18.60 24.77
C THR C 192 5.22 19.46 25.78
N LYS C 193 3.91 19.22 25.90
CA LYS C 193 3.06 19.99 26.78
C LYS C 193 3.66 20.16 28.17
N PHE C 194 4.03 19.08 28.85
CA PHE C 194 4.60 19.19 30.20
C PHE C 194 5.99 19.86 30.25
N VAL C 195 6.87 19.51 29.31
CA VAL C 195 8.22 20.08 29.30
C VAL C 195 8.11 21.57 29.03
N THR C 196 7.28 21.88 28.05
CA THR C 196 7.10 23.22 27.56
C THR C 196 6.76 24.23 28.69
N SER C 197 5.90 23.83 29.62
CA SER C 197 5.39 24.76 30.61
C SER C 197 6.19 24.67 31.88
N MET C 198 6.80 23.52 32.13
CA MET C 198 7.76 23.45 33.20
C MET C 198 8.93 24.34 32.85
N TYR C 199 9.30 24.37 31.58
CA TYR C 199 10.32 25.28 31.07
C TYR C 199 9.91 26.72 31.38
N ASN C 200 8.73 27.10 30.87
CA ASN C 200 8.06 28.36 31.19
C ASN C 200 8.14 28.71 32.66
N GLU C 201 7.75 27.75 33.49
CA GLU C 201 7.78 27.92 34.93
C GLU C 201 9.13 28.26 35.49
N ILE C 202 10.17 27.61 34.97
CA ILE C 202 11.53 27.84 35.43
C ILE C 202 11.96 29.25 35.11
N LEU C 203 11.61 29.70 33.91
CA LEU C 203 11.99 31.03 33.47
C LEU C 203 11.28 32.07 34.35
N ILE C 204 9.96 31.90 34.55
CA ILE C 204 9.19 32.80 35.41
C ILE C 204 9.82 32.91 36.80
N LEU C 205 10.38 31.81 37.27
CA LEU C 205 10.99 31.75 38.59
C LEU C 205 12.37 32.38 38.58
N GLY C 206 13.06 32.22 37.45
CA GLY C 206 14.37 32.83 37.27
C GLY C 206 14.22 34.32 37.36
N ALA C 207 13.34 34.87 36.52
CA ALA C 207 13.05 36.30 36.46
C ALA C 207 12.46 36.91 37.74
N LYS C 208 11.67 36.12 38.47
CA LYS C 208 11.13 36.58 39.73
C LYS C 208 12.26 36.67 40.76
N LEU C 209 12.91 35.53 40.99
CA LEU C 209 13.93 35.39 42.03
C LEU C 209 15.30 36.03 41.71
N HIS C 210 15.78 35.85 40.48
CA HIS C 210 17.14 36.30 40.16
C HIS C 210 17.17 36.88 38.77
N PRO C 211 16.78 38.15 38.61
CA PRO C 211 16.42 38.79 37.33
C PRO C 211 17.60 39.03 36.38
N THR C 212 18.79 39.13 36.96
CA THR C 212 20.03 39.42 36.23
C THR C 212 20.48 38.26 35.34
N LEU C 213 20.00 37.05 35.66
CA LEU C 213 20.49 35.81 35.05
C LEU C 213 19.88 35.57 33.69
N LYS C 214 20.72 35.56 32.66
CA LYS C 214 20.26 35.24 31.31
C LYS C 214 20.34 33.72 31.13
N LEU C 215 19.30 33.03 31.58
CA LEU C 215 19.27 31.58 31.66
C LEU C 215 19.40 30.88 30.33
N GLU C 216 18.77 31.41 29.29
CA GLU C 216 18.69 30.65 28.05
C GLU C 216 19.96 30.76 27.24
N GLU C 217 20.88 31.58 27.71
CA GLU C 217 22.17 31.73 27.05
C GLU C 217 23.27 30.77 27.53
N ILE C 218 23.01 30.07 28.65
CA ILE C 218 24.00 29.18 29.28
C ILE C 218 24.25 27.89 28.50
N THR C 219 25.51 27.70 28.10
CA THR C 219 25.98 26.59 27.25
C THR C 219 26.37 25.32 28.02
N ASN C 220 25.89 24.17 27.56
CA ASN C 220 26.30 22.86 28.12
C ASN C 220 27.74 22.53 27.69
N ARG C 221 28.35 21.48 28.22
CA ARG C 221 29.74 21.22 27.89
C ARG C 221 30.01 21.43 26.39
N LYS C 222 29.16 20.89 25.54
CA LYS C 222 29.44 20.88 24.09
C LYS C 222 29.26 22.24 23.40
N GLY C 223 29.01 23.28 24.19
CA GLY C 223 28.82 24.63 23.65
C GLY C 223 27.39 24.98 23.27
N LEU C 224 26.43 24.19 23.72
CA LEU C 224 25.04 24.33 23.29
C LEU C 224 24.17 25.03 24.30
N THR C 225 23.52 26.11 23.87
CA THR C 225 22.38 26.65 24.60
C THR C 225 21.27 25.61 24.57
N PRO C 226 20.28 25.72 25.49
CA PRO C 226 19.14 24.78 25.50
C PRO C 226 18.51 24.69 24.13
N LEU C 227 18.17 25.83 23.54
CA LEU C 227 17.66 25.87 22.17
C LEU C 227 18.53 25.05 21.23
N ALA C 228 19.82 25.31 21.21
CA ALA C 228 20.69 24.66 20.23
C ALA C 228 20.79 23.16 20.44
N LEU C 229 20.69 22.71 21.69
CA LEU C 229 20.58 21.29 22.01
C LEU C 229 19.28 20.76 21.42
N ALA C 230 18.16 21.40 21.76
CA ALA C 230 16.86 20.99 21.23
C ALA C 230 16.95 20.64 19.75
N ALA C 231 17.60 21.53 19.00
CA ALA C 231 17.72 21.45 17.54
C ALA C 231 18.75 20.43 17.10
N SER C 232 19.81 20.29 17.88
CA SER C 232 20.79 19.22 17.63
C SER C 232 20.15 17.84 17.80
N SER C 233 19.17 17.70 18.71
CA SER C 233 18.59 16.37 18.96
C SER C 233 17.14 16.17 18.46
N GLY C 234 16.72 16.99 17.50
CA GLY C 234 15.39 16.86 16.88
C GLY C 234 14.20 16.84 17.84
N LYS C 235 14.30 17.69 18.86
CA LYS C 235 13.24 17.90 19.84
C LYS C 235 12.39 19.08 19.42
N ILE C 236 11.57 18.86 18.40
CA ILE C 236 11.04 19.90 17.54
C ILE C 236 9.96 20.73 18.24
N GLY C 237 9.05 20.04 18.94
CA GLY C 237 7.93 20.72 19.58
C GLY C 237 8.45 21.78 20.53
N VAL C 238 9.55 21.45 21.20
CA VAL C 238 10.15 22.29 22.21
C VAL C 238 10.94 23.40 21.56
N LEU C 239 11.75 23.05 20.56
CA LEU C 239 12.37 24.03 19.70
C LEU C 239 11.38 25.11 19.28
N ALA C 240 10.28 24.69 18.67
CA ALA C 240 9.18 25.61 18.30
C ALA C 240 8.66 26.41 19.49
N TYR C 241 8.54 25.76 20.65
CA TYR C 241 8.09 26.43 21.87
C TYR C 241 9.05 27.53 22.36
N ILE C 242 10.34 27.25 22.31
CA ILE C 242 11.36 28.16 22.82
C ILE C 242 11.49 29.37 21.92
N LEU C 243 11.30 29.18 20.63
CA LEU C 243 11.49 30.31 19.73
C LEU C 243 10.25 31.17 19.71
N GLN C 244 9.11 30.49 19.78
CA GLN C 244 7.81 31.11 19.57
C GLN C 244 7.01 31.18 20.86
N ARG C 245 7.68 30.97 21.98
CA ARG C 245 6.99 30.96 23.26
C ARG C 245 6.79 32.40 23.66
N GLU C 246 5.90 33.07 22.94
CA GLU C 246 5.59 34.46 23.21
C GLU C 246 4.96 34.58 24.58
N ILE C 247 5.33 35.62 25.30
CA ILE C 247 4.85 35.84 26.66
C ILE C 247 4.18 37.20 26.80
N HIS C 248 3.01 37.23 27.45
CA HIS C 248 2.38 38.51 27.74
C HIS C 248 1.97 38.64 29.21
N GLU C 249 2.74 39.43 29.95
CA GLU C 249 2.42 39.81 31.33
C GLU C 249 3.39 40.94 31.66
N PRO C 250 3.25 41.60 32.80
CA PRO C 250 4.23 42.64 33.10
C PRO C 250 5.60 41.98 33.07
N GLU C 251 6.55 42.60 32.38
CA GLU C 251 7.90 42.06 32.21
C GLU C 251 7.94 40.97 31.14
N CYS C 252 6.81 40.77 30.47
CA CYS C 252 6.67 39.74 29.44
C CYS C 252 7.55 39.94 28.20
N ARG C 253 7.67 41.19 27.76
CA ARG C 253 8.28 41.50 26.47
C ARG C 253 9.73 41.06 26.35
N HIS C 254 10.50 41.23 27.43
CA HIS C 254 11.92 40.88 27.41
C HIS C 254 12.12 39.39 27.18
N LEU C 255 11.28 38.59 27.82
CA LEU C 255 11.30 37.13 27.65
C LEU C 255 10.84 36.59 26.29
N SER C 256 9.76 37.16 25.75
CA SER C 256 9.11 36.59 24.57
C SER C 256 9.95 36.55 23.29
N ARG C 257 9.79 35.47 22.54
CA ARG C 257 10.37 35.31 21.20
C ARG C 257 9.53 35.85 20.05
N LYS C 258 8.22 35.60 20.09
CA LYS C 258 7.28 36.09 19.10
C LYS C 258 6.23 37.07 19.61
N PHE C 259 6.09 38.17 18.89
CA PHE C 259 4.94 39.07 19.06
C PHE C 259 4.18 39.11 17.75
N THR C 260 2.88 38.85 17.79
CA THR C 260 2.00 38.95 16.62
C THR C 260 0.93 39.98 16.95
N GLU C 261 0.69 40.96 16.08
CA GLU C 261 -0.40 41.89 16.36
C GLU C 261 -1.05 42.50 15.12
N TRP C 262 -1.81 41.73 14.33
CA TRP C 262 -2.51 42.36 13.19
C TRP C 262 -3.73 41.62 12.70
N ALA C 263 -4.88 41.75 13.37
CA ALA C 263 -6.03 40.91 13.03
C ALA C 263 -7.24 41.61 12.39
N TYR C 264 -7.69 41.09 11.25
CA TYR C 264 -8.93 41.51 10.61
C TYR C 264 -9.94 40.36 10.68
N GLY C 265 -11.22 40.73 10.67
CA GLY C 265 -12.29 39.83 11.05
C GLY C 265 -11.95 38.42 10.60
N PRO C 266 -11.38 38.31 9.41
CA PRO C 266 -10.95 37.00 8.87
C PRO C 266 -9.77 36.37 9.59
N VAL C 267 -8.81 37.23 9.92
CA VAL C 267 -7.45 37.24 9.41
C VAL C 267 -6.52 37.26 10.61
N HIS C 268 -5.26 36.88 10.39
CA HIS C 268 -4.29 36.94 11.47
C HIS C 268 -2.87 37.14 10.96
N SER C 269 -2.03 37.70 11.83
CA SER C 269 -0.64 37.92 11.52
C SER C 269 0.18 37.44 12.69
N SER C 270 1.32 36.82 12.41
CA SER C 270 2.21 36.34 13.45
C SER C 270 3.59 36.95 13.27
N LEU C 271 4.21 37.38 14.38
CA LEU C 271 5.52 38.01 14.31
C LEU C 271 6.57 37.20 15.08
N TYR C 272 7.74 36.98 14.48
CA TYR C 272 8.75 36.11 15.10
C TYR C 272 10.07 36.85 15.36
N ASP C 273 10.84 36.45 16.38
CA ASP C 273 11.73 37.46 16.97
C ASP C 273 12.80 38.18 16.13
N LEU C 274 13.67 37.48 15.40
CA LEU C 274 13.93 36.07 15.61
C LEU C 274 15.40 35.92 15.96
N SER C 275 15.65 35.25 17.07
CA SER C 275 17.01 35.00 17.57
C SER C 275 17.84 34.02 16.74
N CYS C 276 17.19 32.99 16.21
CA CYS C 276 17.90 31.88 15.60
C CYS C 276 18.73 32.37 14.42
N ILE C 277 18.16 33.28 13.65
CA ILE C 277 18.89 33.91 12.57
C ILE C 277 20.07 34.69 13.16
N ASP C 278 19.83 35.33 14.29
CA ASP C 278 20.86 36.12 14.98
C ASP C 278 22.03 35.26 15.43
N THR C 279 21.78 34.06 15.93
CA THR C 279 22.90 33.26 16.41
C THR C 279 23.88 33.03 15.25
N CYS C 280 25.16 33.29 15.50
CA CYS C 280 26.17 33.13 14.45
C CYS C 280 27.45 32.42 14.92
N GLU C 281 28.20 33.05 15.81
CA GLU C 281 29.49 32.53 16.24
C GLU C 281 29.30 31.15 16.87
N LYS C 282 28.25 31.03 17.68
CA LYS C 282 27.75 29.75 18.11
C LYS C 282 27.05 29.12 16.91
N ASN C 283 26.90 27.81 16.90
CA ASN C 283 26.26 27.14 15.77
C ASN C 283 24.84 27.64 15.63
N SER C 284 24.18 27.82 16.76
CA SER C 284 22.88 28.48 16.82
C SER C 284 21.72 27.55 16.47
N VAL C 285 20.50 28.01 16.70
CA VAL C 285 19.35 27.20 16.31
C VAL C 285 19.27 27.09 14.80
N LEU C 286 19.44 28.22 14.13
CA LEU C 286 19.41 28.26 12.68
C LEU C 286 20.57 27.48 12.11
N GLU C 287 21.76 27.68 12.68
CA GLU C 287 22.95 27.03 12.19
C GLU C 287 22.82 25.52 12.34
N VAL C 288 22.33 25.09 13.50
CA VAL C 288 22.17 23.67 13.76
C VAL C 288 21.17 23.08 12.78
N ILE C 289 20.08 23.82 12.54
CA ILE C 289 19.06 23.32 11.62
C ILE C 289 19.64 23.17 10.23
N ALA C 290 20.44 24.15 9.83
CA ALA C 290 21.07 24.17 8.52
C ALA C 290 22.04 23.01 8.35
N TYR C 291 22.91 22.88 9.35
CA TYR C 291 23.92 21.81 9.40
C TYR C 291 23.44 20.38 9.64
N SER C 292 22.47 20.22 10.52
CA SER C 292 22.18 18.94 11.14
C SER C 292 21.81 17.84 10.14
N SER C 293 22.38 16.66 10.33
CA SER C 293 22.15 15.54 9.42
C SER C 293 22.17 14.17 10.09
N SER C 294 21.51 13.23 9.41
CA SER C 294 21.47 11.82 9.78
C SER C 294 20.77 11.55 11.11
N GLU C 295 20.19 12.59 11.70
CA GLU C 295 19.46 12.41 12.95
C GLU C 295 18.20 11.57 12.72
N THR C 296 17.53 11.85 11.61
CA THR C 296 16.32 11.13 11.19
C THR C 296 15.03 11.72 11.74
N PRO C 297 15.18 12.77 12.67
CA PRO C 297 13.91 13.40 13.04
C PRO C 297 13.80 14.75 12.34
N ASN C 298 14.71 14.99 11.41
CA ASN C 298 14.91 16.31 10.84
C ASN C 298 13.74 16.92 10.08
N ARG C 299 13.02 16.13 9.28
CA ARG C 299 11.95 16.73 8.49
C ARG C 299 11.19 17.77 9.31
N HIS C 300 10.91 17.41 10.57
CA HIS C 300 10.16 18.27 11.47
C HIS C 300 10.84 19.58 11.84
N ASP C 301 12.15 19.51 12.09
CA ASP C 301 12.89 20.66 12.57
C ASP C 301 13.02 21.70 11.46
N MET C 302 13.28 21.23 10.24
CA MET C 302 13.41 22.12 9.10
C MET C 302 12.10 22.84 8.85
N LEU C 303 11.01 22.09 9.03
CA LEU C 303 9.64 22.55 8.79
C LEU C 303 9.24 23.68 9.71
N LEU C 304 9.95 23.81 10.83
CA LEU C 304 9.52 24.70 11.90
C LEU C 304 9.40 26.14 11.44
N VAL C 305 8.35 26.80 11.91
CA VAL C 305 8.00 28.13 11.46
C VAL C 305 7.50 28.94 12.65
N GLU C 306 7.30 30.24 12.48
CA GLU C 306 7.49 30.93 11.21
C GLU C 306 8.92 31.02 10.70
N PRO C 307 9.90 31.30 11.66
CA PRO C 307 11.19 31.72 11.06
C PRO C 307 11.89 30.69 10.19
N LEU C 308 12.02 29.44 10.61
CA LEU C 308 12.84 28.57 9.80
C LEU C 308 12.24 28.46 8.40
N ASN C 309 10.93 28.22 8.32
CA ASN C 309 10.23 28.27 7.04
C ASN C 309 10.16 29.69 6.49
N ARG C 310 9.78 30.61 7.37
CA ARG C 310 9.63 32.01 6.99
C ARG C 310 10.99 32.59 6.61
N LEU C 311 12.01 32.32 7.39
CA LEU C 311 13.31 32.94 7.16
C LEU C 311 13.89 32.56 5.80
N LEU C 312 13.76 31.29 5.43
CA LEU C 312 14.33 30.80 4.18
C LEU C 312 13.70 31.49 2.97
N GLN C 313 12.39 31.66 3.00
CA GLN C 313 11.68 32.29 1.90
C GLN C 313 12.13 33.72 1.71
N ASP C 314 12.33 34.43 2.82
CA ASP C 314 12.82 35.81 2.77
C ASP C 314 14.23 35.87 2.22
N LYS C 315 15.07 34.92 2.64
CA LYS C 315 16.46 34.88 2.17
C LYS C 315 16.59 34.64 0.67
N TRP C 316 15.75 33.77 0.15
CA TRP C 316 15.86 33.25 -1.22
C TRP C 316 14.93 33.85 -2.26
N ASP C 317 13.69 34.08 -1.88
CA ASP C 317 12.76 34.66 -2.83
C ASP C 317 13.35 36.00 -3.21
N ARG C 318 13.84 36.74 -2.23
CA ARG C 318 14.42 38.05 -2.50
C ARG C 318 15.68 38.04 -3.37
N PHE C 319 16.61 37.14 -3.09
CA PHE C 319 17.87 37.12 -3.87
C PHE C 319 18.53 35.77 -4.14
N VAL C 320 18.34 34.80 -3.26
CA VAL C 320 19.11 33.56 -3.29
C VAL C 320 18.93 32.72 -4.56
N LYS C 321 17.70 32.61 -5.02
CA LYS C 321 17.35 31.83 -6.19
C LYS C 321 18.16 32.32 -7.39
N ARG C 322 18.29 33.63 -7.51
CA ARG C 322 19.06 34.21 -8.60
C ARG C 322 20.53 33.82 -8.50
N ILE C 323 21.06 33.84 -7.29
CA ILE C 323 22.48 33.51 -7.08
C ILE C 323 22.83 32.09 -7.46
N PHE C 324 21.96 31.14 -7.13
CA PHE C 324 22.23 29.73 -7.41
C PHE C 324 22.29 29.40 -8.90
N TYR C 325 21.35 29.95 -9.67
CA TYR C 325 21.30 29.71 -11.10
C TYR C 325 22.57 30.19 -11.78
N PHE C 326 23.09 31.33 -11.34
CA PHE C 326 24.33 31.85 -11.89
C PHE C 326 25.46 30.87 -11.60
N ASN C 327 25.46 30.30 -10.41
CA ASN C 327 26.46 29.31 -10.06
C ASN C 327 26.34 28.08 -10.94
N PHE C 328 25.11 27.62 -11.15
CA PHE C 328 24.85 26.45 -11.96
C PHE C 328 25.30 26.69 -13.40
N PHE C 329 24.93 27.85 -13.95
CA PHE C 329 25.29 28.20 -15.32
C PHE C 329 26.81 28.30 -15.48
N VAL C 330 27.47 28.91 -14.49
CA VAL C 330 28.91 29.04 -14.53
C VAL C 330 29.56 27.67 -14.52
N TYR C 331 29.03 26.77 -13.72
CA TYR C 331 29.57 25.42 -13.65
C TYR C 331 29.43 24.70 -14.98
N CYS C 332 28.30 24.93 -15.65
CA CYS C 332 27.99 24.22 -16.87
C CYS C 332 29.02 24.51 -17.95
N LEU C 333 29.42 25.76 -18.05
CA LEU C 333 30.43 26.14 -19.03
C LEU C 333 31.74 25.45 -18.71
N TYR C 334 32.06 25.32 -17.43
CA TYR C 334 33.31 24.68 -17.07
C TYR C 334 33.28 23.27 -17.62
N MET C 335 32.12 22.62 -17.52
CA MET C 335 31.94 21.28 -18.04
C MET C 335 32.12 21.18 -19.56
N ILE C 336 31.57 22.15 -20.29
CA ILE C 336 31.64 22.12 -21.75
C ILE C 336 33.09 22.21 -22.20
N ILE C 337 33.83 23.07 -21.52
CA ILE C 337 35.25 23.27 -21.75
C ILE C 337 36.11 22.03 -21.41
N PHE C 338 35.84 21.39 -20.27
CA PHE C 338 36.65 20.24 -19.87
C PHE C 338 36.53 19.08 -20.86
N THR C 339 35.31 18.84 -21.31
CA THR C 339 35.00 17.88 -22.36
C THR C 339 35.53 18.30 -23.72
N ALA C 340 35.43 19.60 -24.06
CA ALA C 340 35.84 20.05 -25.37
C ALA C 340 37.32 19.86 -25.63
N ALA C 341 38.14 20.22 -24.64
CA ALA C 341 39.56 20.02 -24.78
C ALA C 341 39.81 18.53 -24.86
N ALA C 342 39.16 17.78 -23.97
CA ALA C 342 39.35 16.34 -23.92
C ALA C 342 38.86 15.70 -25.21
N TYR C 343 37.73 16.18 -25.71
CA TYR C 343 37.15 15.67 -26.94
C TYR C 343 38.08 15.92 -28.13
N TYR C 344 38.69 17.09 -28.14
CA TYR C 344 39.52 17.54 -29.26
C TYR C 344 41.01 17.46 -28.99
N ARG C 345 41.40 16.77 -27.92
CA ARG C 345 42.80 16.70 -27.54
C ARG C 345 43.60 16.03 -28.67
N PRO C 346 44.83 16.49 -28.87
CA PRO C 346 45.68 15.96 -29.94
C PRO C 346 46.33 14.64 -29.52
N VAL C 347 46.31 13.66 -30.42
CA VAL C 347 46.84 12.34 -30.14
C VAL C 347 48.35 12.35 -29.87
N GLU C 348 49.09 13.15 -30.62
CA GLU C 348 50.55 13.22 -30.49
C GLU C 348 51.16 11.83 -30.70
N GLY C 349 52.08 11.43 -29.83
CA GLY C 349 52.67 12.30 -28.82
C GLY C 349 51.96 12.27 -27.47
N LEU C 350 52.67 12.66 -26.42
CA LEU C 350 52.07 12.77 -25.11
C LEU C 350 52.29 14.17 -24.53
N PRO C 351 51.20 14.84 -24.16
CA PRO C 351 51.31 16.15 -23.52
C PRO C 351 52.12 17.11 -24.39
N PRO C 352 53.09 17.80 -23.80
CA PRO C 352 54.03 18.66 -24.53
C PRO C 352 55.02 17.81 -25.33
N TYR C 353 55.62 18.37 -26.37
CA TYR C 353 55.40 19.75 -26.77
C TYR C 353 54.02 20.02 -27.38
N LYS C 354 53.46 21.18 -27.08
CA LYS C 354 52.23 21.64 -27.71
C LYS C 354 52.53 22.95 -28.41
N LEU C 355 52.18 23.04 -29.69
CA LEU C 355 52.51 24.21 -30.50
C LEU C 355 51.84 25.49 -29.99
N LYS C 356 50.57 25.39 -29.62
CA LYS C 356 49.81 26.53 -29.15
C LYS C 356 49.84 27.63 -30.20
N ASN C 357 49.75 27.25 -31.48
CA ASN C 357 49.81 28.21 -32.57
C ASN C 357 48.53 28.24 -33.42
N THR C 358 48.02 29.45 -33.64
CA THR C 358 46.82 29.63 -34.45
C THR C 358 45.56 29.43 -33.62
N VAL C 359 44.41 29.60 -34.25
CA VAL C 359 43.14 29.41 -33.57
C VAL C 359 42.94 27.97 -33.11
N GLY C 360 43.30 27.03 -33.97
CA GLY C 360 43.16 25.62 -33.65
C GLY C 360 44.02 25.21 -32.47
N ASP C 361 45.26 25.70 -32.45
CA ASP C 361 46.18 25.42 -31.35
C ASP C 361 45.98 26.43 -30.23
N TYR C 362 45.16 27.44 -30.50
CA TYR C 362 44.93 28.51 -29.53
C TYR C 362 43.66 28.32 -28.71
N PHE C 363 42.59 27.88 -29.36
CA PHE C 363 41.33 27.64 -28.66
C PHE C 363 41.41 26.48 -27.68
N ARG C 364 41.99 25.37 -28.13
CA ARG C 364 42.14 24.18 -27.29
C ARG C 364 43.01 24.43 -26.07
N VAL C 365 44.10 25.17 -26.27
CA VAL C 365 45.04 25.46 -25.18
C VAL C 365 44.39 26.31 -24.09
N THR C 366 43.56 27.25 -24.50
CA THR C 366 42.84 28.06 -23.52
C THR C 366 41.94 27.16 -22.71
N GLY C 367 41.26 26.24 -23.39
CA GLY C 367 40.37 25.32 -22.70
C GLY C 367 41.10 24.46 -21.68
N GLU C 368 42.26 23.95 -22.05
CA GLU C 368 43.03 23.08 -21.16
C GLU C 368 43.45 23.83 -19.91
N ILE C 369 43.93 25.06 -20.08
CA ILE C 369 44.28 25.89 -18.95
C ILE C 369 43.05 26.23 -18.11
N LEU C 370 41.95 26.55 -18.79
CA LEU C 370 40.73 26.91 -18.10
C LEU C 370 40.19 25.75 -17.27
N SER C 371 40.22 24.55 -17.84
CA SER C 371 39.73 23.37 -17.14
C SER C 371 40.55 23.08 -15.89
N VAL C 372 41.87 23.16 -15.98
CA VAL C 372 42.70 22.94 -14.80
C VAL C 372 42.41 23.99 -13.73
N SER C 373 42.27 25.24 -14.20
CA SER C 373 41.98 26.36 -13.30
C SER C 373 40.65 26.12 -12.63
N GLY C 374 39.70 25.59 -13.41
CA GLY C 374 38.40 25.25 -12.90
C GLY C 374 38.59 24.18 -11.84
N GLY C 375 39.53 23.28 -12.09
CA GLY C 375 39.83 22.22 -11.16
C GLY C 375 40.32 22.71 -9.81
N VAL C 376 41.16 23.75 -9.81
CA VAL C 376 41.74 24.25 -8.56
C VAL C 376 40.67 24.78 -7.60
N TYR C 377 39.64 25.42 -8.14
CA TYR C 377 38.65 26.06 -7.30
C TYR C 377 37.95 25.03 -6.42
N PHE C 378 37.62 23.88 -7.01
CA PHE C 378 36.99 22.80 -6.27
C PHE C 378 37.91 22.28 -5.16
N PHE C 379 39.20 22.18 -5.47
CA PHE C 379 40.17 21.68 -4.51
C PHE C 379 40.33 22.65 -3.35
N PHE C 380 40.43 23.94 -3.67
CA PHE C 380 40.49 24.98 -2.64
C PHE C 380 39.21 25.06 -1.80
N ARG C 381 38.06 24.97 -2.45
CA ARG C 381 36.77 25.02 -1.76
C ARG C 381 36.60 23.82 -0.86
N GLY C 382 37.01 22.65 -1.37
CA GLY C 382 36.89 21.41 -0.63
C GLY C 382 37.71 21.35 0.64
N ILE C 383 38.92 21.89 0.57
CA ILE C 383 39.85 21.85 1.69
C ILE C 383 39.27 22.60 2.88
N GLN C 384 38.62 23.72 2.60
CA GLN C 384 37.99 24.52 3.65
C GLN C 384 36.90 23.69 4.32
N TYR C 385 36.15 22.95 3.51
CA TYR C 385 35.09 22.10 4.04
C TYR C 385 35.67 21.02 4.96
N PHE C 386 36.77 20.40 4.53
CA PHE C 386 37.53 19.52 5.41
C PHE C 386 38.16 20.31 6.56
N LEU C 387 38.68 21.50 6.24
CA LEU C 387 39.32 22.38 7.21
C LEU C 387 38.38 23.01 8.25
N GLN C 388 37.23 23.51 7.80
CA GLN C 388 36.29 24.15 8.71
C GLN C 388 35.77 23.18 9.75
N ARG C 389 35.51 21.96 9.30
CA ARG C 389 34.96 20.90 10.14
C ARG C 389 35.72 19.58 9.91
N ARG C 390 36.82 19.40 10.63
CA ARG C 390 37.65 18.22 10.48
C ARG C 390 36.93 16.93 10.82
N PRO C 391 36.13 16.95 11.88
CA PRO C 391 35.43 15.75 12.35
C PRO C 391 34.44 15.21 11.32
N SER C 392 34.40 13.89 11.18
CA SER C 392 33.51 13.22 10.23
C SER C 392 33.41 13.98 8.90
N VAL C 398 28.98 9.35 3.70
CA VAL C 398 27.55 9.53 3.57
C VAL C 398 27.19 10.99 3.36
N ASP C 399 26.96 11.70 4.46
CA ASP C 399 26.58 13.11 4.41
C ASP C 399 27.73 14.02 4.84
N SER C 400 28.04 15.06 4.06
CA SER C 400 27.28 15.39 2.85
C SER C 400 27.79 14.62 1.64
N TYR C 401 26.88 13.92 0.98
CA TYR C 401 27.21 13.09 -0.16
C TYR C 401 27.76 13.85 -1.37
N SER C 402 27.19 15.01 -1.68
CA SER C 402 27.47 15.65 -2.96
C SER C 402 28.75 16.47 -2.91
N GLU C 403 28.97 17.17 -1.81
CA GLU C 403 30.17 17.97 -1.66
C GLU C 403 31.34 17.00 -1.77
N ILE C 404 31.18 15.82 -1.20
CA ILE C 404 32.27 14.84 -1.15
C ILE C 404 32.69 14.43 -2.56
N LEU C 405 31.71 14.25 -3.43
CA LEU C 405 31.97 13.89 -4.81
C LEU C 405 32.76 14.98 -5.55
N PHE C 406 32.44 16.23 -5.26
CA PHE C 406 33.08 17.35 -5.94
C PHE C 406 34.57 17.33 -5.68
N PHE C 407 34.96 17.04 -4.44
CA PHE C 407 36.37 17.00 -4.06
C PHE C 407 37.10 15.89 -4.84
N VAL C 408 36.44 14.76 -5.00
CA VAL C 408 37.03 13.60 -5.66
C VAL C 408 37.38 13.89 -7.12
N GLN C 409 36.45 14.51 -7.83
CA GLN C 409 36.63 14.86 -9.23
C GLN C 409 37.72 15.89 -9.47
N SER C 410 37.74 16.94 -8.65
CA SER C 410 38.73 18.00 -8.78
C SER C 410 40.12 17.44 -8.55
N LEU C 411 40.25 16.56 -7.57
CA LEU C 411 41.51 15.90 -7.29
C LEU C 411 41.92 15.06 -8.49
N PHE C 412 40.95 14.40 -9.11
CA PHE C 412 41.23 13.52 -10.23
C PHE C 412 41.85 14.31 -11.37
N MET C 413 41.32 15.52 -11.59
CA MET C 413 41.87 16.41 -12.60
C MET C 413 43.31 16.80 -12.26
N LEU C 414 43.55 17.06 -10.97
CA LEU C 414 44.86 17.44 -10.49
C LEU C 414 45.85 16.32 -10.75
N VAL C 415 45.41 15.08 -10.53
CA VAL C 415 46.26 13.92 -10.76
C VAL C 415 46.64 13.86 -12.23
N SER C 416 45.68 14.16 -13.10
CA SER C 416 45.92 14.19 -14.53
C SER C 416 46.93 15.28 -14.90
N VAL C 417 46.80 16.44 -14.26
CA VAL C 417 47.66 17.57 -14.55
C VAL C 417 49.11 17.26 -14.20
N VAL C 418 49.31 16.63 -13.05
CA VAL C 418 50.65 16.24 -12.63
C VAL C 418 51.20 15.24 -13.64
N LEU C 419 50.33 14.34 -14.08
CA LEU C 419 50.70 13.36 -15.09
C LEU C 419 51.06 14.04 -16.41
N TYR C 420 50.29 15.08 -16.76
CA TYR C 420 50.52 15.80 -18.00
C TYR C 420 51.90 16.45 -17.96
N PHE C 421 52.25 17.03 -16.82
CA PHE C 421 53.60 17.57 -16.64
C PHE C 421 54.58 16.42 -16.74
N SER C 422 54.22 15.30 -16.13
CA SER C 422 54.95 14.05 -16.29
C SER C 422 54.82 13.60 -17.73
N GLN C 423 53.65 13.84 -18.32
CA GLN C 423 53.45 13.69 -19.75
C GLN C 423 53.19 12.27 -20.23
N ARG C 424 53.00 11.37 -19.28
CA ARG C 424 52.65 9.99 -19.58
C ARG C 424 51.29 9.92 -20.27
N LYS C 425 51.17 9.04 -21.25
CA LYS C 425 49.95 8.85 -22.02
C LYS C 425 48.80 8.39 -21.12
N GLU C 426 49.15 7.60 -20.12
CA GLU C 426 48.18 6.98 -19.23
C GLU C 426 47.39 8.05 -18.48
N TYR C 427 47.94 9.26 -18.44
CA TYR C 427 47.32 10.33 -17.68
C TYR C 427 45.92 10.62 -18.19
N VAL C 428 45.72 10.60 -19.51
CA VAL C 428 44.36 10.70 -20.01
C VAL C 428 43.32 9.93 -19.20
N ALA C 429 43.49 8.62 -19.09
CA ALA C 429 42.46 7.81 -18.47
C ALA C 429 41.93 8.50 -17.23
N SER C 430 42.85 9.08 -16.44
CA SER C 430 42.45 9.80 -15.24
C SER C 430 41.60 11.01 -15.56
N MET C 431 41.98 11.73 -16.61
CA MET C 431 41.22 12.90 -17.05
C MET C 431 39.83 12.48 -17.49
N VAL C 432 39.76 11.34 -18.16
CA VAL C 432 38.51 10.83 -18.71
C VAL C 432 37.59 10.57 -17.54
N PHE C 433 38.11 10.06 -16.44
CA PHE C 433 37.27 9.91 -15.25
C PHE C 433 36.80 11.29 -14.80
N SER C 434 37.69 12.27 -14.86
CA SER C 434 37.38 13.63 -14.43
C SER C 434 36.28 14.30 -15.24
N LEU C 435 36.31 14.13 -16.55
CA LEU C 435 35.30 14.76 -17.43
C LEU C 435 33.85 14.26 -17.22
N ALA C 436 33.72 12.96 -17.05
CA ALA C 436 32.45 12.26 -16.86
C ALA C 436 31.94 12.48 -15.44
N MET C 437 32.85 12.41 -14.48
CA MET C 437 32.49 12.59 -13.08
C MET C 437 31.95 14.00 -12.87
N GLY C 438 32.58 14.98 -13.51
CA GLY C 438 32.11 16.35 -13.38
C GLY C 438 30.72 16.49 -13.93
N TRP C 439 30.49 15.86 -15.09
CA TRP C 439 29.18 15.95 -15.68
C TRP C 439 28.11 15.33 -14.76
N THR C 440 28.43 14.17 -14.19
CA THR C 440 27.48 13.51 -13.29
C THR C 440 27.23 14.36 -12.05
N ASN C 441 28.28 15.05 -11.61
CA ASN C 441 28.22 16.02 -10.52
C ASN C 441 27.31 17.20 -10.83
N MET C 442 27.31 17.61 -12.10
CA MET C 442 26.60 18.80 -12.55
C MET C 442 25.11 18.69 -12.28
N LEU C 443 24.60 17.48 -12.33
CA LEU C 443 23.18 17.21 -12.18
C LEU C 443 22.66 17.64 -10.81
N TYR C 444 23.60 17.81 -9.88
CA TYR C 444 23.34 18.22 -8.50
C TYR C 444 22.71 19.62 -8.39
N TYR C 445 23.10 20.52 -9.27
CA TYR C 445 22.74 21.93 -9.18
C TYR C 445 21.23 22.09 -9.27
N THR C 446 20.58 21.09 -9.85
CA THR C 446 19.13 21.07 -9.98
C THR C 446 18.50 21.08 -8.59
N ARG C 447 19.26 20.67 -7.59
CA ARG C 447 18.76 20.52 -6.22
C ARG C 447 18.22 21.82 -5.63
N GLY C 448 17.16 21.65 -4.84
CA GLY C 448 16.29 22.69 -4.34
C GLY C 448 15.01 22.81 -5.14
N PHE C 449 14.82 21.88 -6.08
CA PHE C 449 13.64 21.86 -6.92
C PHE C 449 12.85 20.59 -6.63
N GLN C 450 11.58 20.76 -6.33
CA GLN C 450 10.77 19.71 -5.73
C GLN C 450 10.67 18.49 -6.61
N GLN C 451 10.41 18.68 -7.91
CA GLN C 451 10.47 17.56 -8.81
C GLN C 451 11.91 17.07 -8.82
N MET C 452 12.81 17.99 -9.17
CA MET C 452 14.22 17.67 -9.35
C MET C 452 14.92 17.25 -8.07
N GLY C 453 14.62 17.94 -6.98
CA GLY C 453 15.27 17.66 -5.72
C GLY C 453 14.93 16.25 -5.30
N ILE C 454 13.72 15.79 -5.58
CA ILE C 454 13.39 14.42 -5.22
C ILE C 454 14.26 13.38 -5.94
N TYR C 455 14.51 13.60 -7.24
CA TYR C 455 15.26 12.63 -8.02
C TYR C 455 16.71 12.47 -7.56
N ALA C 456 17.37 13.60 -7.27
CA ALA C 456 18.75 13.54 -6.83
C ALA C 456 18.82 12.81 -5.50
N VAL C 457 17.87 13.10 -4.62
CA VAL C 457 17.88 12.48 -3.32
C VAL C 457 17.71 10.98 -3.47
N MET C 458 16.80 10.57 -4.36
CA MET C 458 16.59 9.14 -4.57
C MET C 458 17.84 8.46 -5.11
N ILE C 459 18.52 9.13 -6.04
CA ILE C 459 19.74 8.55 -6.60
C ILE C 459 20.80 8.40 -5.52
N GLU C 460 20.92 9.41 -4.66
CA GLU C 460 21.90 9.38 -3.59
C GLU C 460 21.58 8.22 -2.65
N LYS C 461 20.30 8.02 -2.38
CA LYS C 461 19.85 6.94 -1.52
C LYS C 461 20.19 5.57 -2.11
N MET C 462 20.03 5.40 -3.42
CA MET C 462 20.29 4.09 -4.03
C MET C 462 21.75 3.67 -3.85
N ILE C 463 22.64 4.64 -3.99
CA ILE C 463 24.08 4.49 -3.95
C ILE C 463 24.66 4.46 -2.53
N LEU C 464 24.20 5.29 -1.62
CA LEU C 464 24.68 5.08 -0.27
C LEU C 464 24.18 3.71 0.23
N ARG C 465 22.90 3.43 0.15
CA ARG C 465 22.41 2.20 0.76
C ARG C 465 22.23 0.98 -0.15
N ASP C 466 21.18 0.99 -0.97
CA ASP C 466 20.77 -0.23 -1.65
C ASP C 466 21.79 -0.81 -2.62
N LEU C 467 22.38 0.04 -3.44
CA LEU C 467 23.40 -0.44 -4.36
C LEU C 467 24.59 -0.94 -3.58
N CYS C 468 24.98 -0.17 -2.57
CA CYS C 468 26.16 -0.49 -1.79
C CYS C 468 25.97 -1.81 -1.07
N ARG C 469 24.79 -2.01 -0.51
CA ARG C 469 24.48 -3.25 0.16
C ARG C 469 24.47 -4.44 -0.81
N PHE C 470 23.82 -4.27 -1.96
CA PHE C 470 23.76 -5.38 -2.92
C PHE C 470 25.11 -5.74 -3.54
N MET C 471 25.90 -4.71 -3.77
CA MET C 471 27.16 -4.86 -4.46
C MET C 471 27.92 -5.85 -3.61
N PHE C 472 27.77 -5.76 -2.29
CA PHE C 472 28.47 -6.79 -1.52
C PHE C 472 27.97 -8.22 -1.83
N VAL C 473 26.65 -8.38 -1.86
CA VAL C 473 26.05 -9.69 -2.15
C VAL C 473 26.27 -10.16 -3.58
N TYR C 474 26.08 -9.25 -4.53
CA TYR C 474 26.29 -9.59 -5.93
C TYR C 474 27.75 -9.91 -6.15
N LEU C 475 28.62 -9.16 -5.49
CA LEU C 475 30.05 -9.37 -5.60
C LEU C 475 30.40 -10.75 -5.09
N VAL C 476 29.80 -11.16 -3.98
CA VAL C 476 30.05 -12.51 -3.49
C VAL C 476 29.54 -13.57 -4.46
N PHE C 477 28.32 -13.41 -4.93
CA PHE C 477 27.76 -14.41 -5.83
C PHE C 477 28.56 -14.45 -7.11
N LEU C 478 28.85 -13.27 -7.65
CA LEU C 478 29.59 -13.18 -8.89
C LEU C 478 30.99 -13.74 -8.70
N PHE C 479 31.64 -13.37 -7.61
CA PHE C 479 33.01 -13.79 -7.40
C PHE C 479 33.09 -15.30 -7.30
N GLY C 480 32.18 -15.88 -6.51
CA GLY C 480 32.20 -17.32 -6.32
C GLY C 480 31.94 -18.02 -7.63
N PHE C 481 30.98 -17.51 -8.40
CA PHE C 481 30.65 -18.15 -9.65
C PHE C 481 31.83 -18.09 -10.63
N SER C 482 32.50 -16.95 -10.64
CA SER C 482 33.64 -16.74 -11.51
C SER C 482 34.75 -17.70 -11.14
N THR C 483 34.98 -17.89 -9.84
CA THR C 483 36.02 -18.81 -9.40
C THR C 483 35.66 -20.21 -9.87
N ALA C 484 34.39 -20.56 -9.74
CA ALA C 484 33.95 -21.89 -10.13
C ALA C 484 34.18 -22.10 -11.62
N VAL C 485 33.87 -21.10 -12.42
CA VAL C 485 34.10 -21.20 -13.86
C VAL C 485 35.57 -21.30 -14.22
N VAL C 486 36.42 -20.54 -13.54
CA VAL C 486 37.83 -20.46 -13.89
C VAL C 486 38.49 -21.82 -13.76
N THR C 487 38.17 -22.55 -12.70
CA THR C 487 38.65 -23.91 -12.53
C THR C 487 38.12 -24.89 -13.59
N LEU C 488 36.84 -24.77 -13.91
CA LEU C 488 36.14 -25.77 -14.70
C LEU C 488 36.58 -26.01 -16.15
N ILE C 489 36.88 -24.91 -16.85
CA ILE C 489 37.40 -24.98 -18.21
C ILE C 489 37.96 -23.63 -18.60
N GLU C 490 39.26 -23.56 -18.85
CA GLU C 490 39.90 -22.31 -19.21
C GLU C 490 39.29 -21.79 -20.52
N ASP C 491 39.11 -22.70 -21.48
CA ASP C 491 38.41 -22.36 -22.71
C ASP C 491 39.02 -21.13 -23.36
N GLY C 492 38.17 -20.23 -23.83
CA GLY C 492 38.61 -18.98 -24.39
C GLY C 492 37.94 -17.80 -23.73
N LYS C 493 38.75 -16.90 -23.18
CA LYS C 493 38.26 -15.65 -22.59
C LYS C 493 37.77 -15.91 -21.17
N TYR C 494 37.75 -17.18 -20.78
CA TYR C 494 37.42 -17.55 -19.42
C TYR C 494 38.68 -17.89 -18.65
N ASN C 495 39.82 -17.83 -19.32
CA ASN C 495 41.10 -18.13 -18.72
C ASN C 495 41.41 -17.15 -17.61
N SER C 496 41.10 -15.88 -17.85
CA SER C 496 41.33 -14.85 -16.85
C SER C 496 40.14 -14.64 -15.94
N LEU C 497 40.42 -14.37 -14.67
CA LEU C 497 39.40 -13.91 -13.73
C LEU C 497 38.88 -12.49 -14.00
N TYR C 498 39.76 -11.58 -14.37
CA TYR C 498 39.30 -10.22 -14.70
C TYR C 498 38.36 -10.22 -15.91
N SER C 499 38.70 -11.00 -16.93
CA SER C 499 37.86 -11.16 -18.11
C SER C 499 36.60 -11.98 -17.84
N THR C 500 36.77 -13.08 -17.12
CA THR C 500 35.64 -13.96 -16.81
C THR C 500 34.61 -13.23 -15.98
N CYS C 501 35.08 -12.43 -15.03
CA CYS C 501 34.19 -11.64 -14.20
C CYS C 501 33.43 -10.64 -15.09
N LEU C 502 34.15 -10.05 -16.04
CA LEU C 502 33.53 -9.13 -16.98
C LEU C 502 32.50 -9.87 -17.81
N GLU C 503 32.84 -11.09 -18.19
CA GLU C 503 31.93 -11.94 -18.95
C GLU C 503 30.70 -12.24 -18.10
N LEU C 504 30.91 -12.47 -16.81
CA LEU C 504 29.83 -12.83 -15.91
C LEU C 504 28.94 -11.63 -15.55
N PHE C 505 29.57 -10.48 -15.36
CA PHE C 505 28.85 -9.25 -15.07
C PHE C 505 27.93 -8.91 -16.23
N LYS C 506 28.40 -9.17 -17.44
CA LYS C 506 27.62 -8.88 -18.64
C LYS C 506 26.35 -9.72 -18.57
N PHE C 507 26.51 -10.96 -18.11
CA PHE C 507 25.37 -11.85 -17.92
C PHE C 507 24.39 -11.32 -16.87
N THR C 508 24.92 -10.76 -15.79
CA THR C 508 24.06 -10.25 -14.73
C THR C 508 23.26 -9.01 -15.16
N ILE C 509 23.89 -8.17 -15.97
CA ILE C 509 23.25 -6.99 -16.54
C ILE C 509 22.12 -7.44 -17.46
N GLY C 510 22.19 -8.69 -17.90
CA GLY C 510 21.18 -9.24 -18.78
C GLY C 510 21.52 -9.20 -20.26
N MET C 511 22.73 -8.78 -20.59
CA MET C 511 23.20 -8.90 -21.97
C MET C 511 24.21 -10.03 -22.05
N GLY C 512 23.90 -11.05 -22.83
CA GLY C 512 24.75 -12.22 -22.98
C GLY C 512 24.49 -12.98 -24.27
N ASP C 513 25.47 -13.78 -24.65
CA ASP C 513 25.32 -14.69 -25.77
C ASP C 513 25.38 -16.08 -25.16
N LEU C 514 24.38 -16.91 -25.44
CA LEU C 514 24.19 -18.12 -24.67
C LEU C 514 24.43 -19.45 -25.38
N GLU C 515 25.06 -20.37 -24.64
CA GLU C 515 25.29 -21.74 -25.09
C GLU C 515 26.10 -21.85 -26.38
N PHE C 516 27.10 -20.99 -26.52
CA PHE C 516 28.01 -21.10 -27.66
C PHE C 516 28.73 -22.44 -27.56
N THR C 517 29.11 -22.80 -26.33
CA THR C 517 29.72 -24.10 -26.09
C THR C 517 31.14 -24.15 -26.63
N GLU C 518 31.32 -23.83 -27.90
CA GLU C 518 32.37 -24.43 -28.69
C GLU C 518 33.72 -24.34 -28.00
N ASN C 519 34.47 -25.44 -28.10
CA ASN C 519 35.67 -25.70 -27.29
C ASN C 519 35.41 -25.81 -25.78
N TYR C 520 34.27 -26.41 -25.42
CA TYR C 520 33.85 -26.50 -24.03
C TYR C 520 33.77 -27.92 -23.48
N ASP C 521 34.37 -28.10 -22.30
CA ASP C 521 34.42 -29.38 -21.61
C ASP C 521 33.41 -29.35 -20.47
N PHE C 522 32.66 -30.44 -20.32
CA PHE C 522 31.55 -30.48 -19.39
C PHE C 522 30.53 -29.42 -19.79
N LYS C 523 30.37 -29.23 -21.10
CA LYS C 523 29.44 -28.24 -21.61
C LYS C 523 28.02 -28.58 -21.18
N ALA C 524 27.68 -29.87 -21.24
CA ALA C 524 26.38 -30.32 -20.73
C ALA C 524 26.36 -30.06 -19.24
N VAL C 525 27.48 -30.35 -18.59
CA VAL C 525 27.69 -29.98 -17.20
C VAL C 525 27.72 -28.47 -17.11
N PHE C 526 28.35 -27.85 -18.10
CA PHE C 526 28.55 -26.41 -18.11
C PHE C 526 27.29 -25.60 -18.43
N ILE C 527 26.51 -26.05 -19.40
CA ILE C 527 25.30 -25.34 -19.76
C ILE C 527 24.42 -25.30 -18.53
N ILE C 528 24.39 -26.41 -17.79
CA ILE C 528 23.61 -26.48 -16.58
C ILE C 528 24.10 -25.44 -15.57
N LEU C 529 25.41 -25.30 -15.47
CA LEU C 529 26.00 -24.33 -14.55
C LEU C 529 25.60 -22.91 -14.92
N LEU C 530 25.59 -22.63 -16.22
CA LEU C 530 25.20 -21.32 -16.72
C LEU C 530 23.73 -21.05 -16.44
N LEU C 531 22.90 -22.08 -16.60
CA LEU C 531 21.47 -21.97 -16.32
C LEU C 531 21.25 -21.67 -14.84
N ALA C 532 22.04 -22.33 -14.00
CA ALA C 532 21.95 -22.12 -12.56
C ALA C 532 22.31 -20.67 -12.25
N TYR C 533 23.51 -20.27 -12.67
CA TYR C 533 23.98 -18.96 -12.26
C TYR C 533 23.23 -17.80 -12.88
N VAL C 534 23.03 -17.88 -14.18
CA VAL C 534 22.38 -16.79 -14.88
C VAL C 534 20.96 -16.66 -14.40
N ILE C 535 20.26 -17.78 -14.34
CA ILE C 535 18.85 -17.71 -14.02
C ILE C 535 18.72 -17.16 -12.61
N LEU C 536 19.49 -17.69 -11.68
CA LEU C 536 19.33 -17.26 -10.30
C LEU C 536 19.63 -15.79 -10.21
N THR C 537 20.73 -15.37 -10.85
CA THR C 537 21.16 -14.00 -10.69
C THR C 537 20.14 -13.02 -11.26
N TYR C 538 19.59 -13.32 -12.44
CA TYR C 538 18.62 -12.40 -13.01
C TYR C 538 17.39 -12.42 -12.14
N ILE C 539 17.02 -13.64 -11.79
CA ILE C 539 15.84 -13.96 -11.03
C ILE C 539 15.82 -13.52 -9.58
N LEU C 540 16.90 -13.69 -8.82
CA LEU C 540 16.68 -13.32 -7.44
C LEU C 540 17.41 -12.06 -6.98
N LEU C 541 18.67 -11.92 -7.39
CA LEU C 541 19.38 -10.72 -6.95
C LEU C 541 18.85 -9.44 -7.58
N LEU C 542 18.69 -9.44 -8.89
CA LEU C 542 18.28 -8.22 -9.59
C LEU C 542 16.87 -7.79 -9.20
N ASN C 543 15.96 -8.74 -9.20
CA ASN C 543 14.60 -8.50 -8.74
C ASN C 543 14.55 -8.14 -7.26
N MET C 544 15.38 -8.82 -6.47
CA MET C 544 15.42 -8.58 -5.03
C MET C 544 16.00 -7.21 -4.80
N LEU C 545 17.05 -6.85 -5.52
CA LEU C 545 17.48 -5.47 -5.33
C LEU C 545 16.43 -4.47 -5.83
N ILE C 546 15.88 -4.77 -7.00
CA ILE C 546 14.88 -3.92 -7.65
C ILE C 546 13.61 -3.80 -6.83
N ALA C 547 13.22 -4.90 -6.19
CA ALA C 547 12.07 -4.89 -5.30
C ALA C 547 12.34 -3.95 -4.14
N LEU C 548 13.58 -3.98 -3.65
CA LEU C 548 14.02 -3.09 -2.58
C LEU C 548 13.92 -1.64 -3.01
N MET C 549 14.25 -1.39 -4.27
CA MET C 549 14.30 -0.04 -4.81
C MET C 549 12.98 0.75 -4.77
N GLY C 550 11.84 0.13 -5.08
CA GLY C 550 10.62 0.90 -5.06
C GLY C 550 10.43 1.61 -3.74
N GLU C 551 10.76 0.94 -2.64
CA GLU C 551 10.56 1.46 -1.30
C GLU C 551 11.35 2.74 -0.99
N THR C 552 12.62 2.75 -1.37
CA THR C 552 13.42 3.95 -1.24
C THR C 552 12.86 5.04 -2.13
N VAL C 553 12.46 4.68 -3.34
CA VAL C 553 11.81 5.63 -4.22
C VAL C 553 10.46 6.11 -3.66
N ASN C 554 9.68 5.19 -3.11
CA ASN C 554 8.39 5.55 -2.53
C ASN C 554 8.51 6.44 -1.29
N LYS C 555 9.46 6.08 -0.41
CA LYS C 555 9.70 6.85 0.80
C LYS C 555 10.20 8.24 0.43
N ILE C 556 11.07 8.29 -0.56
CA ILE C 556 11.63 9.55 -1.03
C ILE C 556 10.49 10.41 -1.57
N ALA C 557 9.56 9.80 -2.28
CA ALA C 557 8.41 10.52 -2.79
C ALA C 557 7.53 11.08 -1.67
N GLN C 558 7.25 10.29 -0.63
CA GLN C 558 6.44 10.78 0.49
C GLN C 558 7.10 11.94 1.24
N GLU C 559 8.40 11.80 1.47
CA GLU C 559 9.24 12.84 2.05
C GLU C 559 9.39 14.10 1.18
N SER C 560 9.44 13.91 -0.13
CA SER C 560 9.99 14.91 -1.05
C SER C 560 9.31 16.28 -1.07
N LYS C 561 8.05 16.42 -0.71
CA LYS C 561 7.76 17.84 -0.46
C LYS C 561 8.72 18.32 0.68
N ASN C 562 8.77 17.54 1.76
CA ASN C 562 9.62 17.83 2.93
C ASN C 562 11.14 17.75 2.73
N ILE C 563 11.57 16.71 2.02
CA ILE C 563 12.99 16.53 1.73
C ILE C 563 13.45 17.69 0.88
N TRP C 564 12.62 18.05 -0.08
CA TRP C 564 12.95 19.13 -0.99
C TRP C 564 13.10 20.37 -0.16
N LYS C 565 12.21 20.55 0.82
CA LYS C 565 12.36 21.69 1.72
C LYS C 565 13.65 21.76 2.59
N LEU C 566 14.06 20.66 3.23
CA LEU C 566 15.22 20.74 4.17
C LEU C 566 16.62 21.04 3.57
N GLN C 567 16.89 20.33 2.50
CA GLN C 567 18.02 20.35 1.58
C GLN C 567 18.20 21.74 0.97
N ARG C 568 17.09 22.35 0.59
CA ARG C 568 17.15 23.71 0.07
C ARG C 568 17.79 24.58 1.12
N ALA C 569 17.25 24.51 2.34
CA ALA C 569 17.72 25.36 3.42
C ALA C 569 19.23 25.19 3.60
N ILE C 570 19.70 23.96 3.49
CA ILE C 570 21.12 23.68 3.61
C ILE C 570 21.88 24.38 2.48
N THR C 571 21.32 24.34 1.28
CA THR C 571 21.94 24.98 0.13
C THR C 571 22.02 26.49 0.38
N ILE C 572 20.94 27.06 0.89
CA ILE C 572 20.94 28.49 1.18
C ILE C 572 21.96 28.87 2.25
N LEU C 573 22.03 28.05 3.30
CA LEU C 573 22.91 28.36 4.42
C LEU C 573 24.39 28.34 4.04
N ASP C 574 24.80 27.34 3.27
CA ASP C 574 26.19 27.22 2.88
C ASP C 574 26.61 28.41 2.04
N THR C 575 25.74 28.79 1.10
CA THR C 575 26.02 29.92 0.23
C THR C 575 26.13 31.18 1.07
N GLU C 576 25.22 31.32 2.03
CA GLU C 576 25.22 32.51 2.87
C GLU C 576 26.52 32.61 3.65
N LYS C 577 26.97 31.47 4.18
CA LYS C 577 28.23 31.42 4.93
C LYS C 577 29.42 31.76 4.05
N SER C 578 29.42 31.26 2.83
CA SER C 578 30.55 31.45 1.91
C SER C 578 30.41 32.66 1.01
N PHE C 579 29.30 33.37 1.09
CA PHE C 579 29.06 34.48 0.18
C PHE C 579 29.80 35.72 0.63
N LEU C 580 30.75 35.53 1.54
CA LEU C 580 31.48 36.61 2.15
C LEU C 580 30.73 37.22 3.34
N LYS C 581 29.64 36.60 3.76
CA LYS C 581 28.88 37.16 4.87
C LYS C 581 28.62 38.60 4.45
N CYS C 582 28.33 38.77 3.16
CA CYS C 582 28.14 40.07 2.56
C CYS C 582 26.86 40.64 3.10
N MET C 583 26.66 41.94 2.96
CA MET C 583 25.51 42.57 3.58
C MET C 583 24.30 41.84 3.06
N ARG C 584 23.41 41.49 3.98
CA ARG C 584 22.24 40.69 3.69
C ARG C 584 21.27 40.93 4.83
N LYS C 585 20.04 40.48 4.70
CA LYS C 585 19.08 40.73 5.77
C LYS C 585 19.65 40.14 7.05
N ALA C 586 19.60 40.93 8.11
CA ALA C 586 20.09 40.53 9.42
C ALA C 586 20.46 41.74 10.27
N UNK C 618 12.56 41.04 11.97
CA UNK C 618 11.12 40.77 11.86
C UNK C 618 10.83 39.60 10.91
N UNK C 619 10.04 38.65 11.40
CA UNK C 619 9.45 37.56 10.63
C UNK C 619 8.01 37.61 11.15
N UNK C 620 7.10 37.36 10.22
CA UNK C 620 5.68 37.26 10.47
C UNK C 620 5.14 36.53 9.28
N UNK C 621 4.02 35.87 9.43
CA UNK C 621 3.43 35.16 8.32
C UNK C 621 2.01 35.67 8.12
N UNK C 622 1.67 36.04 6.89
CA UNK C 622 0.30 36.43 6.64
C UNK C 622 -0.53 35.19 6.91
N UNK C 623 -1.61 35.34 7.65
CA UNK C 623 -2.43 34.22 8.03
C UNK C 623 -3.89 34.59 7.94
N UNK C 624 -4.74 33.60 7.71
CA UNK C 624 -6.16 33.84 7.66
C UNK C 624 -7.05 32.62 7.81
N UNK C 625 -7.11 32.04 9.01
CA UNK C 625 -7.98 30.91 9.25
C UNK C 625 -9.00 31.11 10.36
N UNK C 626 -10.27 30.89 10.06
CA UNK C 626 -11.35 30.99 11.03
C UNK C 626 -12.18 29.71 11.13
N UNK C 627 -12.39 29.21 12.35
CA UNK C 627 -11.77 29.76 13.55
C UNK C 627 -12.31 31.13 13.95
N UNK C 628 -13.47 31.48 13.38
CA UNK C 628 -14.09 32.77 13.67
C UNK C 628 -15.45 32.89 13.00
N LEU D 1 -2.36 71.76 26.83
CA LEU D 1 -1.86 71.38 25.47
C LEU D 1 -1.77 69.86 25.21
N TYR D 2 -1.89 69.49 23.93
CA TYR D 2 -1.90 68.08 23.48
C TYR D 2 -1.12 67.89 22.18
N ASP D 3 -0.16 66.97 22.17
CA ASP D 3 0.43 66.50 20.91
C ASP D 3 -0.14 65.13 20.55
N ARG D 4 0.20 64.60 19.38
CA ARG D 4 -0.30 63.29 18.98
C ARG D 4 -0.01 62.24 20.07
N ARG D 5 1.24 62.23 20.54
CA ARG D 5 1.74 61.26 21.53
C ARG D 5 0.92 61.24 22.82
N SER D 6 0.62 62.44 23.33
CA SER D 6 -0.13 62.64 24.57
C SER D 6 -1.47 61.89 24.57
N ILE D 7 -2.24 62.06 23.49
CA ILE D 7 -3.56 61.43 23.38
C ILE D 7 -3.46 59.93 23.18
N PHE D 8 -2.53 59.52 22.34
CA PHE D 8 -2.37 58.12 21.98
C PHE D 8 -2.05 57.27 23.20
N ASP D 9 -1.30 57.85 24.13
CA ASP D 9 -1.00 57.22 25.42
C ASP D 9 -2.22 57.16 26.31
N ALA D 10 -2.99 58.25 26.34
CA ALA D 10 -4.21 58.33 27.12
C ALA D 10 -5.16 57.22 26.69
N VAL D 11 -5.32 57.10 25.38
CA VAL D 11 -6.19 56.09 24.74
C VAL D 11 -5.77 54.66 25.09
N ALA D 12 -4.45 54.44 25.09
CA ALA D 12 -3.86 53.13 25.34
C ALA D 12 -4.35 52.54 26.67
N GLN D 13 -4.60 53.39 27.64
CA GLN D 13 -5.02 52.91 28.95
C GLN D 13 -6.45 53.24 29.36
N SER D 14 -7.26 53.60 28.35
CA SER D 14 -8.69 53.92 28.53
C SER D 14 -8.95 55.02 29.57
N ASN D 15 -8.14 56.07 29.49
CA ASN D 15 -8.19 57.20 30.42
C ASN D 15 -9.06 58.34 29.90
N CYS D 16 -10.25 58.50 30.49
CA CYS D 16 -11.16 59.57 30.07
C CYS D 16 -10.93 60.89 30.81
N GLN D 17 -9.97 60.89 31.72
CA GLN D 17 -9.62 62.09 32.46
C GLN D 17 -8.57 62.94 31.76
N GLU D 18 -7.44 62.33 31.37
CA GLU D 18 -6.39 63.12 30.71
C GLU D 18 -6.92 63.83 29.46
N LEU D 19 -8.15 63.48 29.09
CA LEU D 19 -8.84 64.08 27.95
C LEU D 19 -9.99 64.99 28.43
N GLU D 20 -9.98 65.33 29.71
CA GLU D 20 -10.86 66.38 30.23
C GLU D 20 -10.59 67.72 29.55
N SER D 21 -9.31 68.09 29.49
CA SER D 21 -8.91 69.37 28.93
C SER D 21 -8.77 69.31 27.40
N LEU D 22 -9.28 68.25 26.79
CA LEU D 22 -9.08 68.03 25.36
C LEU D 22 -9.90 68.98 24.49
N LEU D 23 -11.22 68.82 24.54
CA LEU D 23 -12.13 69.67 23.78
C LEU D 23 -11.71 71.16 23.83
N PRO D 24 -11.55 71.74 25.04
CA PRO D 24 -11.21 73.16 25.08
C PRO D 24 -9.86 73.52 24.45
N PHE D 25 -8.94 72.56 24.28
CA PHE D 25 -7.64 72.85 23.66
C PHE D 25 -7.72 73.24 22.19
N LEU D 26 -8.37 72.40 21.39
CA LEU D 26 -8.49 72.67 19.95
C LEU D 26 -9.68 73.57 19.67
N GLN D 27 -10.17 74.22 20.71
CA GLN D 27 -11.13 75.29 20.60
C GLN D 27 -10.33 76.58 20.53
N ARG D 28 -9.27 76.64 21.35
CA ARG D 28 -8.38 77.80 21.41
C ARG D 28 -7.54 77.85 20.15
N SER D 29 -6.81 76.76 19.89
CA SER D 29 -5.94 76.64 18.75
C SER D 29 -6.72 76.34 17.48
N LYS D 30 -8.03 76.09 17.65
CA LYS D 30 -8.93 75.69 16.56
C LYS D 30 -8.33 74.55 15.75
N LYS D 31 -7.49 73.74 16.38
CA LYS D 31 -6.93 72.55 15.76
C LYS D 31 -8.03 71.49 15.63
N ARG D 32 -7.88 70.57 14.69
CA ARG D 32 -8.90 69.52 14.50
C ARG D 32 -8.34 68.16 14.80
N LEU D 33 -9.18 67.33 15.42
CA LEU D 33 -8.79 65.98 15.78
C LEU D 33 -8.33 65.20 14.54
N THR D 34 -8.60 65.79 13.38
CA THR D 34 -8.37 65.19 12.06
C THR D 34 -7.16 65.78 11.34
N ASP D 35 -6.53 66.80 11.94
CA ASP D 35 -5.37 67.43 11.33
C ASP D 35 -4.29 66.42 10.98
N SER D 36 -3.55 66.73 9.93
CA SER D 36 -2.35 65.98 9.54
C SER D 36 -1.54 65.51 10.76
N GLU D 37 -1.36 66.44 11.71
CA GLU D 37 -0.49 66.27 12.89
C GLU D 37 -1.03 65.27 13.92
N PHE D 38 -2.31 64.93 13.81
CA PHE D 38 -2.94 64.04 14.78
C PHE D 38 -3.11 62.62 14.24
N LYS D 39 -2.40 62.34 13.15
CA LYS D 39 -2.39 61.02 12.54
C LYS D 39 -0.92 60.56 12.43
N ASP D 40 -0.71 59.24 12.49
CA ASP D 40 0.61 58.69 12.19
C ASP D 40 0.93 58.95 10.70
N PRO D 41 2.01 59.72 10.43
CA PRO D 41 2.38 60.17 9.09
C PRO D 41 2.64 59.09 8.04
N GLU D 42 2.55 57.80 8.38
CA GLU D 42 2.87 56.76 7.41
C GLU D 42 1.78 55.71 7.29
N THR D 43 0.87 55.71 8.25
CA THR D 43 -0.26 54.77 8.24
C THR D 43 -1.58 55.51 8.18
N GLY D 44 -1.64 56.71 8.75
CA GLY D 44 -2.87 57.48 8.75
C GLY D 44 -3.78 57.14 9.91
N LYS D 45 -3.23 56.45 10.91
CA LYS D 45 -3.95 56.07 12.11
C LYS D 45 -4.32 57.31 12.93
N THR D 46 -5.52 57.30 13.47
CA THR D 46 -6.03 58.38 14.32
C THR D 46 -6.20 57.84 15.72
N CYS D 47 -6.50 58.72 16.67
CA CYS D 47 -6.71 58.29 18.05
C CYS D 47 -7.84 57.28 18.18
N LEU D 48 -8.94 57.55 17.46
CA LEU D 48 -10.06 56.61 17.42
C LEU D 48 -9.60 55.23 16.96
N LEU D 49 -8.72 55.20 15.98
CA LEU D 49 -8.17 53.95 15.47
C LEU D 49 -7.22 53.30 16.48
N LYS D 50 -6.34 54.09 17.12
CA LYS D 50 -5.53 53.58 18.24
C LYS D 50 -6.43 52.96 19.30
N ALA D 51 -7.53 53.66 19.62
CA ALA D 51 -8.53 53.19 20.56
C ALA D 51 -9.10 51.88 20.09
N MET D 52 -9.26 51.74 18.78
CA MET D 52 -9.85 50.52 18.22
C MET D 52 -8.91 49.31 18.39
N LEU D 53 -7.61 49.59 18.40
CA LEU D 53 -6.59 48.56 18.61
C LEU D 53 -6.40 48.27 20.11
N ASN D 54 -6.51 49.33 20.90
CA ASN D 54 -6.35 49.23 22.33
C ASN D 54 -7.68 48.98 23.03
N LEU D 55 -8.28 47.85 22.69
CA LEU D 55 -9.46 47.38 23.37
C LEU D 55 -9.09 46.60 24.63
N HIS D 56 -9.87 46.79 25.68
CA HIS D 56 -9.83 45.93 26.85
C HIS D 56 -11.26 45.44 27.07
N ASN D 57 -11.45 44.11 27.06
CA ASN D 57 -12.79 43.50 27.10
C ASN D 57 -13.79 44.03 26.04
N GLY D 58 -13.32 44.18 24.81
CA GLY D 58 -14.10 44.77 23.72
C GLY D 58 -14.69 46.12 24.04
N GLN D 59 -14.01 46.89 24.89
CA GLN D 59 -14.49 48.18 25.43
C GLN D 59 -13.43 49.27 25.49
N ASN D 60 -13.90 50.49 25.26
CA ASN D 60 -13.10 51.70 25.36
C ASN D 60 -14.07 52.88 25.24
N ASP D 61 -14.06 53.75 26.23
CA ASP D 61 -14.96 54.89 26.24
C ASP D 61 -14.19 56.17 25.92
N THR D 62 -12.89 56.00 25.69
CA THR D 62 -12.12 57.02 25.01
C THR D 62 -12.73 57.24 23.64
N ILE D 63 -13.26 56.15 23.06
CA ILE D 63 -14.01 56.21 21.80
C ILE D 63 -15.19 57.15 21.93
N ALA D 64 -16.13 56.82 22.83
CA ALA D 64 -17.31 57.65 23.09
C ALA D 64 -16.96 59.13 23.32
N LEU D 65 -15.93 59.39 24.11
CA LEU D 65 -15.46 60.75 24.33
C LEU D 65 -14.82 61.31 23.05
N LEU D 66 -14.03 60.50 22.37
CA LEU D 66 -13.32 60.98 21.18
C LEU D 66 -14.28 61.41 20.10
N LEU D 67 -15.29 60.57 19.84
CA LEU D 67 -16.36 60.91 18.91
C LEU D 67 -17.06 62.20 19.33
N ASP D 68 -17.51 62.24 20.58
CA ASP D 68 -18.21 63.39 21.15
C ASP D 68 -17.45 64.69 20.83
N VAL D 69 -16.14 64.68 21.03
CA VAL D 69 -15.28 65.82 20.74
C VAL D 69 -15.31 66.20 19.26
N ALA D 70 -15.43 65.19 18.39
CA ALA D 70 -15.33 65.42 16.96
C ALA D 70 -16.57 66.08 16.38
N ARG D 71 -17.71 65.89 17.04
CA ARG D 71 -18.99 66.50 16.64
C ARG D 71 -19.05 67.95 17.10
N LYS D 72 -18.59 68.19 18.32
CA LYS D 72 -18.48 69.52 18.88
C LYS D 72 -17.64 70.45 17.99
N THR D 73 -16.71 69.85 17.25
CA THR D 73 -16.05 70.54 16.15
C THR D 73 -16.55 70.03 14.81
N ASP D 74 -17.45 69.04 14.86
CA ASP D 74 -18.03 68.48 13.63
C ASP D 74 -16.95 67.97 12.69
N SER D 75 -15.81 67.61 13.25
CA SER D 75 -14.84 66.80 12.55
C SER D 75 -15.57 65.49 12.30
N LEU D 76 -16.78 65.39 12.84
CA LEU D 76 -17.44 64.11 13.07
C LEU D 76 -17.35 63.10 11.94
N LYS D 77 -17.84 63.45 10.75
CA LYS D 77 -17.92 62.46 9.67
C LYS D 77 -16.56 61.95 9.20
N GLN D 78 -15.64 62.89 8.89
CA GLN D 78 -14.33 62.51 8.34
C GLN D 78 -13.44 61.89 9.39
N PHE D 79 -13.82 62.09 10.66
CA PHE D 79 -13.09 61.50 11.78
C PHE D 79 -13.39 60.01 11.88
N VAL D 80 -14.67 59.69 11.98
CA VAL D 80 -15.14 58.30 12.04
C VAL D 80 -14.85 57.53 10.75
N ASN D 81 -14.56 58.26 9.66
CA ASN D 81 -14.31 57.63 8.37
C ASN D 81 -12.89 57.69 7.82
N ALA D 82 -11.94 58.08 8.66
CA ALA D 82 -10.55 58.14 8.21
C ALA D 82 -9.98 56.73 8.00
N SER D 83 -9.18 56.55 6.95
CA SER D 83 -8.67 55.24 6.61
C SER D 83 -7.16 55.13 6.63
N TYR D 84 -6.65 53.91 6.79
CA TYR D 84 -5.22 53.62 6.71
C TYR D 84 -4.69 53.91 5.29
N THR D 85 -3.44 54.32 5.18
CA THR D 85 -2.87 54.65 3.88
C THR D 85 -1.61 53.86 3.51
N ASP D 86 -1.05 53.13 4.46
CA ASP D 86 0.09 52.26 4.18
C ASP D 86 -0.39 51.09 3.32
N SER D 87 0.49 50.55 2.49
CA SER D 87 0.14 49.44 1.60
C SER D 87 -0.51 48.25 2.32
N TYR D 88 -0.19 48.09 3.60
CA TYR D 88 -0.71 46.95 4.34
C TYR D 88 -2.22 47.04 4.64
N TYR D 89 -2.60 48.01 5.48
CA TYR D 89 -3.98 48.09 5.98
C TYR D 89 -4.85 49.08 5.17
N LYS D 90 -4.32 49.52 4.03
CA LYS D 90 -4.90 50.58 3.21
C LYS D 90 -6.41 50.52 3.20
N GLY D 91 -7.04 51.66 3.47
CA GLY D 91 -8.49 51.78 3.35
C GLY D 91 -9.29 51.21 4.51
N GLN D 92 -8.60 50.66 5.50
CA GLN D 92 -9.25 50.22 6.72
C GLN D 92 -9.70 51.39 7.58
N THR D 93 -10.97 51.32 8.00
CA THR D 93 -11.65 52.30 8.85
C THR D 93 -11.92 51.67 10.21
N ALA D 94 -12.32 52.48 11.19
CA ALA D 94 -12.72 51.95 12.49
C ALA D 94 -13.83 50.90 12.36
N LEU D 95 -14.82 51.13 11.49
CA LEU D 95 -15.90 50.12 11.32
C LEU D 95 -15.38 48.74 10.90
N HIS D 96 -14.34 48.71 10.07
CA HIS D 96 -13.77 47.46 9.67
C HIS D 96 -13.33 46.74 10.92
N ILE D 97 -12.59 47.44 11.77
CA ILE D 97 -12.01 46.84 12.97
C ILE D 97 -13.08 46.29 13.93
N ALA D 98 -14.19 47.02 14.07
CA ALA D 98 -15.26 46.66 15.02
C ALA D 98 -15.82 45.33 14.64
N ILE D 99 -15.91 45.13 13.32
CA ILE D 99 -16.44 43.90 12.76
C ILE D 99 -15.39 42.81 12.91
N GLU D 100 -14.17 43.10 12.49
CA GLU D 100 -13.10 42.15 12.67
C GLU D 100 -13.09 41.63 14.09
N ARG D 101 -13.47 42.47 15.04
CA ARG D 101 -13.46 42.08 16.44
C ARG D 101 -14.79 41.50 16.89
N ARG D 102 -15.76 41.38 15.99
CA ARG D 102 -17.06 40.76 16.30
C ARG D 102 -17.81 41.53 17.44
N ASN D 103 -17.82 42.85 17.32
CA ASN D 103 -18.26 43.70 18.40
C ASN D 103 -19.50 44.48 17.95
N MET D 104 -20.67 43.92 18.19
CA MET D 104 -21.93 44.57 17.82
C MET D 104 -21.98 46.00 18.32
N THR D 105 -21.83 46.12 19.63
CA THR D 105 -21.86 47.39 20.30
C THR D 105 -21.05 48.47 19.60
N LEU D 106 -19.84 48.14 19.17
CA LEU D 106 -19.02 49.13 18.48
C LEU D 106 -19.38 49.32 17.02
N VAL D 107 -19.88 48.27 16.37
CA VAL D 107 -20.45 48.42 15.04
C VAL D 107 -21.61 49.41 15.20
N THR D 108 -22.58 49.04 16.04
CA THR D 108 -23.73 49.89 16.31
C THR D 108 -23.26 51.35 16.53
N LEU D 109 -22.32 51.55 17.44
CA LEU D 109 -21.95 52.93 17.78
C LEU D 109 -21.41 53.68 16.56
N LEU D 110 -20.52 53.04 15.82
CA LEU D 110 -19.88 53.67 14.67
C LEU D 110 -20.86 54.03 13.57
N VAL D 111 -21.75 53.11 13.23
CA VAL D 111 -22.85 53.37 12.28
C VAL D 111 -23.76 54.56 12.68
N GLU D 112 -23.99 54.71 13.99
CA GLU D 112 -24.84 55.77 14.51
C GLU D 112 -24.17 57.14 14.49
N ASN D 113 -22.86 57.15 14.63
CA ASN D 113 -22.09 58.37 14.48
C ASN D 113 -21.56 58.45 13.05
N GLY D 114 -22.18 57.69 12.16
CA GLY D 114 -22.05 57.92 10.73
C GLY D 114 -20.90 57.29 9.99
N ALA D 115 -20.41 56.14 10.49
CA ALA D 115 -19.42 55.34 9.75
C ALA D 115 -19.94 54.98 8.35
N ASP D 116 -19.10 55.15 7.33
CA ASP D 116 -19.44 54.80 5.97
C ASP D 116 -19.44 53.30 5.86
N VAL D 117 -20.58 52.78 5.48
CA VAL D 117 -20.82 51.36 5.49
C VAL D 117 -20.28 50.70 4.22
N GLN D 118 -19.97 51.52 3.22
CA GLN D 118 -19.45 51.03 1.94
C GLN D 118 -17.91 51.20 1.78
N ALA D 119 -17.21 51.55 2.86
CA ALA D 119 -15.78 51.81 2.81
C ALA D 119 -15.02 50.52 2.55
N ALA D 120 -14.18 50.55 1.51
CA ALA D 120 -13.43 49.35 1.10
C ALA D 120 -12.03 49.27 1.72
N ALA D 121 -11.83 48.26 2.55
CA ALA D 121 -10.51 47.98 3.11
C ALA D 121 -9.79 47.15 2.08
N ASN D 122 -8.84 47.75 1.36
CA ASN D 122 -8.26 47.11 0.14
C ASN D 122 -6.75 46.88 0.15
N GLY D 123 -6.10 47.13 1.29
CA GLY D 123 -4.67 46.95 1.40
C GLY D 123 -4.28 45.50 1.35
N ASP D 124 -2.98 45.22 1.24
CA ASP D 124 -2.49 43.83 1.16
C ASP D 124 -2.93 42.93 2.34
N PHE D 125 -3.31 43.55 3.45
CA PHE D 125 -3.76 42.79 4.60
C PHE D 125 -5.13 42.17 4.35
N PHE D 126 -5.82 42.67 3.32
CA PHE D 126 -7.19 42.28 2.98
C PHE D 126 -7.32 41.53 1.65
N LYS D 127 -6.17 41.07 1.13
CA LYS D 127 -6.08 40.21 -0.05
C LYS D 127 -5.29 38.95 0.30
N LYS D 128 -5.23 38.01 -0.64
CA LYS D 128 -4.48 36.76 -0.48
C LYS D 128 -2.99 36.90 -0.14
N THR D 129 -2.62 36.16 0.91
CA THR D 129 -1.26 36.07 1.48
C THR D 129 -0.13 36.07 0.44
N LYS D 130 0.91 36.83 0.75
CA LYS D 130 2.14 36.83 -0.03
C LYS D 130 2.90 35.49 -0.07
N GLY D 131 2.97 34.75 1.04
CA GLY D 131 2.24 35.02 2.26
C GLY D 131 2.61 36.32 2.95
N ARG D 132 1.60 37.10 3.30
CA ARG D 132 1.79 38.28 4.13
C ARG D 132 1.39 37.95 5.56
N PRO D 133 0.21 37.37 5.71
CA PRO D 133 -0.76 37.28 4.60
C PRO D 133 -1.75 38.44 4.63
N GLY D 134 -2.89 38.26 3.96
CA GLY D 134 -3.94 37.39 4.45
C GLY D 134 -4.77 38.04 5.53
N PHE D 135 -6.01 38.41 5.16
CA PHE D 135 -6.95 37.46 4.59
C PHE D 135 -8.12 38.17 3.94
N TYR D 136 -8.60 37.63 2.82
CA TYR D 136 -9.49 38.36 1.93
C TYR D 136 -10.97 38.00 2.09
N PHE D 137 -11.81 39.03 2.13
CA PHE D 137 -13.23 38.84 2.42
C PHE D 137 -14.11 39.85 1.68
N GLY D 138 -13.77 40.14 0.43
CA GLY D 138 -13.02 41.35 0.11
C GLY D 138 -13.69 42.48 0.85
N GLU D 139 -12.89 43.35 1.44
CA GLU D 139 -13.05 44.79 1.25
C GLU D 139 -14.16 45.59 1.96
N LEU D 140 -15.41 45.17 1.75
CA LEU D 140 -16.56 45.92 2.24
C LEU D 140 -17.19 45.29 3.46
N PRO D 141 -17.61 46.13 4.44
CA PRO D 141 -18.14 45.69 5.75
C PRO D 141 -19.12 44.52 5.68
N LEU D 142 -20.14 44.63 4.84
CA LEU D 142 -21.07 43.52 4.63
C LEU D 142 -20.32 42.24 4.28
N SER D 143 -19.41 42.34 3.32
CA SER D 143 -18.66 41.19 2.81
C SER D 143 -17.87 40.54 3.95
N LEU D 144 -17.18 41.39 4.69
CA LEU D 144 -16.50 40.99 5.90
C LEU D 144 -17.46 40.26 6.84
N ALA D 145 -18.56 40.92 7.17
CA ALA D 145 -19.46 40.42 8.19
C ALA D 145 -20.01 39.06 7.79
N ALA D 146 -20.16 38.82 6.49
CA ALA D 146 -20.62 37.52 6.04
C ALA D 146 -19.51 36.47 6.07
N CYS D 147 -18.39 36.83 5.44
CA CYS D 147 -17.25 35.90 5.31
C CYS D 147 -16.72 35.43 6.66
N THR D 148 -17.05 36.16 7.72
CA THR D 148 -16.61 35.78 9.04
C THR D 148 -17.78 35.16 9.78
N ASN D 149 -18.83 34.84 9.05
CA ASN D 149 -20.00 34.19 9.62
C ASN D 149 -20.55 34.99 10.76
N GLN D 150 -21.01 36.20 10.48
CA GLN D 150 -21.55 37.03 11.52
C GLN D 150 -22.90 37.57 11.11
N LEU D 151 -23.90 36.72 11.20
CA LEU D 151 -25.23 37.01 10.65
C LEU D 151 -25.84 38.28 11.18
N ALA D 152 -25.88 38.44 12.51
CA ALA D 152 -26.57 39.57 13.14
C ALA D 152 -26.10 40.91 12.61
N ILE D 153 -24.80 41.00 12.38
CA ILE D 153 -24.17 42.21 11.87
C ILE D 153 -24.44 42.36 10.37
N VAL D 154 -24.48 41.25 9.65
CA VAL D 154 -24.94 41.30 8.27
C VAL D 154 -26.33 41.95 8.27
N LYS D 155 -27.22 41.47 9.13
CA LYS D 155 -28.55 42.03 9.22
C LYS D 155 -28.49 43.52 9.58
N PHE D 156 -27.86 43.87 10.70
CA PHE D 156 -27.76 45.26 11.10
C PHE D 156 -27.16 46.13 10.02
N LEU D 157 -26.27 45.60 9.18
CA LEU D 157 -25.69 46.46 8.16
C LEU D 157 -26.76 46.84 7.14
N LEU D 158 -27.48 45.82 6.67
CA LEU D 158 -28.50 45.96 5.65
C LEU D 158 -29.80 46.60 6.15
N GLN D 159 -30.10 46.42 7.43
CA GLN D 159 -31.40 46.88 7.96
C GLN D 159 -31.39 48.21 8.76
N ASN D 160 -30.25 48.63 9.30
CA ASN D 160 -30.16 49.85 10.13
C ASN D 160 -30.75 51.16 9.55
N SER D 161 -31.12 52.05 10.47
CA SER D 161 -31.73 53.34 10.14
C SER D 161 -30.75 54.32 9.55
N TRP D 162 -29.47 54.14 9.85
CA TRP D 162 -28.48 55.20 9.61
C TRP D 162 -27.88 55.14 8.24
N GLN D 163 -27.39 53.98 7.84
CA GLN D 163 -27.02 53.76 6.45
C GLN D 163 -27.14 52.29 6.15
N PRO D 164 -28.15 51.91 5.34
CA PRO D 164 -28.28 50.51 4.98
C PRO D 164 -27.19 50.18 3.98
N ALA D 165 -26.61 48.99 4.12
CA ALA D 165 -25.56 48.55 3.19
C ALA D 165 -26.15 48.36 1.79
N ASP D 166 -25.38 48.70 0.75
CA ASP D 166 -25.73 48.37 -0.62
C ASP D 166 -25.43 46.89 -0.80
N ILE D 167 -26.48 46.07 -0.83
CA ILE D 167 -26.29 44.61 -0.90
C ILE D 167 -25.64 44.11 -2.20
N SER D 168 -25.57 44.94 -3.22
CA SER D 168 -25.01 44.49 -4.49
C SER D 168 -23.65 45.13 -4.82
N ALA D 169 -23.03 45.82 -3.88
CA ALA D 169 -21.79 46.51 -4.20
C ALA D 169 -20.73 45.48 -4.58
N ARG D 170 -19.78 45.90 -5.42
CA ARG D 170 -18.70 45.07 -5.89
C ARG D 170 -17.37 45.59 -5.31
N ASP D 171 -16.52 44.67 -4.82
CA ASP D 171 -15.15 45.03 -4.39
C ASP D 171 -14.18 45.27 -5.58
N SER D 172 -12.93 45.56 -5.28
CA SER D 172 -11.99 45.97 -6.34
C SER D 172 -11.91 44.93 -7.47
N VAL D 173 -12.16 43.67 -7.14
CA VAL D 173 -12.09 42.56 -8.06
C VAL D 173 -13.43 42.28 -8.79
N GLY D 174 -14.48 42.97 -8.39
CA GLY D 174 -15.78 42.82 -9.00
C GLY D 174 -16.69 41.94 -8.17
N ASN D 175 -16.15 41.46 -7.05
CA ASN D 175 -16.87 40.51 -6.24
C ASN D 175 -17.91 41.14 -5.35
N THR D 176 -19.06 40.52 -5.30
CA THR D 176 -20.07 40.91 -4.34
C THR D 176 -19.91 39.97 -3.17
N VAL D 177 -20.78 40.15 -2.17
CA VAL D 177 -20.78 39.29 -0.98
C VAL D 177 -20.97 37.84 -1.36
N LEU D 178 -21.77 37.58 -2.39
CA LEU D 178 -21.92 36.22 -2.87
C LEU D 178 -20.61 35.75 -3.50
N HIS D 179 -19.98 36.58 -4.33
CA HIS D 179 -18.66 36.20 -4.83
C HIS D 179 -17.66 35.92 -3.68
N ALA D 180 -17.55 36.86 -2.73
CA ALA D 180 -16.60 36.71 -1.63
C ALA D 180 -16.81 35.40 -0.84
N LEU D 181 -18.07 35.04 -0.61
CA LEU D 181 -18.43 33.83 0.12
C LEU D 181 -17.89 32.58 -0.59
N VAL D 182 -18.07 32.56 -1.93
CA VAL D 182 -17.53 31.51 -2.80
C VAL D 182 -16.01 31.49 -2.64
N GLU D 183 -15.40 32.65 -2.50
CA GLU D 183 -13.95 32.71 -2.41
C GLU D 183 -13.46 32.20 -1.06
N VAL D 184 -14.32 32.32 -0.07
CA VAL D 184 -13.95 32.00 1.29
C VAL D 184 -14.19 30.51 1.64
N ALA D 185 -14.87 29.80 0.75
CA ALA D 185 -15.06 28.35 0.87
C ALA D 185 -13.75 27.60 0.68
N ASP D 186 -13.58 26.53 1.46
CA ASP D 186 -12.38 25.70 1.41
C ASP D 186 -12.66 24.20 1.39
N ASN D 187 -13.90 23.84 1.00
CA ASN D 187 -14.33 22.45 0.80
C ASN D 187 -14.32 21.52 2.03
N THR D 188 -14.27 22.11 3.21
CA THR D 188 -14.41 21.31 4.43
C THR D 188 -15.88 21.33 4.79
N VAL D 189 -16.33 20.29 5.48
CA VAL D 189 -17.77 20.12 5.72
C VAL D 189 -18.39 21.27 6.50
N ASP D 190 -17.75 21.70 7.59
CA ASP D 190 -18.25 22.84 8.37
C ASP D 190 -18.12 24.17 7.62
N ASN D 191 -17.22 24.22 6.62
CA ASN D 191 -17.03 25.43 5.80
C ASN D 191 -18.18 25.63 4.86
N THR D 192 -18.44 24.60 4.05
CA THR D 192 -19.61 24.52 3.20
C THR D 192 -20.83 24.92 3.99
N LYS D 193 -21.08 24.21 5.08
CA LYS D 193 -22.25 24.45 5.92
C LYS D 193 -22.46 25.92 6.24
N PHE D 194 -21.45 26.60 6.79
CA PHE D 194 -21.61 28.02 7.12
C PHE D 194 -21.76 28.96 5.90
N VAL D 195 -20.96 28.73 4.86
CA VAL D 195 -21.02 29.58 3.66
C VAL D 195 -22.38 29.41 3.02
N THR D 196 -22.76 28.15 2.93
CA THR D 196 -23.99 27.75 2.25
C THR D 196 -25.23 28.50 2.78
N SER D 197 -25.33 28.68 4.07
CA SER D 197 -26.53 29.21 4.67
C SER D 197 -26.42 30.71 4.87
N MET D 198 -25.20 31.18 5.03
CA MET D 198 -24.99 32.62 4.99
C MET D 198 -25.35 33.12 3.61
N TYR D 199 -25.01 32.34 2.60
CA TYR D 199 -25.42 32.62 1.21
C TYR D 199 -26.94 32.71 1.15
N ASN D 200 -27.60 31.63 1.54
CA ASN D 200 -29.05 31.55 1.73
C ASN D 200 -29.60 32.79 2.39
N GLU D 201 -29.02 33.14 3.52
CA GLU D 201 -29.43 34.31 4.28
C GLU D 201 -29.38 35.60 3.51
N ILE D 202 -28.33 35.77 2.72
CA ILE D 202 -28.16 36.98 1.92
C ILE D 202 -29.25 37.09 0.89
N LEU D 203 -29.57 35.96 0.26
CA LEU D 203 -30.58 35.94 -0.76
C LEU D 203 -31.94 36.27 -0.14
N ILE D 204 -32.27 35.62 0.97
CA ILE D 204 -33.53 35.88 1.69
C ILE D 204 -33.66 37.37 2.01
N LEU D 205 -32.54 38.02 2.31
CA LEU D 205 -32.53 39.42 2.66
C LEU D 205 -32.63 40.29 1.43
N GLY D 206 -32.04 39.82 0.34
CA GLY D 206 -32.12 40.52 -0.93
C GLY D 206 -33.57 40.59 -1.35
N ALA D 207 -34.21 39.44 -1.41
CA ALA D 207 -35.62 39.30 -1.79
C ALA D 207 -36.62 40.00 -0.85
N LYS D 208 -36.30 40.04 0.44
CA LYS D 208 -37.13 40.75 1.40
C LYS D 208 -37.02 42.24 1.16
N LEU D 209 -35.79 42.75 1.25
CA LEU D 209 -35.50 44.19 1.19
C LEU D 209 -35.57 44.80 -0.23
N HIS D 210 -35.01 44.12 -1.22
CA HIS D 210 -34.90 44.72 -2.55
C HIS D 210 -35.16 43.68 -3.62
N PRO D 211 -36.45 43.41 -3.90
CA PRO D 211 -36.93 42.22 -4.65
C PRO D 211 -36.57 42.20 -6.13
N THR D 212 -36.37 43.39 -6.69
CA THR D 212 -36.08 43.60 -8.11
C THR D 212 -34.69 43.09 -8.50
N LEU D 213 -33.79 42.96 -7.52
CA LEU D 213 -32.37 42.69 -7.75
C LEU D 213 -32.11 41.23 -8.02
N LYS D 214 -31.63 40.93 -9.22
CA LYS D 214 -31.24 39.56 -9.56
C LYS D 214 -29.77 39.35 -9.15
N LEU D 215 -29.58 39.03 -7.87
CA LEU D 215 -28.27 38.98 -7.25
C LEU D 215 -27.32 37.95 -7.86
N GLU D 216 -27.85 36.79 -8.21
CA GLU D 216 -26.95 35.71 -8.59
C GLU D 216 -26.46 35.85 -10.02
N GLU D 217 -26.99 36.84 -10.71
CA GLU D 217 -26.57 37.10 -12.08
C GLU D 217 -25.40 38.09 -12.22
N ILE D 218 -25.05 38.77 -11.12
CA ILE D 218 -24.01 39.81 -11.11
C ILE D 218 -22.59 39.25 -11.25
N THR D 219 -21.90 39.70 -12.32
CA THR D 219 -20.57 39.23 -12.73
C THR D 219 -19.40 39.99 -12.06
N ASN D 220 -18.43 39.25 -11.55
CA ASN D 220 -17.18 39.85 -11.03
C ASN D 220 -16.30 40.38 -12.18
N ARG D 221 -15.23 41.09 -11.90
CA ARG D 221 -14.45 41.65 -12.99
C ARG D 221 -14.27 40.66 -14.14
N LYS D 222 -13.91 39.41 -13.83
CA LYS D 222 -13.55 38.45 -14.87
C LYS D 222 -14.73 37.90 -15.66
N GLY D 223 -15.92 38.43 -15.43
CA GLY D 223 -17.13 37.98 -16.11
C GLY D 223 -17.87 36.83 -15.45
N LEU D 224 -17.55 36.54 -14.19
CA LEU D 224 -18.08 35.38 -13.51
C LEU D 224 -19.21 35.70 -12.56
N THR D 225 -20.35 35.02 -12.76
CA THR D 225 -21.38 34.95 -11.73
C THR D 225 -20.78 34.18 -10.55
N PRO D 226 -21.39 34.31 -9.33
CA PRO D 226 -20.92 33.55 -8.16
C PRO D 226 -20.80 32.08 -8.48
N LEU D 227 -21.87 31.49 -9.02
CA LEU D 227 -21.82 30.10 -9.47
C LEU D 227 -20.59 29.82 -10.32
N ALA D 228 -20.39 30.63 -11.37
CA ALA D 228 -19.32 30.33 -12.31
C ALA D 228 -17.93 30.45 -11.69
N LEU D 229 -17.78 31.35 -10.73
CA LEU D 229 -16.57 31.43 -9.91
C LEU D 229 -16.42 30.14 -9.12
N ALA D 230 -17.45 29.77 -8.36
CA ALA D 230 -17.42 28.53 -7.59
C ALA D 230 -16.80 27.40 -8.39
N ALA D 231 -17.26 27.26 -9.63
CA ALA D 231 -16.89 26.17 -10.53
C ALA D 231 -15.51 26.37 -11.14
N SER D 232 -15.15 27.63 -11.39
CA SER D 232 -13.79 27.95 -11.83
C SER D 232 -12.77 27.61 -10.75
N SER D 233 -13.14 27.73 -9.47
CA SER D 233 -12.17 27.48 -8.39
C SER D 233 -12.37 26.18 -7.57
N GLY D 234 -13.10 25.23 -8.14
CA GLY D 234 -13.32 23.91 -7.51
C GLY D 234 -13.89 23.95 -6.09
N LYS D 235 -14.83 24.87 -5.89
CA LYS D 235 -15.56 25.02 -4.63
C LYS D 235 -16.87 24.24 -4.72
N ILE D 236 -16.75 22.93 -4.64
CA ILE D 236 -17.74 22.00 -5.16
C ILE D 236 -19.00 21.94 -4.30
N GLY D 237 -18.80 21.89 -2.98
CA GLY D 237 -19.93 21.78 -2.05
C GLY D 237 -20.91 22.91 -2.28
N VAL D 238 -20.34 24.08 -2.56
CA VAL D 238 -21.10 25.31 -2.71
C VAL D 238 -21.74 25.36 -4.08
N LEU D 239 -20.95 25.04 -5.10
CA LEU D 239 -21.49 24.81 -6.44
C LEU D 239 -22.74 23.93 -6.38
N ALA D 240 -22.61 22.76 -5.79
CA ALA D 240 -23.77 21.86 -5.57
C ALA D 240 -24.92 22.54 -4.81
N TYR D 241 -24.56 23.34 -3.80
CA TYR D 241 -25.56 24.07 -3.02
C TYR D 241 -26.34 25.12 -3.84
N ILE D 242 -25.62 25.85 -4.68
CA ILE D 242 -26.20 26.94 -5.46
C ILE D 242 -27.12 26.39 -6.53
N LEU D 243 -26.77 25.24 -7.09
CA LEU D 243 -27.57 24.72 -8.18
C LEU D 243 -28.79 24.02 -7.63
N GLN D 244 -28.58 23.33 -6.52
CA GLN D 244 -29.54 22.41 -5.95
C GLN D 244 -30.12 22.95 -4.64
N ARG D 245 -29.91 24.23 -4.39
CA ARG D 245 -30.35 24.81 -3.14
C ARG D 245 -31.83 25.12 -3.31
N GLU D 246 -32.63 24.05 -3.35
CA GLU D 246 -34.06 24.17 -3.50
C GLU D 246 -34.64 24.87 -2.29
N ILE D 247 -35.60 25.75 -2.54
CA ILE D 247 -36.22 26.53 -1.48
C ILE D 247 -37.72 26.34 -1.43
N HIS D 248 -38.27 26.14 -0.24
CA HIS D 248 -39.72 26.07 -0.11
C HIS D 248 -40.25 26.99 1.00
N GLU D 249 -40.85 28.10 0.58
CA GLU D 249 -41.56 29.02 1.47
C GLU D 249 -42.32 29.95 0.54
N PRO D 250 -43.19 30.81 1.06
CA PRO D 250 -43.87 31.71 0.13
C PRO D 250 -42.79 32.50 -0.61
N GLU D 251 -42.92 32.56 -1.94
CA GLU D 251 -41.92 33.22 -2.79
C GLU D 251 -40.71 32.31 -3.04
N CYS D 252 -40.79 31.09 -2.54
CA CYS D 252 -39.70 30.11 -2.65
C CYS D 252 -39.35 29.69 -4.07
N ARG D 253 -40.37 29.50 -4.90
CA ARG D 253 -40.22 28.87 -6.21
C ARG D 253 -39.30 29.64 -7.15
N HIS D 254 -39.39 30.96 -7.14
CA HIS D 254 -38.58 31.79 -8.03
C HIS D 254 -37.09 31.62 -7.73
N LEU D 255 -36.76 31.56 -6.45
CA LEU D 255 -35.38 31.34 -6.01
C LEU D 255 -34.79 29.95 -6.27
N SER D 256 -35.57 28.90 -6.04
CA SER D 256 -35.05 27.53 -6.04
C SER D 256 -34.51 27.03 -7.38
N ARG D 257 -33.43 26.27 -7.29
CA ARG D 257 -32.83 25.55 -8.42
C ARG D 257 -33.42 24.16 -8.70
N LYS D 258 -33.64 23.40 -7.65
CA LYS D 258 -34.23 22.06 -7.74
C LYS D 258 -35.58 21.90 -7.06
N PHE D 259 -36.53 21.31 -7.80
CA PHE D 259 -37.77 20.82 -7.23
C PHE D 259 -37.83 19.31 -7.47
N THR D 260 -38.04 18.54 -6.40
CA THR D 260 -38.22 17.09 -6.52
C THR D 260 -39.60 16.77 -5.93
N GLU D 261 -40.41 16.00 -6.64
CA GLU D 261 -41.70 15.62 -6.07
C GLU D 261 -42.26 14.29 -6.55
N TRP D 262 -41.67 13.16 -6.19
CA TRP D 262 -42.28 11.87 -6.58
C TRP D 262 -41.93 10.69 -5.72
N ALA D 263 -42.56 10.52 -4.55
CA ALA D 263 -42.12 9.49 -3.61
C ALA D 263 -43.07 8.30 -3.38
N TYR D 264 -42.52 7.10 -3.53
CA TYR D 264 -43.21 5.86 -3.18
C TYR D 264 -42.52 5.22 -1.98
N GLY D 265 -43.29 4.46 -1.21
CA GLY D 265 -42.90 4.06 0.13
C GLY D 265 -41.41 3.80 0.16
N PRO D 266 -40.89 3.20 -0.91
CA PRO D 266 -39.44 2.94 -1.04
C PRO D 266 -38.59 4.18 -1.22
N VAL D 267 -39.11 5.09 -2.03
CA VAL D 267 -38.57 5.52 -3.31
C VAL D 267 -38.48 7.03 -3.29
N HIS D 268 -37.66 7.61 -4.17
CA HIS D 268 -37.57 9.04 -4.25
C HIS D 268 -37.18 9.53 -5.64
N SER D 269 -37.57 10.75 -5.94
CA SER D 269 -37.24 11.38 -7.22
C SER D 269 -36.72 12.77 -6.93
N SER D 270 -35.71 13.20 -7.67
CA SER D 270 -35.16 14.54 -7.51
C SER D 270 -35.23 15.27 -8.84
N LEU D 271 -35.60 16.54 -8.80
CA LEU D 271 -35.72 17.34 -10.02
C LEU D 271 -34.77 18.53 -10.01
N TYR D 272 -34.05 18.75 -11.12
CA TYR D 272 -33.01 19.80 -11.14
C TYR D 272 -33.28 20.87 -12.22
N ASP D 273 -32.85 22.12 -12.02
CA ASP D 273 -33.58 23.18 -12.70
C ASP D 273 -33.72 23.22 -14.24
N LEU D 274 -32.65 23.14 -15.01
CA LEU D 274 -31.30 23.34 -14.53
C LEU D 274 -30.72 24.52 -15.32
N SER D 275 -30.22 25.50 -14.59
CA SER D 275 -29.62 26.70 -15.18
C SER D 275 -28.28 26.49 -15.89
N CYS D 276 -27.46 25.60 -15.34
CA CYS D 276 -26.07 25.47 -15.79
C CYS D 276 -26.03 25.07 -17.25
N ILE D 277 -26.93 24.19 -17.65
CA ILE D 277 -27.06 23.83 -19.04
C ILE D 277 -27.47 25.07 -19.83
N ASP D 278 -28.36 25.86 -19.24
CA ASP D 278 -28.86 27.08 -19.88
C ASP D 278 -27.75 28.09 -20.13
N THR D 279 -26.81 28.24 -19.20
CA THR D 279 -25.78 29.26 -19.42
C THR D 279 -25.04 28.92 -20.70
N CYS D 280 -24.87 29.92 -21.57
CA CYS D 280 -24.19 29.70 -22.85
C CYS D 280 -23.18 30.79 -23.21
N GLU D 281 -23.68 32.00 -23.48
CA GLU D 281 -22.82 33.08 -23.94
C GLU D 281 -21.74 33.37 -22.92
N LYS D 282 -22.14 33.36 -21.65
CA LYS D 282 -21.20 33.31 -20.55
C LYS D 282 -20.64 31.89 -20.51
N ASN D 283 -19.48 31.70 -19.90
CA ASN D 283 -18.88 30.39 -19.86
C ASN D 283 -19.80 29.43 -19.11
N SER D 284 -20.40 29.94 -18.04
CA SER D 284 -21.46 29.24 -17.33
C SER D 284 -20.94 28.19 -16.36
N VAL D 285 -21.82 27.65 -15.52
CA VAL D 285 -21.40 26.60 -14.62
C VAL D 285 -21.04 25.34 -15.40
N LEU D 286 -21.91 25.00 -16.35
CA LEU D 286 -21.69 23.84 -17.18
C LEU D 286 -20.47 24.04 -18.06
N GLU D 287 -20.35 25.23 -18.64
CA GLU D 287 -19.25 25.52 -19.54
C GLU D 287 -17.93 25.46 -18.79
N VAL D 288 -17.92 26.04 -17.60
CA VAL D 288 -16.71 26.05 -16.78
C VAL D 288 -16.34 24.63 -16.42
N ILE D 289 -17.34 23.83 -16.05
CA ILE D 289 -17.06 22.45 -15.67
C ILE D 289 -16.47 21.68 -16.85
N ALA D 290 -17.03 21.92 -18.03
CA ALA D 290 -16.59 21.28 -19.26
C ALA D 290 -15.16 21.66 -19.59
N TYR D 291 -14.92 22.96 -19.59
CA TYR D 291 -13.60 23.55 -19.88
C TYR D 291 -12.49 23.34 -18.85
N SER D 292 -12.84 23.43 -17.57
CA SER D 292 -11.86 23.66 -16.52
C SER D 292 -10.80 22.57 -16.41
N SER D 293 -9.56 22.99 -16.26
CA SER D 293 -8.44 22.05 -16.21
C SER D 293 -7.28 22.49 -15.30
N SER D 294 -6.52 21.49 -14.86
CA SER D 294 -5.30 21.66 -14.08
C SER D 294 -5.54 22.27 -12.71
N GLU D 295 -6.80 22.45 -12.34
CA GLU D 295 -7.12 22.97 -11.01
C GLU D 295 -6.74 21.97 -9.93
N THR D 296 -7.01 20.70 -10.21
CA THR D 296 -6.68 19.58 -9.32
C THR D 296 -7.78 19.28 -8.29
N PRO D 297 -8.86 20.17 -8.25
CA PRO D 297 -9.95 19.75 -7.37
C PRO D 297 -11.10 19.21 -8.20
N ASN D 298 -10.84 19.04 -9.51
CA ASN D 298 -11.89 18.81 -10.50
C ASN D 298 -12.71 17.54 -10.32
N ARG D 299 -12.08 16.42 -9.97
CA ARG D 299 -12.84 15.19 -9.91
C ARG D 299 -14.21 15.44 -9.27
N HIS D 300 -14.21 16.23 -8.21
CA HIS D 300 -15.43 16.55 -7.46
C HIS D 300 -16.46 17.35 -8.24
N ASP D 301 -16.00 18.33 -9.00
CA ASP D 301 -16.90 19.25 -9.70
C ASP D 301 -17.61 18.53 -10.84
N MET D 302 -16.86 17.70 -11.54
CA MET D 302 -17.43 16.92 -12.65
C MET D 302 -18.50 15.98 -12.12
N LEU D 303 -18.21 15.40 -10.96
CA LEU D 303 -19.05 14.42 -10.30
C LEU D 303 -20.41 14.97 -9.90
N LEU D 304 -20.50 16.30 -9.80
CA LEU D 304 -21.65 16.95 -9.20
C LEU D 304 -22.94 16.61 -9.94
N VAL D 305 -23.99 16.38 -9.16
CA VAL D 305 -25.27 15.91 -9.69
C VAL D 305 -26.39 16.61 -8.94
N GLU D 306 -27.63 16.43 -9.39
CA GLU D 306 -27.96 15.59 -10.54
C GLU D 306 -27.46 16.07 -11.91
N PRO D 307 -27.55 17.45 -12.15
CA PRO D 307 -27.40 17.79 -13.57
C PRO D 307 -26.04 17.46 -14.19
N LEU D 308 -24.93 17.78 -13.57
CA LEU D 308 -23.69 17.57 -14.30
C LEU D 308 -23.55 16.10 -14.63
N ASN D 309 -23.76 15.23 -13.65
CA ASN D 309 -23.81 13.79 -13.94
C ASN D 309 -25.04 13.41 -14.73
N ARG D 310 -26.19 13.93 -14.30
CA ARG D 310 -27.45 13.65 -14.97
C ARG D 310 -27.46 14.21 -16.37
N LEU D 311 -26.98 15.43 -16.53
CA LEU D 311 -27.08 16.08 -17.84
C LEU D 311 -26.29 15.33 -18.91
N LEU D 312 -25.09 14.88 -18.55
CA LEU D 312 -24.21 14.20 -19.50
C LEU D 312 -24.85 12.91 -20.02
N GLN D 313 -25.46 12.15 -19.12
CA GLN D 313 -26.08 10.88 -19.51
C GLN D 313 -27.21 11.12 -20.50
N ASP D 314 -28.00 12.16 -20.25
CA ASP D 314 -29.09 12.52 -21.15
C ASP D 314 -28.56 12.95 -22.51
N LYS D 315 -27.47 13.72 -22.51
CA LYS D 315 -26.89 14.20 -23.76
C LYS D 315 -26.34 13.08 -24.64
N TRP D 316 -25.73 12.09 -24.00
CA TRP D 316 -24.96 11.04 -24.69
C TRP D 316 -25.64 9.70 -24.86
N ASP D 317 -26.36 9.26 -23.83
CA ASP D 317 -27.02 7.98 -23.95
C ASP D 317 -27.99 8.12 -25.11
N ARG D 318 -28.69 9.26 -25.17
CA ARG D 318 -29.65 9.48 -26.24
C ARG D 318 -29.04 9.56 -27.64
N PHE D 319 -27.94 10.29 -27.82
CA PHE D 319 -27.36 10.43 -29.15
C PHE D 319 -25.84 10.53 -29.28
N VAL D 320 -25.17 11.04 -28.24
CA VAL D 320 -23.75 11.40 -28.35
C VAL D 320 -22.80 10.23 -28.64
N LYS D 321 -23.05 9.11 -27.98
CA LYS D 321 -22.23 7.93 -28.13
C LYS D 321 -22.18 7.50 -29.58
N ARG D 322 -23.34 7.56 -30.25
CA ARG D 322 -23.41 7.22 -31.66
C ARG D 322 -22.56 8.17 -32.51
N ILE D 323 -22.61 9.46 -32.18
CA ILE D 323 -21.87 10.46 -32.95
C ILE D 323 -20.36 10.28 -32.88
N PHE D 324 -19.85 9.94 -31.70
CA PHE D 324 -18.41 9.79 -31.53
C PHE D 324 -17.81 8.62 -32.31
N TYR D 325 -18.51 7.49 -32.30
CA TYR D 325 -18.03 6.30 -33.02
C TYR D 325 -17.92 6.57 -34.51
N PHE D 326 -18.87 7.32 -35.06
CA PHE D 326 -18.83 7.67 -36.46
C PHE D 326 -17.59 8.51 -36.72
N ASN D 327 -17.28 9.41 -35.80
CA ASN D 327 -16.09 10.24 -35.94
C ASN D 327 -14.82 9.38 -35.90
N PHE D 328 -14.80 8.44 -34.97
CA PHE D 328 -13.65 7.56 -34.82
C PHE D 328 -13.46 6.71 -36.06
N PHE D 329 -14.55 6.13 -36.56
CA PHE D 329 -14.50 5.30 -37.75
C PHE D 329 -14.05 6.09 -38.97
N VAL D 330 -14.56 7.31 -39.11
CA VAL D 330 -14.19 8.18 -40.21
C VAL D 330 -12.70 8.49 -40.15
N TYR D 331 -12.20 8.73 -38.94
CA TYR D 331 -10.79 9.02 -38.78
C TYR D 331 -9.93 7.84 -39.18
N CYS D 332 -10.40 6.65 -38.85
CA CYS D 332 -9.62 5.42 -39.08
C CYS D 332 -9.34 5.22 -40.55
N LEU D 333 -10.34 5.48 -41.38
CA LEU D 333 -10.18 5.35 -42.82
C LEU D 333 -9.14 6.36 -43.30
N TYR D 334 -9.15 7.55 -42.74
CA TYR D 334 -8.20 8.55 -43.18
C TYR D 334 -6.80 8.00 -42.93
N MET D 335 -6.63 7.33 -41.81
CA MET D 335 -5.34 6.71 -41.47
C MET D 335 -4.92 5.62 -42.44
N ILE D 336 -5.87 4.78 -42.85
CA ILE D 336 -5.56 3.66 -43.74
C ILE D 336 -5.05 4.20 -45.08
N ILE D 337 -5.72 5.24 -45.54
CA ILE D 337 -5.37 5.94 -46.77
C ILE D 337 -4.01 6.64 -46.70
N PHE D 338 -3.71 7.34 -45.61
CA PHE D 338 -2.45 8.07 -45.50
C PHE D 338 -1.24 7.13 -45.56
N THR D 339 -1.36 6.01 -44.85
CA THR D 339 -0.39 4.93 -44.88
C THR D 339 -0.35 4.20 -46.23
N ALA D 340 -1.51 3.97 -46.85
CA ALA D 340 -1.54 3.20 -48.08
C ALA D 340 -0.82 3.91 -49.21
N ALA D 341 -1.05 5.21 -49.36
CA ALA D 341 -0.35 5.94 -50.38
C ALA D 341 1.12 5.93 -50.04
N ALA D 342 1.43 6.18 -48.77
CA ALA D 342 2.80 6.24 -48.32
C ALA D 342 3.47 4.88 -48.48
N TYR D 343 2.73 3.83 -48.14
CA TYR D 343 3.23 2.47 -48.26
C TYR D 343 3.53 2.12 -49.71
N TYR D 344 2.66 2.56 -50.61
CA TYR D 344 2.74 2.21 -52.02
C TYR D 344 3.28 3.32 -52.91
N ARG D 345 3.84 4.36 -52.30
CA ARG D 345 4.33 5.51 -53.05
C ARG D 345 5.41 5.05 -54.03
N PRO D 346 5.45 5.67 -55.19
CA PRO D 346 6.43 5.32 -56.23
C PRO D 346 7.78 5.95 -55.95
N VAL D 347 8.84 5.16 -56.09
CA VAL D 347 10.20 5.61 -55.81
C VAL D 347 10.66 6.75 -56.71
N GLU D 348 10.31 6.65 -58.00
CA GLU D 348 10.72 7.65 -58.99
C GLU D 348 12.24 7.76 -59.02
N GLY D 349 12.77 8.99 -59.01
CA GLY D 349 11.99 10.20 -59.17
C GLY D 349 11.53 10.83 -57.87
N LEU D 350 11.23 12.12 -57.91
CA LEU D 350 10.66 12.80 -56.75
C LEU D 350 9.34 13.49 -57.11
N PRO D 351 8.29 13.17 -56.37
CA PRO D 351 6.99 13.83 -56.58
C PRO D 351 6.54 13.70 -58.03
N PRO D 352 6.14 14.80 -58.64
CA PRO D 352 5.81 14.86 -60.06
C PRO D 352 7.07 14.77 -60.92
N TYR D 353 6.95 14.35 -62.17
CA TYR D 353 5.67 14.00 -62.79
C TYR D 353 5.08 12.70 -62.26
N LYS D 354 3.75 12.68 -62.12
CA LYS D 354 3.03 11.46 -61.78
C LYS D 354 2.04 11.18 -62.91
N LEU D 355 2.08 9.97 -63.44
CA LEU D 355 1.26 9.62 -64.60
C LEU D 355 -0.24 9.68 -64.30
N LYS D 356 -0.65 9.20 -63.14
CA LYS D 356 -2.05 9.19 -62.76
C LYS D 356 -2.87 8.45 -63.82
N ASN D 357 -2.31 7.36 -64.34
CA ASN D 357 -2.97 6.60 -65.40
C ASN D 357 -3.28 5.16 -64.99
N THR D 358 -4.53 4.76 -65.22
CA THR D 358 -4.96 3.40 -64.91
C THR D 358 -5.35 3.27 -63.43
N VAL D 359 -5.79 2.08 -63.04
CA VAL D 359 -6.18 1.82 -61.66
C VAL D 359 -5.00 1.97 -60.71
N GLY D 360 -3.85 1.45 -61.12
CA GLY D 360 -2.66 1.53 -60.28
C GLY D 360 -2.19 2.95 -60.06
N ASP D 361 -2.24 3.75 -61.12
CA ASP D 361 -1.87 5.16 -61.02
C ASP D 361 -3.07 5.99 -60.61
N TYR D 362 -4.24 5.36 -60.57
CA TYR D 362 -5.48 6.06 -60.24
C TYR D 362 -5.88 5.92 -58.78
N PHE D 363 -5.73 4.72 -58.23
CA PHE D 363 -6.07 4.48 -56.83
C PHE D 363 -5.14 5.22 -55.87
N ARG D 364 -3.84 5.14 -56.12
CA ARG D 364 -2.85 5.81 -55.28
C ARG D 364 -3.01 7.33 -55.29
N VAL D 365 -3.27 7.89 -56.47
CA VAL D 365 -3.43 9.34 -56.61
C VAL D 365 -4.63 9.86 -55.83
N THR D 366 -5.71 9.11 -55.84
CA THR D 366 -6.87 9.50 -55.06
C THR D 366 -6.50 9.53 -53.60
N GLY D 367 -5.76 8.51 -53.16
CA GLY D 367 -5.34 8.45 -51.77
C GLY D 367 -4.48 9.64 -51.36
N GLU D 368 -3.55 10.02 -52.21
CA GLU D 368 -2.65 11.13 -51.91
C GLU D 368 -3.43 12.43 -51.77
N ILE D 369 -4.36 12.67 -52.68
CA ILE D 369 -5.22 13.83 -52.59
C ILE D 369 -6.11 13.77 -51.35
N LEU D 370 -6.65 12.59 -51.08
CA LEU D 370 -7.53 12.40 -49.93
C LEU D 370 -6.80 12.66 -48.63
N SER D 371 -5.57 12.14 -48.52
CA SER D 371 -4.78 12.32 -47.30
C SER D 371 -4.46 13.79 -47.05
N VAL D 372 -4.06 14.51 -48.08
CA VAL D 372 -3.79 15.94 -47.90
C VAL D 372 -5.06 16.68 -47.47
N SER D 373 -6.18 16.32 -48.12
CA SER D 373 -7.46 16.92 -47.81
C SER D 373 -7.82 16.62 -46.38
N GLY D 374 -7.53 15.40 -45.96
CA GLY D 374 -7.74 14.99 -44.59
C GLY D 374 -6.88 15.87 -43.70
N GLY D 375 -5.69 16.17 -44.18
CA GLY D 375 -4.77 17.02 -43.43
C GLY D 375 -5.31 18.42 -43.20
N VAL D 376 -5.98 19.00 -44.20
CA VAL D 376 -6.47 20.37 -44.07
C VAL D 376 -7.49 20.52 -42.95
N TYR D 377 -8.35 19.51 -42.77
CA TYR D 377 -9.42 19.62 -41.80
C TYR D 377 -8.88 19.81 -40.39
N PHE D 378 -7.82 19.08 -40.07
CA PHE D 378 -7.18 19.20 -38.77
C PHE D 378 -6.59 20.59 -38.58
N PHE D 379 -6.00 21.12 -39.65
CA PHE D 379 -5.38 22.44 -39.59
C PHE D 379 -6.43 23.52 -39.40
N PHE D 380 -7.53 23.42 -40.14
CA PHE D 380 -8.64 24.34 -39.99
C PHE D 380 -9.32 24.24 -38.61
N ARG D 381 -9.51 23.02 -38.13
CA ARG D 381 -10.13 22.78 -36.83
C ARG D 381 -9.24 23.30 -35.71
N GLY D 382 -7.93 23.06 -35.86
CA GLY D 382 -6.96 23.49 -34.87
C GLY D 382 -6.87 24.99 -34.69
N ILE D 383 -6.93 25.72 -35.80
CA ILE D 383 -6.78 27.16 -35.80
C ILE D 383 -7.88 27.80 -34.97
N GLN D 384 -9.09 27.27 -35.11
CA GLN D 384 -10.23 27.76 -34.34
C GLN D 384 -9.96 27.57 -32.85
N TYR D 385 -9.39 26.42 -32.50
CA TYR D 385 -9.06 26.13 -31.11
C TYR D 385 -8.05 27.14 -30.58
N PHE D 386 -7.02 27.43 -31.38
CA PHE D 386 -6.11 28.53 -31.08
C PHE D 386 -6.83 29.87 -31.15
N LEU D 387 -7.69 30.02 -32.16
CA LEU D 387 -8.45 31.23 -32.38
C LEU D 387 -9.55 31.53 -31.35
N GLN D 388 -10.32 30.51 -30.99
CA GLN D 388 -11.40 30.70 -30.03
C GLN D 388 -10.88 31.14 -28.67
N ARG D 389 -9.75 30.53 -28.27
CA ARG D 389 -9.11 30.80 -27.00
C ARG D 389 -7.61 30.98 -27.17
N ARG D 390 -7.20 32.20 -27.46
CA ARG D 390 -5.79 32.52 -27.70
C ARG D 390 -4.91 32.26 -26.48
N PRO D 391 -5.41 32.60 -25.30
CA PRO D 391 -4.61 32.47 -24.07
C PRO D 391 -4.27 31.02 -23.76
N SER D 392 -3.05 30.79 -23.31
CA SER D 392 -2.57 29.45 -22.97
C SER D 392 -3.05 28.40 -23.96
N VAL D 398 0.66 21.26 -22.08
CA VAL D 398 0.02 20.30 -21.19
C VAL D 398 -1.41 20.01 -21.62
N ASP D 399 -2.35 20.79 -21.08
CA ASP D 399 -3.76 20.61 -21.38
C ASP D 399 -4.29 21.72 -22.29
N SER D 400 -5.00 21.36 -23.36
CA SER D 400 -5.35 19.97 -23.66
C SER D 400 -4.23 19.28 -24.44
N TYR D 401 -3.79 18.15 -23.90
CA TYR D 401 -2.69 17.39 -24.50
C TYR D 401 -2.98 16.82 -25.88
N SER D 402 -4.19 16.31 -26.10
CA SER D 402 -4.46 15.52 -27.29
C SER D 402 -4.77 16.39 -28.50
N GLU D 403 -5.55 17.44 -28.27
CA GLU D 403 -5.90 18.35 -29.35
C GLU D 403 -4.59 18.91 -29.88
N ILE D 404 -3.65 19.18 -28.98
CA ILE D 404 -2.40 19.80 -29.36
C ILE D 404 -1.62 18.92 -30.33
N LEU D 405 -1.63 17.63 -30.06
CA LEU D 405 -0.94 16.67 -30.93
C LEU D 405 -1.55 16.65 -32.33
N PHE D 406 -2.87 16.76 -32.41
CA PHE D 406 -3.55 16.70 -33.70
C PHE D 406 -3.08 17.81 -34.61
N PHE D 407 -2.91 19.01 -34.05
CA PHE D 407 -2.45 20.15 -34.82
C PHE D 407 -1.04 19.92 -35.38
N VAL D 408 -0.18 19.31 -34.56
CA VAL D 408 1.21 19.07 -34.94
C VAL D 408 1.33 18.15 -36.15
N GLN D 409 0.56 17.06 -36.13
CA GLN D 409 0.55 16.08 -37.21
C GLN D 409 0.01 16.63 -38.54
N SER D 410 -1.09 17.36 -38.46
CA SER D 410 -1.70 17.94 -39.65
C SER D 410 -0.75 18.92 -40.31
N LEU D 411 -0.07 19.71 -39.48
CA LEU D 411 0.92 20.66 -39.97
C LEU D 411 2.06 19.90 -40.64
N PHE D 412 2.43 18.78 -40.06
CA PHE D 412 3.55 18.00 -40.58
C PHE D 412 3.23 17.54 -41.99
N MET D 413 1.98 17.12 -42.20
CA MET D 413 1.54 16.73 -43.53
C MET D 413 1.61 17.90 -44.50
N LEU D 414 1.22 19.07 -44.02
CA LEU D 414 1.23 20.28 -44.83
C LEU D 414 2.65 20.61 -45.26
N VAL D 415 3.60 20.42 -44.34
CA VAL D 415 5.00 20.67 -44.64
C VAL D 415 5.45 19.74 -45.75
N SER D 416 5.01 18.50 -45.69
CA SER D 416 5.32 17.51 -46.71
C SER D 416 4.73 17.91 -48.06
N VAL D 417 3.50 18.42 -48.04
CA VAL D 417 2.81 18.79 -49.26
C VAL D 417 3.53 19.93 -49.97
N VAL D 418 3.96 20.91 -49.20
CA VAL D 418 4.71 22.04 -49.76
C VAL D 418 6.00 21.50 -50.36
N LEU D 419 6.61 20.57 -49.66
CA LEU D 419 7.83 19.92 -50.14
C LEU D 419 7.56 19.14 -51.43
N TYR D 420 6.42 18.47 -51.47
CA TYR D 420 6.05 17.69 -52.64
C TYR D 420 5.91 18.60 -53.86
N PHE D 421 5.29 19.75 -53.67
CA PHE D 421 5.22 20.75 -54.73
C PHE D 421 6.63 21.20 -55.05
N SER D 422 7.43 21.39 -54.01
CA SER D 422 8.87 21.62 -54.14
C SER D 422 9.50 20.36 -54.72
N GLN D 423 8.99 19.21 -54.32
CA GLN D 423 9.30 17.94 -54.97
C GLN D 423 10.62 17.30 -54.51
N ARG D 424 11.21 17.88 -53.47
CA ARG D 424 12.42 17.33 -52.88
C ARG D 424 12.14 15.95 -52.27
N LYS D 425 13.09 15.04 -52.44
CA LYS D 425 12.98 13.67 -51.93
C LYS D 425 12.86 13.65 -50.41
N GLU D 426 13.52 14.61 -49.77
CA GLU D 426 13.60 14.67 -48.32
C GLU D 426 12.21 14.85 -47.73
N TYR D 427 11.28 15.31 -48.56
CA TYR D 427 9.93 15.61 -48.09
C TYR D 427 9.29 14.37 -47.48
N VAL D 428 9.48 13.20 -48.10
CA VAL D 428 9.01 11.97 -47.47
C VAL D 428 9.21 11.95 -45.96
N ALA D 429 10.45 12.05 -45.52
CA ALA D 429 10.74 11.85 -44.10
C ALA D 429 9.69 12.56 -43.26
N SER D 430 9.32 13.77 -43.68
CA SER D 430 8.31 14.54 -42.97
C SER D 430 6.96 13.85 -43.01
N MET D 431 6.62 13.29 -44.17
CA MET D 431 5.36 12.57 -44.33
C MET D 431 5.36 11.35 -43.43
N VAL D 432 6.51 10.69 -43.35
CA VAL D 432 6.65 9.47 -42.57
C VAL D 432 6.35 9.81 -41.12
N PHE D 433 6.80 10.97 -40.66
CA PHE D 433 6.44 11.38 -39.32
C PHE D 433 4.92 11.54 -39.23
N SER D 434 4.33 12.10 -40.28
CA SER D 434 2.90 12.35 -40.33
C SER D 434 2.04 11.08 -40.27
N LEU D 435 2.45 10.06 -40.99
CA LEU D 435 1.70 8.79 -41.01
C LEU D 435 1.61 8.04 -39.68
N ALA D 436 2.75 8.00 -38.99
CA ALA D 436 2.91 7.34 -37.70
C ALA D 436 2.28 8.16 -36.60
N MET D 437 2.49 9.47 -36.65
CA MET D 437 1.93 10.36 -35.64
C MET D 437 0.41 10.30 -35.68
N GLY D 438 -0.16 10.24 -36.88
CA GLY D 438 -1.61 10.17 -36.98
C GLY D 438 -2.11 8.88 -36.37
N TRP D 439 -1.40 7.79 -36.63
CA TRP D 439 -1.82 6.52 -36.07
C TRP D 439 -1.78 6.56 -34.55
N THR D 440 -0.71 7.13 -33.98
CA THR D 440 -0.59 7.22 -32.53
C THR D 440 -1.69 8.10 -31.94
N ASN D 441 -2.04 9.13 -32.71
CA ASN D 441 -3.15 10.02 -32.40
C ASN D 441 -4.50 9.30 -32.38
N MET D 442 -4.65 8.34 -33.28
CA MET D 442 -5.90 7.63 -33.49
C MET D 442 -6.36 6.92 -32.23
N LEU D 443 -5.40 6.49 -31.42
CA LEU D 443 -5.67 5.72 -30.21
C LEU D 443 -6.49 6.52 -29.20
N TYR D 444 -6.51 7.84 -29.40
CA TYR D 444 -7.23 8.80 -28.56
C TYR D 444 -8.74 8.59 -28.58
N TYR D 445 -9.28 8.20 -29.73
CA TYR D 445 -10.72 8.15 -29.95
C TYR D 445 -11.36 7.17 -28.98
N THR D 446 -10.56 6.25 -28.47
CA THR D 446 -11.02 5.26 -27.50
C THR D 446 -11.50 5.98 -26.24
N ARG D 447 -11.03 7.21 -26.05
CA ARG D 447 -11.32 7.96 -24.84
C ARG D 447 -12.81 8.21 -24.58
N GLY D 448 -13.17 8.17 -23.31
CA GLY D 448 -14.52 8.10 -22.79
C GLY D 448 -14.91 6.69 -22.39
N PHE D 449 -13.96 5.78 -22.45
CA PHE D 449 -14.19 4.40 -22.09
C PHE D 449 -13.33 4.06 -20.87
N GLN D 450 -13.99 3.52 -19.84
CA GLN D 450 -13.40 3.44 -18.51
C GLN D 450 -12.14 2.58 -18.50
N GLN D 451 -12.18 1.43 -19.14
CA GLN D 451 -10.95 0.67 -19.28
C GLN D 451 -10.03 1.51 -20.13
N MET D 452 -10.49 1.84 -21.33
CA MET D 452 -9.68 2.54 -22.33
C MET D 452 -9.28 3.95 -21.91
N GLY D 453 -10.22 4.67 -21.33
CA GLY D 453 -9.97 6.04 -20.95
C GLY D 453 -8.87 6.07 -19.93
N ILE D 454 -8.81 5.08 -19.04
CA ILE D 454 -7.72 5.07 -18.07
C ILE D 454 -6.34 4.96 -18.73
N TYR D 455 -6.21 4.09 -19.73
CA TYR D 455 -4.92 3.87 -20.38
C TYR D 455 -4.36 5.11 -21.08
N ALA D 456 -5.22 5.81 -21.80
CA ALA D 456 -4.79 7.00 -22.52
C ALA D 456 -4.33 8.05 -21.51
N VAL D 457 -5.08 8.18 -20.43
CA VAL D 457 -4.75 9.17 -19.43
C VAL D 457 -3.39 8.84 -18.83
N MET D 458 -3.15 7.56 -18.54
CA MET D 458 -1.89 7.16 -17.96
C MET D 458 -0.73 7.45 -18.91
N ILE D 459 -0.94 7.18 -20.20
CA ILE D 459 0.11 7.44 -21.18
C ILE D 459 0.42 8.93 -21.25
N GLU D 460 -0.63 9.74 -21.23
CA GLU D 460 -0.46 11.19 -21.29
C GLU D 460 0.32 11.65 -20.06
N LYS D 461 0.01 11.06 -18.92
CA LYS D 461 0.71 11.40 -17.68
C LYS D 461 2.19 11.05 -17.73
N MET D 462 2.54 9.91 -18.32
CA MET D 462 3.95 9.50 -18.37
C MET D 462 4.80 10.50 -19.15
N ILE D 463 4.23 10.99 -20.24
CA ILE D 463 4.86 11.89 -21.18
C ILE D 463 4.83 13.37 -20.76
N LEU D 464 3.72 13.85 -20.22
CA LEU D 464 3.85 15.20 -19.68
C LEU D 464 4.84 15.21 -18.52
N ARG D 465 4.68 14.33 -17.54
CA ARG D 465 5.53 14.44 -16.36
C ARG D 465 6.76 13.52 -16.30
N ASP D 466 6.55 12.24 -16.04
CA ASP D 466 7.66 11.36 -15.67
C ASP D 466 8.71 11.18 -16.74
N LEU D 467 8.28 10.95 -17.98
CA LEU D 467 9.25 10.81 -19.07
C LEU D 467 9.97 12.13 -19.26
N CYS D 468 9.21 13.21 -19.25
CA CYS D 468 9.76 14.53 -19.52
C CYS D 468 10.78 14.87 -18.45
N ARG D 469 10.45 14.59 -17.20
CA ARG D 469 11.39 14.84 -16.11
C ARG D 469 12.65 13.98 -16.22
N PHE D 470 12.49 12.70 -16.50
CA PHE D 470 13.66 11.82 -16.59
C PHE D 470 14.56 12.13 -17.78
N MET D 471 13.93 12.50 -18.88
CA MET D 471 14.63 12.71 -20.12
C MET D 471 15.63 13.78 -19.80
N PHE D 472 15.27 14.74 -18.95
CA PHE D 472 16.31 15.70 -18.60
C PHE D 472 17.50 15.05 -17.88
N VAL D 473 17.21 14.22 -16.88
CA VAL D 473 18.27 13.54 -16.13
C VAL D 473 19.04 12.50 -16.95
N TYR D 474 18.31 11.71 -17.72
CA TYR D 474 18.95 10.70 -18.56
C TYR D 474 19.80 11.39 -19.60
N LEU D 475 19.28 12.49 -20.13
CA LEU D 475 19.98 13.25 -21.13
C LEU D 475 21.28 13.78 -20.56
N VAL D 476 21.24 14.27 -19.32
CA VAL D 476 22.48 14.72 -18.71
C VAL D 476 23.47 13.56 -18.50
N PHE D 477 22.99 12.45 -17.96
CA PHE D 477 23.89 11.33 -17.71
C PHE D 477 24.43 10.80 -19.02
N LEU D 478 23.53 10.65 -19.99
CA LEU D 478 23.93 10.12 -21.28
C LEU D 478 24.89 11.09 -21.96
N PHE D 479 24.57 12.37 -21.92
CA PHE D 479 25.39 13.34 -22.62
C PHE D 479 26.79 13.37 -22.04
N GLY D 480 26.87 13.39 -20.71
CA GLY D 480 28.17 13.45 -20.07
C GLY D 480 28.97 12.21 -20.38
N PHE D 481 28.31 11.06 -20.33
CA PHE D 481 29.02 9.82 -20.58
C PHE D 481 29.53 9.77 -22.02
N SER D 482 28.72 10.25 -22.95
CA SER D 482 29.08 10.27 -24.35
C SER D 482 30.28 11.17 -24.56
N THR D 483 30.29 12.32 -23.89
CA THR D 483 31.41 13.24 -24.03
C THR D 483 32.66 12.56 -23.50
N ALA D 484 32.52 11.86 -22.39
CA ALA D 484 33.68 11.19 -21.80
C ALA D 484 34.22 10.15 -22.76
N VAL D 485 33.34 9.38 -23.38
CA VAL D 485 33.77 8.38 -24.35
C VAL D 485 34.44 8.99 -25.59
N VAL D 486 33.90 10.09 -26.07
CA VAL D 486 34.38 10.68 -27.32
C VAL D 486 35.84 11.10 -27.20
N THR D 487 36.20 11.68 -26.07
CA THR D 487 37.59 12.01 -25.80
C THR D 487 38.51 10.79 -25.66
N LEU D 488 38.02 9.77 -24.98
CA LEU D 488 38.84 8.64 -24.55
C LEU D 488 39.47 7.75 -25.63
N ILE D 489 38.70 7.46 -26.67
CA ILE D 489 39.18 6.70 -27.81
C ILE D 489 38.19 6.82 -28.97
N GLU D 490 38.64 7.42 -30.06
CA GLU D 490 37.75 7.61 -31.21
C GLU D 490 37.31 6.24 -31.74
N ASP D 491 38.26 5.32 -31.82
CA ASP D 491 37.94 3.94 -32.17
C ASP D 491 37.14 3.89 -33.46
N GLY D 492 36.11 3.05 -33.47
CA GLY D 492 35.20 2.97 -34.59
C GLY D 492 33.76 3.17 -34.17
N LYS D 493 33.10 4.15 -34.77
CA LYS D 493 31.69 4.40 -34.56
C LYS D 493 31.49 5.20 -33.27
N TYR D 494 32.59 5.43 -32.55
CA TYR D 494 32.56 6.26 -31.37
C TYR D 494 33.16 7.63 -31.69
N ASN D 495 33.62 7.78 -32.93
CA ASN D 495 34.24 9.02 -33.37
C ASN D 495 33.22 10.16 -33.33
N SER D 496 32.00 9.86 -33.73
CA SER D 496 30.94 10.87 -33.70
C SER D 496 30.17 10.88 -32.39
N LEU D 497 29.79 12.06 -31.96
CA LEU D 497 28.85 12.21 -30.85
C LEU D 497 27.41 11.79 -31.18
N TYR D 498 26.94 12.09 -32.38
CA TYR D 498 25.60 11.64 -32.75
C TYR D 498 25.48 10.13 -32.79
N SER D 499 26.51 9.47 -33.33
CA SER D 499 26.58 8.01 -33.36
C SER D 499 26.86 7.40 -31.99
N THR D 500 27.81 8.00 -31.26
CA THR D 500 28.16 7.49 -29.95
C THR D 500 26.98 7.58 -29.00
N CYS D 501 26.24 8.67 -29.09
CA CYS D 501 25.05 8.83 -28.27
C CYS D 501 24.04 7.75 -28.62
N LEU D 502 23.91 7.47 -29.91
CA LEU D 502 23.03 6.41 -30.37
C LEU D 502 23.51 5.08 -29.84
N GLU D 503 24.82 4.90 -29.85
CA GLU D 503 25.43 3.69 -29.31
C GLU D 503 25.13 3.59 -27.82
N LEU D 504 25.18 4.72 -27.13
CA LEU D 504 24.97 4.74 -25.69
C LEU D 504 23.50 4.57 -25.31
N PHE D 505 22.61 5.19 -26.08
CA PHE D 505 21.18 5.07 -25.86
C PHE D 505 20.76 3.60 -26.02
N LYS D 506 21.39 2.91 -26.96
CA LYS D 506 21.08 1.52 -27.21
C LYS D 506 21.40 0.74 -25.94
N PHE D 507 22.51 1.11 -25.32
CA PHE D 507 22.91 0.50 -24.06
C PHE D 507 21.90 0.78 -22.94
N THR D 508 21.36 1.99 -22.89
CA THR D 508 20.40 2.34 -21.86
C THR D 508 19.06 1.60 -22.01
N ILE D 509 18.66 1.41 -23.26
CA ILE D 509 17.46 0.64 -23.58
C ILE D 509 17.65 -0.80 -23.13
N GLY D 510 18.90 -1.20 -22.97
CA GLY D 510 19.23 -2.55 -22.55
C GLY D 510 19.58 -3.51 -23.68
N MET D 511 19.67 -3.00 -24.90
CA MET D 511 20.19 -3.81 -26.00
C MET D 511 21.60 -3.33 -26.33
N GLY D 512 22.57 -4.22 -26.18
CA GLY D 512 23.96 -3.90 -26.42
C GLY D 512 24.81 -5.11 -26.71
N ASP D 513 25.96 -4.88 -27.32
CA ASP D 513 26.95 -5.92 -27.52
C ASP D 513 28.14 -5.51 -26.69
N LEU D 514 28.61 -6.40 -25.82
CA LEU D 514 29.53 -5.98 -24.76
C LEU D 514 30.96 -6.48 -24.84
N GLU D 515 31.88 -5.59 -24.51
CA GLU D 515 33.31 -5.89 -24.42
C GLU D 515 33.92 -6.43 -25.70
N PHE D 516 33.50 -5.88 -26.83
CA PHE D 516 34.12 -6.22 -28.11
C PHE D 516 35.58 -5.81 -28.05
N THR D 517 35.83 -4.63 -27.47
CA THR D 517 37.19 -4.15 -27.26
C THR D 517 37.81 -3.72 -28.58
N GLU D 518 37.81 -4.59 -29.57
CA GLU D 518 38.86 -4.62 -30.56
C GLU D 518 39.12 -3.24 -31.16
N ASN D 519 40.41 -2.93 -31.34
CA ASN D 519 40.92 -1.59 -31.61
C ASN D 519 40.64 -0.56 -30.51
N TYR D 520 40.75 -1.00 -29.25
CA TYR D 520 40.44 -0.17 -28.10
C TYR D 520 41.61 0.12 -27.18
N ASP D 521 41.76 1.39 -26.85
CA ASP D 521 42.83 1.88 -25.99
C ASP D 521 42.26 2.18 -24.61
N PHE D 522 42.98 1.76 -23.58
CA PHE D 522 42.46 1.82 -22.22
C PHE D 522 41.21 0.95 -22.13
N LYS D 523 41.22 -0.17 -22.86
CA LYS D 523 40.08 -1.07 -22.86
C LYS D 523 39.84 -1.61 -21.46
N ALA D 524 40.91 -1.97 -20.77
CA ALA D 524 40.80 -2.38 -19.38
C ALA D 524 40.27 -1.19 -18.59
N VAL D 525 40.81 -0.02 -18.90
CA VAL D 525 40.28 1.23 -18.36
C VAL D 525 38.88 1.42 -18.91
N PHE D 526 38.70 1.07 -20.18
CA PHE D 526 37.45 1.28 -20.88
C PHE D 526 36.33 0.33 -20.47
N ILE D 527 36.66 -0.96 -20.31
CA ILE D 527 35.66 -1.93 -19.93
C ILE D 527 35.09 -1.49 -18.59
N ILE D 528 35.97 -1.00 -17.72
CA ILE D 528 35.54 -0.52 -16.42
C ILE D 528 34.58 0.64 -16.58
N LEU D 529 34.87 1.53 -17.52
CA LEU D 529 34.02 2.68 -17.76
C LEU D 529 32.64 2.25 -18.23
N LEU D 530 32.61 1.24 -19.10
CA LEU D 530 31.37 0.69 -19.61
C LEU D 530 30.56 0.04 -18.49
N LEU D 531 31.25 -0.66 -17.60
CA LEU D 531 30.61 -1.30 -16.46
C LEU D 531 30.00 -0.25 -15.56
N ALA D 532 30.72 0.85 -15.38
CA ALA D 532 30.23 1.95 -14.55
C ALA D 532 28.96 2.51 -15.18
N TYR D 533 29.07 2.93 -16.43
CA TYR D 533 27.96 3.64 -17.03
C TYR D 533 26.74 2.77 -17.30
N VAL D 534 26.98 1.61 -17.88
CA VAL D 534 25.88 0.75 -18.25
C VAL D 534 25.19 0.26 -17.00
N ILE D 535 25.98 -0.19 -16.03
CA ILE D 535 25.37 -0.78 -14.86
C ILE D 535 24.55 0.28 -14.16
N LEU D 536 25.14 1.45 -13.96
CA LEU D 536 24.44 2.46 -13.20
C LEU D 536 23.18 2.84 -13.94
N THR D 537 23.28 3.02 -15.24
CA THR D 537 22.12 3.49 -15.99
C THR D 537 20.98 2.50 -15.97
N TYR D 538 21.29 1.21 -16.15
CA TYR D 538 20.21 0.24 -16.14
C TYR D 538 19.65 0.17 -14.74
N ILE D 539 20.59 0.14 -13.81
CA ILE D 539 20.33 0.00 -12.40
C ILE D 539 19.65 1.16 -11.70
N LEU D 540 20.04 2.41 -11.97
CA LEU D 540 19.37 3.39 -11.14
C LEU D 540 18.39 4.28 -11.88
N LEU D 541 18.76 4.74 -13.07
CA LEU D 541 17.82 5.61 -13.78
C LEU D 541 16.57 4.88 -14.26
N LEU D 542 16.75 3.73 -14.91
CA LEU D 542 15.62 3.02 -15.49
C LEU D 542 14.67 2.51 -14.43
N ASN D 543 15.24 1.88 -13.40
CA ASN D 543 14.47 1.43 -12.25
C ASN D 543 13.84 2.60 -11.50
N MET D 544 14.61 3.67 -11.35
CA MET D 544 14.13 4.85 -10.64
C MET D 544 13.03 5.48 -11.44
N LEU D 545 13.19 5.58 -12.75
CA LEU D 545 12.03 6.09 -13.48
C LEU D 545 10.84 5.13 -13.40
N ILE D 546 11.15 3.85 -13.57
CA ILE D 546 10.14 2.79 -13.57
C ILE D 546 9.45 2.66 -12.21
N ALA D 547 10.20 2.85 -11.15
CA ALA D 547 9.64 2.86 -9.81
C ALA D 547 8.65 4.01 -9.68
N LEU D 548 9.01 5.15 -10.28
CA LEU D 548 8.15 6.33 -10.30
C LEU D 548 6.85 6.02 -11.04
N MET D 549 6.97 5.23 -12.10
CA MET D 549 5.84 4.95 -12.97
C MET D 549 4.67 4.22 -12.30
N GLY D 550 4.90 3.25 -11.42
CA GLY D 550 3.75 2.57 -10.85
C GLY D 550 2.79 3.54 -10.20
N GLU D 551 3.34 4.57 -9.54
CA GLU D 551 2.53 5.54 -8.81
C GLU D 551 1.58 6.36 -9.68
N THR D 552 2.07 6.83 -10.81
CA THR D 552 1.21 7.51 -11.77
C THR D 552 0.18 6.53 -12.30
N VAL D 553 0.60 5.31 -12.59
CA VAL D 553 -0.34 4.28 -13.00
C VAL D 553 -1.35 3.94 -11.90
N ASN D 554 -0.87 3.83 -10.66
CA ASN D 554 -1.75 3.54 -9.53
C ASN D 554 -2.75 4.65 -9.24
N LYS D 555 -2.26 5.89 -9.27
CA LYS D 555 -3.11 7.05 -9.03
C LYS D 555 -4.15 7.16 -10.12
N ILE D 556 -3.72 6.91 -11.35
CA ILE D 556 -4.61 6.97 -12.50
C ILE D 556 -5.69 5.91 -12.34
N ALA D 557 -5.30 4.73 -11.85
CA ALA D 557 -6.27 3.68 -11.60
C ALA D 557 -7.29 4.06 -10.53
N GLN D 558 -6.86 4.67 -9.42
CA GLN D 558 -7.79 5.08 -8.37
C GLN D 558 -8.77 6.16 -8.85
N GLU D 559 -8.24 7.13 -9.59
CA GLU D 559 -9.02 8.16 -10.26
C GLU D 559 -9.97 7.66 -11.34
N SER D 560 -9.54 6.65 -12.09
CA SER D 560 -10.10 6.32 -13.39
C SER D 560 -11.60 5.98 -13.43
N LYS D 561 -12.22 5.52 -12.38
CA LYS D 561 -13.66 5.64 -12.57
C LYS D 561 -13.99 7.16 -12.77
N ASN D 562 -13.45 7.98 -11.88
CA ASN D 562 -13.64 9.44 -11.91
C ASN D 562 -13.01 10.21 -13.08
N ILE D 563 -11.78 9.84 -13.41
CA ILE D 563 -11.08 10.46 -14.52
C ILE D 563 -11.84 10.15 -15.78
N TRP D 564 -12.27 8.90 -15.89
CA TRP D 564 -12.99 8.47 -17.09
C TRP D 564 -14.24 9.30 -17.17
N LYS D 565 -14.88 9.55 -16.03
CA LYS D 565 -16.05 10.42 -16.06
C LYS D 565 -15.82 11.90 -16.49
N LEU D 566 -14.79 12.58 -15.99
CA LEU D 566 -14.64 14.03 -16.30
C LEU D 566 -14.33 14.44 -17.77
N GLN D 567 -13.39 13.71 -18.32
CA GLN D 567 -12.85 13.67 -19.68
C GLN D 567 -13.96 13.40 -20.68
N ARG D 568 -14.84 12.47 -20.35
CA ARG D 568 -15.96 12.18 -21.22
C ARG D 568 -16.74 13.47 -21.39
N ALA D 569 -17.08 14.08 -20.27
CA ALA D 569 -17.90 15.29 -20.29
C ALA D 569 -17.27 16.34 -21.20
N ILE D 570 -15.94 16.45 -21.13
CA ILE D 570 -15.22 17.39 -21.98
C ILE D 570 -15.41 17.01 -23.44
N THR D 571 -15.34 15.72 -23.72
CA THR D 571 -15.51 15.24 -25.09
C THR D 571 -16.91 15.58 -25.57
N ILE D 572 -17.91 15.39 -24.73
CA ILE D 572 -19.28 15.69 -25.10
C ILE D 572 -19.46 17.19 -25.36
N LEU D 573 -18.89 18.01 -24.47
CA LEU D 573 -19.07 19.45 -24.56
C LEU D 573 -18.48 20.04 -25.83
N ASP D 574 -17.28 19.61 -26.20
CA ASP D 574 -16.62 20.16 -27.38
C ASP D 574 -17.43 19.83 -28.62
N THR D 575 -17.90 18.59 -28.69
CA THR D 575 -18.68 18.15 -29.83
C THR D 575 -19.96 18.96 -29.91
N GLU D 576 -20.58 19.18 -28.74
CA GLU D 576 -21.82 19.92 -28.71
C GLU D 576 -21.61 21.34 -29.21
N LYS D 577 -20.51 21.95 -28.80
CA LYS D 577 -20.18 23.30 -29.24
C LYS D 577 -19.92 23.36 -30.74
N SER D 578 -19.24 22.35 -31.26
CA SER D 578 -18.85 22.34 -32.68
C SER D 578 -19.85 21.63 -33.57
N PHE D 579 -20.90 21.07 -32.99
CA PHE D 579 -21.83 20.26 -33.78
C PHE D 579 -22.81 21.16 -34.52
N LEU D 580 -22.47 22.44 -34.59
CA LEU D 580 -23.33 23.46 -35.18
C LEU D 580 -24.37 23.98 -34.18
N LYS D 581 -24.24 23.60 -32.91
CA LYS D 581 -25.23 24.04 -31.93
C LYS D 581 -26.56 23.66 -32.54
N CYS D 582 -26.58 22.48 -33.16
CA CYS D 582 -27.74 21.97 -33.87
C CYS D 582 -28.80 21.66 -32.84
N MET D 583 -30.05 21.52 -33.28
CA MET D 583 -31.12 21.36 -32.34
C MET D 583 -30.78 20.16 -31.50
N ARG D 584 -30.93 20.32 -30.19
CA ARG D 584 -30.54 19.32 -29.22
C ARG D 584 -31.29 19.66 -27.96
N LYS D 585 -31.28 18.76 -26.97
CA LYS D 585 -32.04 19.04 -25.76
C LYS D 585 -31.53 20.36 -25.19
N ALA D 586 -32.47 21.22 -24.84
CA ALA D 586 -32.17 22.53 -24.27
C ALA D 586 -33.32 23.51 -24.49
N UNK D 618 -35.68 20.00 -17.58
CA UNK D 618 -35.91 19.01 -16.52
C UNK D 618 -34.76 18.00 -16.42
N UNK D 619 -34.24 17.84 -15.20
CA UNK D 619 -33.29 16.80 -14.81
C UNK D 619 -33.93 16.34 -13.49
N UNK D 620 -33.84 15.03 -13.29
CA UNK D 620 -34.28 14.36 -12.09
C UNK D 620 -33.57 13.04 -12.13
N UNK D 621 -33.37 12.43 -10.97
CA UNK D 621 -32.73 11.13 -10.94
C UNK D 621 -33.64 10.16 -10.24
N UNK D 622 -33.88 9.00 -10.85
CA UNK D 622 -34.66 7.99 -10.17
C UNK D 622 -33.84 7.62 -8.95
N UNK D 623 -34.49 7.56 -7.80
CA UNK D 623 -33.80 7.27 -6.56
C UNK D 623 -34.63 6.33 -5.71
N UNK D 624 -33.96 5.58 -4.86
CA UNK D 624 -34.67 4.68 -3.95
C UNK D 624 -33.87 4.18 -2.77
N UNK D 625 -33.59 5.05 -1.80
CA UNK D 625 -32.87 4.63 -0.61
C UNK D 625 -33.62 4.90 0.69
N UNK D 626 -33.79 3.86 1.51
CA UNK D 626 -34.43 3.99 2.81
C UNK D 626 -33.56 3.47 3.96
N UNK D 627 -33.39 4.27 5.01
CA UNK D 627 -33.90 5.64 5.06
C UNK D 627 -35.42 5.71 5.15
N UNK D 628 -36.04 4.59 5.51
CA UNK D 628 -37.49 4.53 5.64
C UNK D 628 -37.94 3.17 6.17
N GLU E 1 20.18 8.79 -56.88
CA GLU E 1 21.59 9.01 -57.19
C GLU E 1 22.46 8.73 -55.97
N CYS E 2 23.75 9.03 -56.10
CA CYS E 2 24.69 8.81 -55.01
C CYS E 2 25.17 10.14 -54.44
N ARG E 3 25.07 10.29 -53.11
CA ARG E 3 25.50 11.51 -52.48
C ARG E 3 26.99 11.49 -52.29
N LYS E 4 27.67 12.08 -53.24
CA LYS E 4 29.12 12.16 -53.21
C LYS E 4 29.59 12.71 -51.87
N MET E 5 30.87 13.06 -51.78
CA MET E 5 31.43 13.61 -50.55
C MET E 5 30.70 14.89 -50.16
N PHE E 6 30.28 14.98 -48.91
CA PHE E 6 29.60 16.20 -48.46
C PHE E 6 28.13 16.15 -48.85
N GLY E 7 27.68 14.94 -49.15
CA GLY E 7 26.31 14.73 -49.53
C GLY E 7 25.50 14.09 -48.44
N GLY E 8 24.36 14.73 -48.21
CA GLY E 8 23.53 14.46 -47.07
C GLY E 8 22.36 13.57 -47.35
N CYS E 9 22.38 12.49 -46.59
CA CYS E 9 21.61 11.30 -46.82
C CYS E 9 20.43 11.24 -45.90
N SER E 10 20.00 12.38 -45.35
CA SER E 10 18.82 12.29 -44.50
C SER E 10 17.78 11.48 -45.25
N VAL E 11 17.66 11.74 -46.54
CA VAL E 11 16.81 10.98 -47.42
C VAL E 11 17.39 10.93 -48.83
N ASP E 12 17.05 9.89 -49.58
CA ASP E 12 17.45 9.80 -50.98
C ASP E 12 18.89 9.31 -51.19
N SER E 13 19.56 8.93 -50.11
CA SER E 13 20.91 8.38 -50.22
C SER E 13 20.93 6.93 -49.74
N ASP E 14 21.41 6.02 -50.58
CA ASP E 14 21.89 6.33 -51.93
C ASP E 14 23.19 7.12 -51.94
N CYS E 15 23.97 6.98 -50.87
CA CYS E 15 25.32 7.55 -50.84
C CYS E 15 26.15 6.83 -51.89
N CYS E 16 27.05 7.54 -52.55
CA CYS E 16 27.79 6.93 -53.64
C CYS E 16 28.44 5.63 -53.23
N ALA E 17 29.59 5.35 -53.79
CA ALA E 17 30.30 4.11 -53.52
C ALA E 17 31.29 4.25 -52.38
N HIS E 18 32.37 4.98 -52.65
CA HIS E 18 33.42 5.17 -51.67
C HIS E 18 32.92 5.88 -50.42
N LEU E 19 31.71 6.42 -50.51
CA LEU E 19 31.14 7.16 -49.39
C LEU E 19 30.24 6.29 -48.51
N GLY E 20 30.09 6.73 -47.26
CA GLY E 20 29.25 6.04 -46.31
C GLY E 20 28.55 7.02 -45.40
N CYS E 21 27.24 6.88 -45.25
CA CYS E 21 26.45 7.78 -44.41
C CYS E 21 26.64 7.45 -42.93
N LYS E 22 27.08 8.44 -42.17
CA LYS E 22 27.30 8.27 -40.74
C LYS E 22 26.22 8.97 -39.93
N PRO E 23 25.47 8.23 -39.12
CA PRO E 23 24.17 8.70 -38.67
C PRO E 23 24.27 9.71 -37.55
N THR E 24 24.82 10.87 -37.90
CA THR E 24 24.71 12.07 -37.09
C THR E 24 24.43 13.26 -38.00
N LEU E 25 25.43 13.65 -38.78
CA LEU E 25 25.30 14.72 -39.77
C LEU E 25 24.35 14.34 -40.91
N LYS E 26 24.45 13.09 -41.35
CA LYS E 26 23.69 12.58 -42.49
C LYS E 26 24.37 12.91 -43.82
N TYR E 27 25.54 13.54 -43.75
CA TYR E 27 26.39 13.79 -44.91
C TYR E 27 27.12 12.51 -45.27
N CYS E 28 27.72 12.45 -46.46
CA CYS E 28 28.42 11.23 -46.85
C CYS E 28 29.92 11.44 -46.72
N ALA E 29 30.56 10.55 -45.95
CA ALA E 29 32.00 10.61 -45.77
C ALA E 29 32.65 9.31 -46.23
N TRP E 30 33.83 9.41 -46.81
CA TRP E 30 34.55 8.24 -47.32
C TRP E 30 35.99 8.23 -46.83
N ASP E 31 36.78 7.33 -47.42
CA ASP E 31 38.19 7.17 -47.08
C ASP E 31 38.38 6.31 -45.83
N GLU F 1 9.19 -31.99 -51.11
CA GLU F 1 9.53 -31.37 -52.38
C GLU F 1 9.87 -29.89 -52.19
N CYS F 2 10.06 -29.18 -53.29
CA CYS F 2 10.38 -27.76 -53.25
C CYS F 2 9.22 -26.93 -53.77
N ARG F 3 8.81 -25.94 -52.97
CA ARG F 3 7.72 -25.09 -53.37
C ARG F 3 8.21 -24.03 -54.32
N LYS F 4 8.07 -24.32 -55.59
CA LYS F 4 8.50 -23.41 -56.64
C LYS F 4 7.91 -22.03 -56.41
N MET F 5 8.01 -21.15 -57.41
CA MET F 5 7.47 -19.80 -57.29
C MET F 5 5.96 -19.84 -57.03
N PHE F 6 5.51 -19.11 -56.02
CA PHE F 6 4.08 -19.08 -55.74
C PHE F 6 3.69 -20.28 -54.91
N GLY F 7 4.70 -20.89 -54.28
CA GLY F 7 4.49 -22.04 -53.45
C GLY F 7 4.62 -21.70 -52.00
N GLY F 8 3.59 -22.18 -51.30
CA GLY F 8 3.34 -21.80 -49.92
C GLY F 8 3.81 -22.80 -48.92
N CYS F 9 4.67 -22.26 -48.07
CA CYS F 9 5.54 -23.00 -47.20
C CYS F 9 5.02 -23.00 -45.79
N SER F 10 3.73 -22.75 -45.60
CA SER F 10 3.25 -22.80 -44.22
C SER F 10 3.78 -24.08 -43.61
N VAL F 11 3.73 -25.15 -44.39
CA VAL F 11 4.31 -26.43 -44.00
C VAL F 11 4.80 -27.18 -45.22
N ASP F 12 5.78 -28.05 -45.03
CA ASP F 12 6.26 -28.92 -46.09
C ASP F 12 7.23 -28.25 -47.05
N SER F 13 7.62 -27.02 -46.75
CA SER F 13 8.61 -26.32 -47.57
C SER F 13 9.86 -26.03 -46.75
N ASP F 14 11.03 -26.47 -47.23
CA ASP F 14 11.15 -27.22 -48.49
C ASP F 14 10.88 -26.37 -49.74
N CYS F 15 11.07 -25.06 -49.61
CA CYS F 15 11.00 -24.18 -50.77
C CYS F 15 12.14 -24.56 -51.70
N CYS F 16 11.91 -24.48 -53.01
CA CYS F 16 12.94 -24.94 -53.94
C CYS F 16 14.28 -24.31 -53.66
N ALA F 17 15.04 -24.07 -54.72
CA ALA F 17 16.37 -23.51 -54.59
C ALA F 17 16.37 -22.00 -54.69
N HIS F 18 16.13 -21.50 -55.89
CA HIS F 18 16.13 -20.07 -56.14
C HIS F 18 15.08 -19.34 -55.32
N LEU F 19 14.18 -20.10 -54.72
CA LEU F 19 13.10 -19.52 -53.94
C LEU F 19 13.43 -19.43 -52.45
N GLY F 20 12.75 -18.51 -51.78
CA GLY F 20 12.92 -18.31 -50.35
C GLY F 20 11.61 -17.95 -49.69
N CYS F 21 11.27 -18.65 -48.61
CA CYS F 21 10.01 -18.40 -47.91
C CYS F 21 10.11 -17.14 -47.05
N LYS F 22 9.21 -16.20 -47.29
CA LYS F 22 9.19 -14.95 -46.54
C LYS F 22 8.02 -14.92 -45.56
N PRO F 23 8.30 -14.78 -44.27
CA PRO F 23 7.35 -15.19 -43.26
C PRO F 23 6.24 -14.16 -43.06
N THR F 24 5.42 -14.03 -44.10
CA THR F 24 4.13 -13.36 -44.01
C THR F 24 3.10 -14.18 -44.79
N LEU F 25 3.22 -14.15 -46.12
CA LEU F 25 2.38 -14.95 -47.01
C LEU F 25 2.60 -16.45 -46.87
N LYS F 26 3.87 -16.83 -46.70
CA LYS F 26 4.29 -18.23 -46.64
C LYS F 26 4.46 -18.83 -48.03
N TYR F 27 4.27 -18.02 -49.06
CA TYR F 27 4.54 -18.40 -50.45
C TYR F 27 6.04 -18.33 -50.70
N CYS F 28 6.53 -18.92 -51.79
CA CYS F 28 7.95 -18.88 -52.06
C CYS F 28 8.25 -17.84 -53.13
N ALA F 29 9.14 -16.91 -52.80
CA ALA F 29 9.56 -15.89 -53.75
C ALA F 29 11.06 -15.96 -53.98
N TRP F 30 11.48 -15.68 -55.22
CA TRP F 30 12.90 -15.73 -55.57
C TRP F 30 13.32 -14.47 -56.31
N ASP F 31 14.53 -14.52 -56.88
CA ASP F 31 15.09 -13.39 -57.63
C ASP F 31 15.72 -12.35 -56.70
N GLU G 1 41.92 -37.03 -24.27
CA GLU G 1 41.70 -37.79 -25.50
C GLU G 1 40.42 -37.33 -26.19
N CYS G 2 40.03 -38.04 -27.25
CA CYS G 2 38.83 -37.70 -28.00
C CYS G 2 37.75 -38.76 -27.78
N ARG G 3 36.56 -38.31 -27.40
CA ARG G 3 35.48 -39.23 -27.17
C ARG G 3 34.83 -39.60 -28.49
N LYS G 4 35.28 -40.72 -29.02
CA LYS G 4 34.79 -41.22 -30.30
C LYS G 4 33.26 -41.30 -30.26
N MET G 5 32.68 -41.96 -31.25
CA MET G 5 31.23 -42.10 -31.32
C MET G 5 30.69 -42.81 -30.07
N PHE G 6 29.69 -42.25 -29.43
CA PHE G 6 29.12 -42.90 -28.26
C PHE G 6 29.94 -42.56 -27.02
N GLY G 7 30.73 -41.50 -27.15
CA GLY G 7 31.57 -41.05 -26.09
C GLY G 7 31.04 -39.80 -25.44
N GLY G 8 31.00 -39.90 -24.12
CA GLY G 8 30.32 -38.95 -23.28
C GLY G 8 31.22 -37.93 -22.64
N CYS G 9 30.85 -36.70 -22.97
CA CYS G 9 31.67 -35.54 -22.80
C CYS G 9 31.24 -34.73 -21.61
N SER G 10 30.53 -35.35 -20.67
CA SER G 10 30.16 -34.57 -19.49
C SER G 10 31.41 -33.84 -19.03
N VAL G 11 32.53 -34.56 -19.04
CA VAL G 11 33.83 -34.00 -18.74
C VAL G 11 34.91 -34.72 -19.52
N ASP G 12 36.02 -34.03 -19.77
CA ASP G 12 37.19 -34.64 -20.40
C ASP G 12 37.07 -34.77 -21.92
N SER G 13 36.00 -34.20 -22.49
CA SER G 13 35.85 -34.20 -23.94
C SER G 13 35.87 -32.77 -24.48
N ASP G 14 36.76 -32.47 -25.43
CA ASP G 14 37.72 -33.43 -25.96
C ASP G 14 37.07 -34.53 -26.81
N CYS G 15 35.92 -34.22 -27.39
CA CYS G 15 35.28 -35.11 -28.35
C CYS G 15 36.20 -35.18 -29.56
N CYS G 16 36.29 -36.35 -30.20
CA CYS G 16 37.23 -36.49 -31.29
C CYS G 16 37.06 -35.40 -32.35
N ALA G 17 37.30 -35.76 -33.58
CA ALA G 17 37.21 -34.81 -34.68
C ALA G 17 35.83 -34.78 -35.32
N HIS G 18 35.51 -35.84 -36.04
CA HIS G 18 34.24 -35.93 -36.74
C HIS G 18 33.06 -35.89 -35.77
N LEU G 19 33.34 -36.01 -34.49
CA LEU G 19 32.28 -36.00 -33.48
C LEU G 19 32.06 -34.63 -32.88
N GLY G 20 30.85 -34.44 -32.35
CA GLY G 20 30.47 -33.20 -31.72
C GLY G 20 29.56 -33.44 -30.53
N CYS G 21 29.89 -32.85 -29.38
CA CYS G 21 29.10 -33.04 -28.18
C CYS G 21 27.82 -32.21 -28.22
N LYS G 22 26.69 -32.89 -28.08
CA LYS G 22 25.38 -32.22 -28.10
C LYS G 22 24.78 -32.16 -26.70
N PRO G 23 24.52 -30.96 -26.21
CA PRO G 23 24.38 -30.77 -24.77
C PRO G 23 23.02 -31.22 -24.26
N THR G 24 22.80 -32.53 -24.32
CA THR G 24 21.73 -33.20 -23.61
C THR G 24 22.27 -34.50 -23.01
N LEU G 25 22.53 -35.46 -23.89
CA LEU G 25 23.13 -36.74 -23.52
C LEU G 25 24.56 -36.60 -23.01
N LYS G 26 25.33 -35.73 -23.68
CA LYS G 26 26.75 -35.51 -23.41
C LYS G 26 27.62 -36.56 -24.12
N TYR G 27 26.99 -37.43 -24.89
CA TYR G 27 27.69 -38.39 -25.75
C TYR G 27 28.18 -37.65 -26.99
N CYS G 28 29.08 -38.27 -27.76
CA CYS G 28 29.59 -37.61 -28.95
C CYS G 28 28.93 -38.20 -30.19
N ALA G 29 28.32 -37.34 -30.98
CA ALA G 29 27.70 -37.76 -32.22
C ALA G 29 28.32 -37.03 -33.42
N TRP G 30 28.42 -37.73 -34.54
CA TRP G 30 29.03 -37.15 -35.73
C TRP G 30 28.15 -37.39 -36.96
N ASP G 31 28.71 -37.11 -38.14
CA ASP G 31 28.00 -37.27 -39.41
C ASP G 31 27.09 -36.08 -39.70
N GLU H 1 52.95 3.82 -30.00
CA GLU H 1 53.79 2.66 -30.27
C GLU H 1 53.05 1.37 -29.95
N CYS H 2 53.77 0.25 -30.00
CA CYS H 2 53.18 -1.04 -29.71
C CYS H 2 53.75 -1.61 -28.41
N ARG H 3 52.86 -2.00 -27.50
CA ARG H 3 53.30 -2.55 -26.25
C ARG H 3 53.67 -4.00 -26.42
N LYS H 4 54.95 -4.23 -26.63
CA LYS H 4 55.47 -5.57 -26.82
C LYS H 4 55.01 -6.48 -25.68
N MET H 5 55.60 -7.67 -25.59
CA MET H 5 55.24 -8.61 -24.53
C MET H 5 55.49 -8.00 -23.16
N PHE H 6 54.51 -8.07 -22.27
CA PHE H 6 54.70 -7.54 -20.93
C PHE H 6 54.45 -6.04 -20.93
N GLY H 7 53.77 -5.59 -21.97
CA GLY H 7 53.44 -4.20 -22.12
C GLY H 7 51.98 -3.93 -21.84
N GLY H 8 51.82 -2.91 -21.00
CA GLY H 8 50.56 -2.60 -20.39
C GLY H 8 49.81 -1.48 -21.05
N CYS H 9 48.61 -1.87 -21.45
CA CYS H 9 47.80 -1.15 -22.38
C CYS H 9 46.69 -0.42 -21.67
N SER H 10 46.84 -0.15 -20.39
CA SER H 10 45.78 0.61 -19.74
C SER H 10 45.45 1.79 -20.63
N VAL H 11 46.50 2.41 -21.16
CA VAL H 11 46.37 3.48 -22.12
C VAL H 11 47.56 3.47 -23.09
N ASP H 12 47.33 3.99 -24.29
CA ASP H 12 48.41 4.16 -25.26
C ASP H 12 48.76 2.88 -26.02
N SER H 13 47.99 1.82 -25.81
CA SER H 13 48.20 0.58 -26.55
C SER H 13 46.98 0.28 -27.42
N ASP H 14 47.19 0.08 -28.72
CA ASP H 14 48.50 0.18 -29.36
C ASP H 14 49.44 -0.97 -28.97
N CYS H 15 48.87 -2.10 -28.60
CA CYS H 15 49.65 -3.31 -28.38
C CYS H 15 50.25 -3.71 -29.71
N CYS H 16 51.47 -4.24 -29.70
CA CYS H 16 52.13 -4.55 -30.96
C CYS H 16 51.26 -5.40 -31.86
N ALA H 17 51.89 -6.27 -32.62
CA ALA H 17 51.19 -7.12 -33.57
C ALA H 17 50.81 -8.46 -32.96
N HIS H 18 51.80 -9.30 -32.76
CA HIS H 18 51.58 -10.63 -32.22
C HIS H 18 50.96 -10.58 -30.83
N LEU H 19 50.93 -9.41 -30.23
CA LEU H 19 50.38 -9.26 -28.89
C LEU H 19 48.92 -8.82 -28.90
N GLY H 20 48.24 -9.12 -27.79
CA GLY H 20 46.85 -8.77 -27.62
C GLY H 20 46.56 -8.41 -26.19
N CYS H 21 45.92 -7.25 -25.98
CA CYS H 21 45.59 -6.80 -24.63
C CYS H 21 44.40 -7.55 -24.06
N LYS H 22 44.61 -8.19 -22.91
CA LYS H 22 43.56 -8.95 -22.25
C LYS H 22 43.04 -8.20 -21.02
N PRO H 23 41.75 -7.89 -21.00
CA PRO H 23 41.26 -6.82 -20.13
C PRO H 23 41.11 -7.27 -18.69
N THR H 24 42.27 -7.56 -18.07
CA THR H 24 42.38 -7.69 -16.64
C THR H 24 43.65 -6.98 -16.18
N LEU H 25 44.80 -7.59 -16.50
CA LEU H 25 46.11 -7.01 -16.22
C LEU H 25 46.38 -5.73 -17.01
N LYS H 26 45.95 -5.73 -18.28
CA LYS H 26 46.20 -4.63 -19.22
C LYS H 26 47.58 -4.73 -19.86
N TYR H 27 48.32 -5.79 -19.53
CA TYR H 27 49.59 -6.12 -20.16
C TYR H 27 49.32 -6.74 -21.53
N CYS H 28 50.34 -6.84 -22.38
CA CYS H 28 50.12 -7.42 -23.70
C CYS H 28 50.67 -8.85 -23.72
N ALA H 29 49.80 -9.79 -24.09
CA ALA H 29 50.21 -11.18 -24.20
C ALA H 29 49.96 -11.69 -25.61
N TRP H 30 50.85 -12.56 -26.09
CA TRP H 30 50.74 -13.11 -27.44
C TRP H 30 50.88 -14.62 -27.43
N ASP H 31 51.02 -15.19 -28.63
CA ASP H 31 51.17 -16.64 -28.81
C ASP H 31 49.82 -17.34 -28.78
#